data_2DJR
#
_entry.id   2DJR
#
loop_
_entity.id
_entity.type
_entity.pdbx_description
1 polymer 'Zinc finger BED domain-containing protein 2'
2 non-polymer 'ZINC ION'
#
_entity_poly.entity_id   1
_entity_poly.type   'polypeptide(L)'
_entity_poly.pdbx_seq_one_letter_code
;GSSGSSGSEAWEYFHLAPARAGHHPNQYATCRLCGRQVSRGPGVNVGTTALWKHLKSMHREELEKSGHGQSGPSSG
;
_entity_poly.pdbx_strand_id   A
#
loop_
_chem_comp.id
_chem_comp.type
_chem_comp.name
_chem_comp.formula
ZN non-polymer 'ZINC ION' 'Zn 2'
#
# COMPACT_ATOMS: atom_id res chain seq x y z
N GLY A 1 2.24 7.36 11.98
CA GLY A 1 3.23 8.38 11.69
C GLY A 1 4.49 7.82 11.08
N SER A 2 5.36 8.69 10.58
CA SER A 2 6.60 8.27 9.96
C SER A 2 7.66 7.98 11.02
N SER A 3 7.66 6.76 11.53
CA SER A 3 8.63 6.35 12.54
C SER A 3 9.87 5.74 11.91
N GLY A 4 9.65 4.84 10.95
CA GLY A 4 10.76 4.21 10.27
C GLY A 4 10.86 4.59 8.82
N SER A 5 10.88 3.59 7.94
CA SER A 5 10.98 3.83 6.50
C SER A 5 9.96 4.88 6.05
N SER A 6 10.16 5.43 4.87
CA SER A 6 9.27 6.44 4.32
C SER A 6 8.78 6.06 2.93
N GLY A 7 7.50 6.29 2.67
CA GLY A 7 6.94 5.95 1.37
C GLY A 7 5.52 5.39 1.48
N SER A 8 4.73 5.97 2.38
CA SER A 8 3.36 5.52 2.58
C SER A 8 2.42 6.18 1.57
N GLU A 9 2.94 6.51 0.40
CA GLU A 9 2.15 7.16 -0.64
C GLU A 9 1.18 6.16 -1.27
N ALA A 10 1.57 4.89 -1.30
CA ALA A 10 0.74 3.85 -1.88
C ALA A 10 -0.65 3.84 -1.24
N TRP A 11 -0.70 4.21 0.04
CA TRP A 11 -1.97 4.23 0.77
C TRP A 11 -3.00 5.07 0.03
N GLU A 12 -2.54 6.04 -0.76
CA GLU A 12 -3.43 6.91 -1.52
C GLU A 12 -4.30 6.09 -2.47
N TYR A 13 -3.91 4.83 -2.68
CA TYR A 13 -4.65 3.95 -3.57
C TYR A 13 -5.37 2.87 -2.78
N PHE A 14 -5.53 3.09 -1.48
CA PHE A 14 -6.20 2.13 -0.62
C PHE A 14 -6.89 2.83 0.54
N HIS A 15 -7.95 2.22 1.06
CA HIS A 15 -8.70 2.80 2.18
C HIS A 15 -9.03 1.72 3.21
N LEU A 16 -8.74 2.03 4.47
CA LEU A 16 -9.00 1.09 5.56
C LEU A 16 -10.48 1.06 5.92
N ALA A 17 -11.01 -0.15 6.10
CA ALA A 17 -12.42 -0.32 6.45
C ALA A 17 -12.61 -0.38 7.95
N PRO A 18 -13.84 -0.09 8.41
CA PRO A 18 -14.18 -0.11 9.83
C PRO A 18 -14.19 -1.52 10.42
N ALA A 19 -13.95 -1.61 11.71
CA ALA A 19 -13.93 -2.91 12.39
C ALA A 19 -15.29 -3.59 12.30
N ARG A 20 -16.34 -2.87 12.67
CA ARG A 20 -17.69 -3.40 12.63
C ARG A 20 -17.69 -4.90 12.94
N ALA A 21 -16.83 -5.31 13.88
CA ALA A 21 -16.73 -6.71 14.26
C ALA A 21 -15.84 -6.88 15.48
N GLY A 22 -15.74 -8.11 15.97
CA GLY A 22 -14.91 -8.38 17.13
C GLY A 22 -13.45 -8.03 16.90
N HIS A 23 -12.94 -8.40 15.74
CA HIS A 23 -11.55 -8.13 15.39
C HIS A 23 -11.32 -6.63 15.23
N HIS A 24 -10.27 -6.13 15.87
CA HIS A 24 -9.94 -4.71 15.80
C HIS A 24 -9.90 -4.23 14.35
N PRO A 25 -10.12 -2.93 14.14
CA PRO A 25 -10.12 -2.32 12.82
C PRO A 25 -8.72 -2.26 12.20
N ASN A 26 -8.65 -1.82 10.96
CA ASN A 26 -7.37 -1.72 10.26
C ASN A 26 -6.78 -3.10 10.01
N GLN A 27 -7.65 -4.05 9.64
CA GLN A 27 -7.22 -5.41 9.37
C GLN A 27 -6.97 -5.62 7.87
N TYR A 28 -7.78 -4.96 7.05
CA TYR A 28 -7.65 -5.08 5.61
C TYR A 28 -7.65 -3.71 4.95
N ALA A 29 -7.21 -3.64 3.70
CA ALA A 29 -7.17 -2.39 2.95
C ALA A 29 -7.89 -2.52 1.62
N THR A 30 -8.80 -1.59 1.34
CA THR A 30 -9.56 -1.59 0.11
C THR A 30 -8.89 -0.72 -0.96
N CYS A 31 -8.44 -1.35 -2.03
CA CYS A 31 -7.78 -0.64 -3.12
C CYS A 31 -8.75 0.32 -3.80
N ARG A 32 -8.41 1.60 -3.79
CA ARG A 32 -9.25 2.63 -4.42
C ARG A 32 -9.02 2.66 -5.93
N LEU A 33 -8.13 1.81 -6.41
CA LEU A 33 -7.82 1.75 -7.83
C LEU A 33 -8.71 0.74 -8.54
N CYS A 34 -8.75 -0.48 -8.02
CA CYS A 34 -9.57 -1.53 -8.60
C CYS A 34 -10.70 -1.92 -7.66
N GLY A 35 -10.41 -1.93 -6.36
CA GLY A 35 -11.42 -2.29 -5.37
C GLY A 35 -11.17 -3.66 -4.77
N ARG A 36 -9.91 -4.06 -4.71
CA ARG A 36 -9.55 -5.35 -4.14
C ARG A 36 -8.94 -5.19 -2.75
N GLN A 37 -9.27 -6.10 -1.85
CA GLN A 37 -8.75 -6.06 -0.49
C GLN A 37 -7.31 -6.55 -0.44
N VAL A 38 -6.47 -5.83 0.31
CA VAL A 38 -5.07 -6.18 0.44
C VAL A 38 -4.62 -6.12 1.89
N SER A 39 -4.62 -7.28 2.55
CA SER A 39 -4.22 -7.36 3.95
C SER A 39 -2.73 -7.08 4.11
N ARG A 40 -2.32 -6.78 5.33
CA ARG A 40 -0.92 -6.49 5.62
C ARG A 40 -0.35 -7.47 6.64
N GLY A 41 -0.81 -7.35 7.88
CA GLY A 41 -0.34 -8.23 8.94
C GLY A 41 0.91 -7.70 9.62
N PRO A 42 1.53 -8.53 10.46
CA PRO A 42 2.74 -8.17 11.19
C PRO A 42 3.95 -8.05 10.29
N GLY A 43 4.90 -7.20 10.67
CA GLY A 43 6.09 -7.00 9.88
C GLY A 43 5.79 -6.76 8.42
N VAL A 44 5.22 -5.60 8.11
CA VAL A 44 4.88 -5.24 6.74
C VAL A 44 5.57 -3.96 6.31
N ASN A 45 5.60 -2.98 7.21
CA ASN A 45 6.23 -1.69 6.93
C ASN A 45 7.75 -1.83 6.87
N VAL A 46 8.23 -2.45 5.79
CA VAL A 46 9.67 -2.64 5.61
C VAL A 46 10.17 -1.91 4.37
N GLY A 47 9.62 -0.74 4.12
CA GLY A 47 10.02 0.05 2.96
C GLY A 47 8.99 0.01 1.85
N THR A 48 8.86 -1.14 1.21
CA THR A 48 7.90 -1.30 0.12
C THR A 48 6.54 -1.72 0.64
N THR A 49 5.75 -0.75 1.10
CA THR A 49 4.43 -1.02 1.63
C THR A 49 3.73 -2.11 0.84
N ALA A 50 3.28 -3.16 1.53
CA ALA A 50 2.59 -4.27 0.89
C ALA A 50 1.74 -3.79 -0.28
N LEU A 51 1.17 -2.60 -0.13
CA LEU A 51 0.33 -2.02 -1.18
C LEU A 51 1.11 -1.88 -2.48
N TRP A 52 2.23 -1.18 -2.43
CA TRP A 52 3.07 -0.97 -3.60
C TRP A 52 3.11 -2.24 -4.47
N LYS A 53 3.46 -3.36 -3.84
CA LYS A 53 3.55 -4.63 -4.55
C LYS A 53 2.32 -4.84 -5.44
N HIS A 54 1.14 -4.53 -4.92
CA HIS A 54 -0.10 -4.68 -5.66
C HIS A 54 -0.20 -3.62 -6.75
N LEU A 55 0.26 -2.41 -6.44
CA LEU A 55 0.21 -1.31 -7.41
C LEU A 55 1.09 -1.61 -8.62
N LYS A 56 2.27 -2.15 -8.36
CA LYS A 56 3.21 -2.48 -9.43
C LYS A 56 2.89 -3.85 -10.03
N SER A 57 1.99 -4.57 -9.37
CA SER A 57 1.60 -5.90 -9.84
C SER A 57 0.57 -5.80 -10.96
N MET A 58 -0.39 -4.90 -10.80
CA MET A 58 -1.43 -4.70 -11.80
C MET A 58 -1.48 -3.25 -12.26
N HIS A 59 -1.29 -2.33 -11.32
CA HIS A 59 -1.31 -0.90 -11.62
C HIS A 59 0.07 -0.41 -12.01
N ARG A 60 0.92 -1.32 -12.46
CA ARG A 60 2.28 -0.98 -12.87
C ARG A 60 2.28 0.20 -13.84
N GLU A 61 1.32 0.20 -14.75
CA GLU A 61 1.20 1.28 -15.73
C GLU A 61 0.81 2.59 -15.07
N GLU A 62 -0.08 2.51 -14.09
CA GLU A 62 -0.54 3.69 -13.37
C GLU A 62 0.63 4.40 -12.69
N LEU A 63 1.42 3.64 -11.95
CA LEU A 63 2.58 4.19 -11.25
C LEU A 63 3.55 4.86 -12.22
N GLU A 64 3.98 4.10 -13.22
CA GLU A 64 4.90 4.62 -14.22
C GLU A 64 4.34 5.88 -14.88
N LYS A 65 3.08 5.82 -15.28
CA LYS A 65 2.43 6.94 -15.93
C LYS A 65 2.44 8.17 -15.02
N SER A 66 1.95 8.00 -13.80
CA SER A 66 1.90 9.09 -12.83
C SER A 66 3.31 9.61 -12.53
N GLY A 67 3.37 10.71 -11.78
CA GLY A 67 4.65 11.29 -11.44
C GLY A 67 5.34 10.55 -10.31
N HIS A 68 5.48 9.23 -10.47
CA HIS A 68 6.12 8.40 -9.46
C HIS A 68 7.21 7.53 -10.09
N GLY A 69 8.42 8.07 -10.16
CA GLY A 69 9.53 7.33 -10.74
C GLY A 69 10.04 6.24 -9.82
N GLN A 70 10.93 6.60 -8.91
CA GLN A 70 11.50 5.64 -7.97
C GLN A 70 10.98 5.89 -6.55
N SER A 71 10.79 4.82 -5.80
CA SER A 71 10.30 4.93 -4.43
C SER A 71 11.35 4.43 -3.43
N GLY A 72 12.60 4.80 -3.67
CA GLY A 72 13.68 4.40 -2.78
C GLY A 72 14.94 5.21 -3.00
N PRO A 73 15.01 6.38 -2.33
CA PRO A 73 16.17 7.28 -2.43
C PRO A 73 17.40 6.71 -1.75
N SER A 74 17.22 6.18 -0.55
CA SER A 74 18.32 5.60 0.21
C SER A 74 18.08 4.12 0.49
N SER A 75 17.60 3.40 -0.52
CA SER A 75 17.31 1.99 -0.38
C SER A 75 17.57 1.25 -1.69
N GLY A 76 18.06 0.02 -1.59
CA GLY A 76 18.33 -0.77 -2.78
C GLY A 76 18.01 -2.24 -2.59
ZN ZN B . -5.81 -2.52 -6.96
N GLY A 1 -1.83 6.71 14.30
CA GLY A 1 -0.74 6.20 15.09
C GLY A 1 0.61 6.35 14.41
N SER A 2 0.81 5.60 13.33
CA SER A 2 2.06 5.65 12.58
C SER A 2 2.35 7.08 12.11
N SER A 3 3.63 7.43 12.08
CA SER A 3 4.04 8.76 11.66
C SER A 3 5.37 8.70 10.89
N GLY A 4 5.39 9.34 9.73
CA GLY A 4 6.60 9.34 8.92
C GLY A 4 7.06 7.95 8.55
N SER A 5 6.54 7.43 7.43
CA SER A 5 6.89 6.10 6.98
C SER A 5 7.58 6.16 5.61
N SER A 6 8.53 5.25 5.39
CA SER A 6 9.26 5.19 4.14
C SER A 6 8.37 4.68 3.01
N GLY A 7 8.43 5.34 1.86
CA GLY A 7 7.63 4.93 0.72
C GLY A 7 6.24 4.47 1.12
N SER A 8 5.51 5.34 1.80
CA SER A 8 4.17 5.00 2.26
C SER A 8 3.12 5.88 1.57
N GLU A 9 3.40 6.23 0.32
CA GLU A 9 2.49 7.08 -0.46
C GLU A 9 1.49 6.23 -1.24
N ALA A 10 1.77 4.93 -1.34
CA ALA A 10 0.91 4.01 -2.06
C ALA A 10 -0.48 3.96 -1.42
N TRP A 11 -0.60 4.51 -0.21
CA TRP A 11 -1.86 4.52 0.50
C TRP A 11 -2.91 5.31 -0.27
N GLU A 12 -2.44 6.24 -1.11
CA GLU A 12 -3.34 7.07 -1.90
C GLU A 12 -4.21 6.20 -2.82
N TYR A 13 -3.84 4.93 -2.94
CA TYR A 13 -4.58 4.00 -3.79
C TYR A 13 -5.25 2.92 -2.96
N PHE A 14 -5.39 3.18 -1.66
CA PHE A 14 -6.01 2.24 -0.75
C PHE A 14 -6.71 2.96 0.40
N HIS A 15 -7.75 2.33 0.95
CA HIS A 15 -8.50 2.91 2.05
C HIS A 15 -8.89 1.85 3.07
N LEU A 16 -8.59 2.11 4.34
CA LEU A 16 -8.91 1.17 5.41
C LEU A 16 -10.42 1.10 5.63
N ALA A 17 -10.92 -0.11 5.90
CA ALA A 17 -12.34 -0.31 6.14
C ALA A 17 -12.65 -0.27 7.63
N PRO A 18 -13.81 0.33 7.98
CA PRO A 18 -14.26 0.46 9.37
C PRO A 18 -14.66 -0.88 9.97
N ALA A 19 -14.55 -0.98 11.29
CA ALA A 19 -14.91 -2.21 12.00
C ALA A 19 -16.37 -2.57 11.75
N ARG A 20 -16.66 -3.12 10.58
CA ARG A 20 -18.02 -3.51 10.22
C ARG A 20 -18.15 -5.03 10.12
N ALA A 21 -17.06 -5.68 9.74
CA ALA A 21 -17.04 -7.13 9.60
C ALA A 21 -16.99 -7.81 10.97
N GLY A 22 -16.04 -7.37 11.80
CA GLY A 22 -15.90 -7.95 13.13
C GLY A 22 -14.65 -7.46 13.85
N HIS A 23 -13.59 -8.26 13.80
CA HIS A 23 -12.34 -7.91 14.45
C HIS A 23 -12.03 -6.43 14.25
N HIS A 24 -11.33 -5.84 15.22
CA HIS A 24 -10.96 -4.43 15.16
C HIS A 24 -10.57 -4.03 13.74
N PRO A 25 -10.71 -2.74 13.42
CA PRO A 25 -10.38 -2.20 12.09
C PRO A 25 -8.88 -2.20 11.83
N ASN A 26 -8.48 -1.60 10.72
CA ASN A 26 -7.07 -1.54 10.35
C ASN A 26 -6.49 -2.93 10.13
N GLN A 27 -7.25 -3.78 9.44
CA GLN A 27 -6.82 -5.14 9.16
C GLN A 27 -6.60 -5.35 7.66
N TYR A 28 -7.49 -4.78 6.86
CA TYR A 28 -7.39 -4.91 5.40
C TYR A 28 -7.46 -3.54 4.74
N ALA A 29 -6.85 -3.42 3.57
CA ALA A 29 -6.84 -2.18 2.82
C ALA A 29 -7.63 -2.32 1.52
N THR A 30 -8.53 -1.37 1.27
CA THR A 30 -9.35 -1.38 0.06
C THR A 30 -8.72 -0.53 -1.04
N CYS A 31 -8.21 -1.20 -2.07
CA CYS A 31 -7.58 -0.52 -3.19
C CYS A 31 -8.56 0.42 -3.88
N ARG A 32 -8.26 1.71 -3.85
CA ARG A 32 -9.12 2.71 -4.47
C ARG A 32 -8.91 2.75 -5.98
N LEU A 33 -8.06 1.86 -6.47
CA LEU A 33 -7.77 1.79 -7.90
C LEU A 33 -8.66 0.76 -8.58
N CYS A 34 -8.68 -0.45 -8.04
CA CYS A 34 -9.50 -1.52 -8.59
C CYS A 34 -10.57 -1.97 -7.60
N GLY A 35 -10.24 -1.89 -6.31
CA GLY A 35 -11.19 -2.27 -5.28
C GLY A 35 -10.86 -3.61 -4.67
N ARG A 36 -9.58 -4.00 -4.74
CA ARG A 36 -9.14 -5.28 -4.20
C ARG A 36 -8.74 -5.13 -2.73
N GLN A 37 -9.04 -6.16 -1.94
CA GLN A 37 -8.72 -6.14 -0.53
C GLN A 37 -7.31 -6.67 -0.28
N VAL A 38 -6.45 -5.82 0.28
CA VAL A 38 -5.08 -6.19 0.56
C VAL A 38 -4.75 -6.01 2.04
N SER A 39 -4.40 -7.11 2.71
CA SER A 39 -4.07 -7.07 4.13
C SER A 39 -2.56 -7.17 4.34
N ARG A 40 -1.97 -6.10 4.84
CA ARG A 40 -0.54 -6.06 5.09
C ARG A 40 -0.15 -7.06 6.17
N GLY A 41 -0.91 -7.08 7.26
CA GLY A 41 -0.63 -8.00 8.35
C GLY A 41 0.72 -7.75 8.98
N PRO A 42 1.13 -8.64 9.91
CA PRO A 42 2.42 -8.53 10.60
C PRO A 42 3.59 -8.81 9.69
N GLY A 43 3.30 -9.33 8.49
CA GLY A 43 4.35 -9.64 7.54
C GLY A 43 4.74 -8.44 6.70
N VAL A 44 4.47 -7.24 7.22
CA VAL A 44 4.79 -6.01 6.50
C VAL A 44 5.44 -4.99 7.43
N ASN A 45 6.60 -4.48 7.02
CA ASN A 45 7.32 -3.50 7.82
C ASN A 45 7.92 -2.41 6.94
N VAL A 46 8.36 -1.33 7.55
CA VAL A 46 8.95 -0.22 6.81
C VAL A 46 9.77 -0.71 5.64
N GLY A 47 9.44 -0.22 4.45
CA GLY A 47 10.17 -0.63 3.25
C GLY A 47 9.29 -0.63 2.02
N THR A 48 8.50 -1.68 1.85
CA THR A 48 7.60 -1.79 0.70
C THR A 48 6.21 -2.21 1.14
N THR A 49 5.36 -1.23 1.44
CA THR A 49 4.00 -1.49 1.87
C THR A 49 3.34 -2.56 0.99
N ALA A 50 2.85 -3.62 1.61
CA ALA A 50 2.20 -4.71 0.89
C ALA A 50 1.38 -4.17 -0.28
N LEU A 51 0.83 -2.97 -0.10
CA LEU A 51 0.02 -2.35 -1.15
C LEU A 51 0.84 -2.13 -2.42
N TRP A 52 2.03 -1.58 -2.26
CA TRP A 52 2.92 -1.32 -3.38
C TRP A 52 3.04 -2.56 -4.28
N LYS A 53 3.27 -3.71 -3.65
CA LYS A 53 3.41 -4.96 -4.39
C LYS A 53 2.21 -5.18 -5.31
N HIS A 54 1.02 -4.78 -4.84
CA HIS A 54 -0.20 -4.93 -5.62
C HIS A 54 -0.26 -3.88 -6.74
N LEU A 55 0.24 -2.69 -6.44
CA LEU A 55 0.23 -1.59 -7.41
C LEU A 55 1.16 -1.89 -8.57
N LYS A 56 2.40 -2.28 -8.26
CA LYS A 56 3.39 -2.60 -9.28
C LYS A 56 3.12 -3.97 -9.88
N SER A 57 2.19 -4.70 -9.28
CA SER A 57 1.84 -6.05 -9.75
C SER A 57 0.81 -5.96 -10.89
N MET A 58 -0.13 -5.04 -10.75
CA MET A 58 -1.16 -4.86 -11.76
C MET A 58 -1.26 -3.40 -12.19
N HIS A 59 -1.00 -2.49 -11.26
CA HIS A 59 -1.05 -1.07 -11.54
C HIS A 59 0.33 -0.52 -11.90
N ARG A 60 1.19 -1.41 -12.39
CA ARG A 60 2.54 -1.02 -12.78
C ARG A 60 2.52 0.08 -13.82
N GLU A 61 1.48 0.09 -14.65
CA GLU A 61 1.34 1.10 -15.70
C GLU A 61 0.82 2.41 -15.12
N GLU A 62 -0.11 2.30 -14.17
CA GLU A 62 -0.70 3.48 -13.55
C GLU A 62 0.37 4.30 -12.82
N LEU A 63 1.08 3.65 -11.91
CA LEU A 63 2.13 4.32 -11.14
C LEU A 63 3.01 5.16 -12.06
N GLU A 64 3.56 4.54 -13.09
CA GLU A 64 4.42 5.23 -14.04
C GLU A 64 3.78 6.55 -14.49
N LYS A 65 2.50 6.48 -14.87
CA LYS A 65 1.77 7.67 -15.32
C LYS A 65 1.97 8.82 -14.35
N SER A 66 1.67 8.59 -13.07
CA SER A 66 1.82 9.62 -12.05
C SER A 66 3.29 9.94 -11.82
N GLY A 67 3.54 10.91 -10.94
CA GLY A 67 4.90 11.31 -10.64
C GLY A 67 5.56 10.38 -9.63
N HIS A 68 5.41 9.07 -9.85
CA HIS A 68 6.00 8.07 -8.97
C HIS A 68 7.01 7.22 -9.71
N GLY A 69 8.29 7.33 -9.33
CA GLY A 69 9.33 6.56 -9.97
C GLY A 69 10.50 6.30 -9.06
N GLN A 70 10.96 7.35 -8.37
CA GLN A 70 12.09 7.23 -7.46
C GLN A 70 11.63 6.85 -6.06
N SER A 71 10.65 5.95 -5.99
CA SER A 71 10.10 5.50 -4.72
C SER A 71 11.21 5.00 -3.80
N GLY A 72 11.47 5.75 -2.72
CA GLY A 72 12.50 5.36 -1.79
C GLY A 72 13.58 6.42 -1.64
N PRO A 73 14.62 6.12 -0.85
CA PRO A 73 15.72 7.05 -0.60
C PRO A 73 16.60 7.24 -1.84
N SER A 74 16.18 8.16 -2.71
CA SER A 74 16.93 8.44 -3.94
C SER A 74 18.42 8.44 -3.67
N SER A 75 18.87 9.34 -2.79
CA SER A 75 20.28 9.45 -2.45
C SER A 75 20.83 8.11 -1.95
N GLY A 76 20.13 7.52 -0.99
CA GLY A 76 20.56 6.24 -0.43
C GLY A 76 20.32 5.09 -1.40
ZN ZN B . -5.73 -2.53 -7.00
N GLY A 1 1.94 12.32 16.12
CA GLY A 1 3.27 11.73 16.09
C GLY A 1 3.60 11.12 14.74
N SER A 2 3.42 11.91 13.68
CA SER A 2 3.69 11.45 12.33
C SER A 2 5.01 12.01 11.82
N SER A 3 6.10 11.28 12.10
CA SER A 3 7.43 11.70 11.67
C SER A 3 8.06 10.67 10.75
N GLY A 4 8.95 11.12 9.87
CA GLY A 4 9.62 10.23 8.95
C GLY A 4 8.66 9.66 7.91
N SER A 5 8.76 10.16 6.68
CA SER A 5 7.91 9.70 5.59
C SER A 5 8.74 9.17 4.43
N SER A 6 9.03 7.87 4.46
CA SER A 6 9.82 7.25 3.41
C SER A 6 8.92 6.49 2.43
N GLY A 7 7.81 7.12 2.06
CA GLY A 7 6.88 6.51 1.14
C GLY A 7 5.44 6.60 1.60
N SER A 8 4.92 5.51 2.12
CA SER A 8 3.53 5.47 2.61
C SER A 8 2.62 6.26 1.68
N GLU A 9 2.97 6.30 0.40
CA GLU A 9 2.18 7.01 -0.59
C GLU A 9 1.16 6.10 -1.24
N ALA A 10 1.53 4.83 -1.40
CA ALA A 10 0.63 3.85 -2.02
C ALA A 10 -0.74 3.86 -1.35
N TRP A 11 -0.77 4.25 -0.08
CA TRP A 11 -2.02 4.30 0.68
C TRP A 11 -3.06 5.12 -0.07
N GLU A 12 -2.61 6.09 -0.85
CA GLU A 12 -3.50 6.94 -1.62
C GLU A 12 -4.39 6.12 -2.55
N TYR A 13 -3.95 4.89 -2.82
CA TYR A 13 -4.70 3.99 -3.70
C TYR A 13 -5.39 2.90 -2.90
N PHE A 14 -5.54 3.13 -1.60
CA PHE A 14 -6.20 2.16 -0.73
C PHE A 14 -6.90 2.86 0.43
N HIS A 15 -7.89 2.19 1.01
CA HIS A 15 -8.64 2.75 2.13
C HIS A 15 -9.03 1.66 3.12
N LEU A 16 -8.63 1.84 4.38
CA LEU A 16 -8.94 0.87 5.41
C LEU A 16 -10.45 0.69 5.57
N ALA A 17 -10.85 -0.50 5.99
CA ALA A 17 -12.27 -0.80 6.18
C ALA A 17 -12.70 -0.51 7.62
N PRO A 18 -13.94 -0.03 7.77
CA PRO A 18 -14.51 0.30 9.08
C PRO A 18 -14.77 -0.94 9.93
N ALA A 19 -14.44 -0.85 11.21
CA ALA A 19 -14.64 -1.96 12.14
C ALA A 19 -16.09 -2.43 12.11
N ARG A 20 -16.28 -3.75 12.12
CA ARG A 20 -17.61 -4.34 12.11
C ARG A 20 -17.93 -5.02 13.44
N ALA A 21 -18.16 -4.21 14.47
CA ALA A 21 -18.47 -4.73 15.79
C ALA A 21 -17.62 -5.95 16.12
N GLY A 22 -16.33 -5.87 15.78
CA GLY A 22 -15.42 -6.96 16.04
C GLY A 22 -13.97 -6.56 15.91
N HIS A 23 -13.31 -7.07 14.88
CA HIS A 23 -11.90 -6.75 14.65
C HIS A 23 -11.70 -5.25 14.48
N HIS A 24 -10.44 -4.82 14.48
CA HIS A 24 -10.11 -3.41 14.34
C HIS A 24 -10.31 -2.94 12.90
N PRO A 25 -10.53 -1.63 12.72
CA PRO A 25 -10.73 -1.04 11.40
C PRO A 25 -9.47 -1.05 10.55
N ASN A 26 -8.35 -1.45 11.16
CA ASN A 26 -7.08 -1.51 10.45
C ASN A 26 -6.68 -2.96 10.17
N GLN A 27 -7.62 -3.71 9.60
CA GLN A 27 -7.36 -5.11 9.27
C GLN A 27 -6.88 -5.26 7.83
N TYR A 28 -7.73 -4.83 6.89
CA TYR A 28 -7.39 -4.91 5.48
C TYR A 28 -7.46 -3.54 4.82
N ALA A 29 -6.89 -3.44 3.62
CA ALA A 29 -6.90 -2.17 2.88
C ALA A 29 -7.64 -2.32 1.56
N THR A 30 -8.65 -1.48 1.37
CA THR A 30 -9.44 -1.51 0.14
C THR A 30 -8.82 -0.65 -0.94
N CYS A 31 -8.32 -1.29 -1.99
CA CYS A 31 -7.69 -0.58 -3.09
C CYS A 31 -8.68 0.33 -3.79
N ARG A 32 -8.42 1.63 -3.76
CA ARG A 32 -9.30 2.61 -4.39
C ARG A 32 -9.12 2.61 -5.91
N LEU A 33 -8.16 1.81 -6.38
CA LEU A 33 -7.88 1.73 -7.81
C LEU A 33 -8.75 0.65 -8.47
N CYS A 34 -8.69 -0.56 -7.94
CA CYS A 34 -9.46 -1.67 -8.47
C CYS A 34 -10.60 -2.04 -7.52
N GLY A 35 -10.33 -2.00 -6.23
CA GLY A 35 -11.34 -2.33 -5.24
C GLY A 35 -11.09 -3.67 -4.57
N ARG A 36 -9.82 -4.06 -4.48
CA ARG A 36 -9.45 -5.32 -3.86
C ARG A 36 -8.82 -5.09 -2.49
N GLN A 37 -9.10 -6.00 -1.56
CA GLN A 37 -8.57 -5.89 -0.20
C GLN A 37 -7.16 -6.46 -0.14
N VAL A 38 -6.25 -5.69 0.45
CA VAL A 38 -4.86 -6.11 0.59
C VAL A 38 -4.32 -5.80 1.98
N SER A 39 -4.07 -6.85 2.76
CA SER A 39 -3.55 -6.70 4.11
C SER A 39 -2.03 -6.59 4.11
N ARG A 40 -1.51 -5.64 4.87
CA ARG A 40 -0.07 -5.42 4.96
C ARG A 40 0.43 -5.65 6.38
N GLY A 41 -0.43 -5.34 7.36
CA GLY A 41 -0.05 -5.52 8.75
C GLY A 41 -0.58 -4.41 9.63
N PRO A 42 -0.63 -4.68 10.95
CA PRO A 42 -1.12 -3.70 11.94
C PRO A 42 -0.17 -2.53 12.11
N GLY A 43 1.13 -2.79 11.98
CA GLY A 43 2.12 -1.74 12.12
C GLY A 43 3.01 -1.61 10.90
N VAL A 44 2.58 -0.82 9.94
CA VAL A 44 3.35 -0.62 8.71
C VAL A 44 3.70 0.85 8.52
N ASN A 45 4.99 1.16 8.52
CA ASN A 45 5.46 2.52 8.34
C ASN A 45 6.42 2.63 7.16
N VAL A 46 7.58 2.00 7.30
CA VAL A 46 8.58 2.02 6.23
C VAL A 46 8.61 0.69 5.48
N GLY A 47 9.41 0.64 4.42
CA GLY A 47 9.51 -0.57 3.63
C GLY A 47 8.55 -0.60 2.47
N THR A 48 8.67 -1.61 1.62
CA THR A 48 7.80 -1.74 0.46
C THR A 48 6.38 -2.15 0.87
N THR A 49 5.60 -1.17 1.33
CA THR A 49 4.23 -1.41 1.76
C THR A 49 3.54 -2.39 0.82
N ALA A 50 3.04 -3.49 1.38
CA ALA A 50 2.34 -4.49 0.59
C ALA A 50 1.53 -3.85 -0.54
N LEU A 51 0.90 -2.73 -0.23
CA LEU A 51 0.10 -2.01 -1.23
C LEU A 51 0.88 -1.81 -2.51
N TRP A 52 2.11 -1.33 -2.39
CA TRP A 52 2.97 -1.09 -3.54
C TRP A 52 3.07 -2.33 -4.41
N LYS A 53 3.37 -3.46 -3.79
CA LYS A 53 3.49 -4.73 -4.51
C LYS A 53 2.28 -4.96 -5.41
N HIS A 54 1.10 -4.63 -4.90
CA HIS A 54 -0.14 -4.79 -5.66
C HIS A 54 -0.22 -3.77 -6.79
N LEU A 55 0.13 -2.53 -6.48
CA LEU A 55 0.09 -1.45 -7.47
C LEU A 55 1.02 -1.75 -8.63
N LYS A 56 2.26 -2.12 -8.33
CA LYS A 56 3.24 -2.43 -9.35
C LYS A 56 2.97 -3.80 -9.96
N SER A 57 2.04 -4.54 -9.36
CA SER A 57 1.70 -5.87 -9.84
C SER A 57 0.65 -5.79 -10.95
N MET A 58 -0.34 -4.92 -10.76
CA MET A 58 -1.40 -4.74 -11.74
C MET A 58 -1.48 -3.28 -12.20
N HIS A 59 -1.18 -2.36 -11.28
CA HIS A 59 -1.23 -0.94 -11.59
C HIS A 59 0.16 -0.42 -11.97
N ARG A 60 1.00 -1.31 -12.48
CA ARG A 60 2.35 -0.95 -12.89
C ARG A 60 2.33 0.22 -13.87
N GLU A 61 1.30 0.26 -14.72
CA GLU A 61 1.17 1.32 -15.70
C GLU A 61 0.76 2.63 -15.04
N GLU A 62 -0.18 2.53 -14.08
CA GLU A 62 -0.66 3.70 -13.37
C GLU A 62 0.47 4.39 -12.60
N LEU A 63 1.29 3.58 -11.95
CA LEU A 63 2.42 4.11 -11.17
C LEU A 63 3.42 4.82 -12.08
N GLU A 64 3.95 4.09 -13.06
CA GLU A 64 4.92 4.65 -14.00
C GLU A 64 4.38 5.94 -14.62
N LYS A 65 3.12 5.90 -15.05
CA LYS A 65 2.49 7.07 -15.67
C LYS A 65 2.70 8.31 -14.82
N SER A 66 2.39 8.19 -13.53
CA SER A 66 2.53 9.32 -12.60
C SER A 66 4.00 9.66 -12.38
N GLY A 67 4.76 8.66 -11.92
CA GLY A 67 6.18 8.87 -11.68
C GLY A 67 6.68 8.09 -10.47
N HIS A 68 6.26 6.84 -10.38
CA HIS A 68 6.68 5.99 -9.26
C HIS A 68 7.28 4.68 -9.78
N GLY A 69 8.59 4.66 -9.93
CA GLY A 69 9.27 3.48 -10.41
C GLY A 69 10.39 3.03 -9.50
N GLN A 70 11.35 3.92 -9.26
CA GLN A 70 12.48 3.61 -8.39
C GLN A 70 12.13 3.86 -6.93
N SER A 71 10.88 3.58 -6.57
CA SER A 71 10.42 3.78 -5.20
C SER A 71 11.01 2.72 -4.28
N GLY A 72 11.65 3.18 -3.21
CA GLY A 72 12.25 2.26 -2.25
C GLY A 72 13.76 2.22 -2.36
N PRO A 73 14.44 2.12 -1.21
CA PRO A 73 15.89 2.08 -1.14
C PRO A 73 16.46 0.78 -1.68
N SER A 74 15.85 -0.34 -1.29
CA SER A 74 16.30 -1.66 -1.74
C SER A 74 15.12 -2.47 -2.29
N SER A 75 14.94 -2.41 -3.60
CA SER A 75 13.85 -3.14 -4.25
C SER A 75 14.37 -4.40 -4.94
N GLY A 76 15.27 -5.11 -4.25
CA GLY A 76 15.83 -6.33 -4.81
C GLY A 76 16.45 -6.11 -6.17
ZN ZN B . -5.67 -2.43 -6.95
N GLY A 1 17.33 10.59 12.20
CA GLY A 1 16.43 11.53 12.85
C GLY A 1 15.10 10.89 13.25
N SER A 2 14.10 11.71 13.48
CA SER A 2 12.78 11.22 13.86
C SER A 2 11.78 11.36 12.73
N SER A 3 11.73 10.35 11.86
CA SER A 3 10.83 10.37 10.71
C SER A 3 10.76 8.99 10.07
N GLY A 4 9.58 8.65 9.55
CA GLY A 4 9.40 7.37 8.91
C GLY A 4 8.36 7.42 7.79
N SER A 5 8.85 7.45 6.55
CA SER A 5 7.97 7.51 5.39
C SER A 5 7.48 6.12 5.01
N SER A 6 8.43 5.24 4.69
CA SER A 6 8.10 3.87 4.30
C SER A 6 7.10 3.85 3.15
N GLY A 7 7.39 4.63 2.11
CA GLY A 7 6.52 4.70 0.95
C GLY A 7 5.06 4.58 1.33
N SER A 8 4.52 5.62 1.96
CA SER A 8 3.12 5.63 2.38
C SER A 8 2.22 6.08 1.25
N GLU A 9 2.80 6.71 0.24
CA GLU A 9 2.05 7.20 -0.91
C GLU A 9 1.09 6.13 -1.42
N ALA A 10 1.52 4.87 -1.36
CA ALA A 10 0.71 3.76 -1.81
C ALA A 10 -0.69 3.81 -1.19
N TRP A 11 -0.75 4.21 0.07
CA TRP A 11 -2.03 4.30 0.78
C TRP A 11 -3.03 5.14 -0.02
N GLU A 12 -2.52 6.11 -0.77
CA GLU A 12 -3.38 6.97 -1.58
C GLU A 12 -4.23 6.14 -2.54
N TYR A 13 -3.80 4.91 -2.80
CA TYR A 13 -4.52 4.03 -3.71
C TYR A 13 -5.26 2.95 -2.93
N PHE A 14 -5.45 3.18 -1.64
CA PHE A 14 -6.15 2.23 -0.79
C PHE A 14 -6.85 2.94 0.37
N HIS A 15 -7.83 2.28 0.96
CA HIS A 15 -8.57 2.85 2.08
C HIS A 15 -8.94 1.76 3.09
N LEU A 16 -8.59 2.00 4.35
CA LEU A 16 -8.89 1.05 5.42
C LEU A 16 -10.39 0.80 5.52
N ALA A 17 -10.76 -0.46 5.72
CA ALA A 17 -12.16 -0.84 5.84
C ALA A 17 -12.61 -0.83 7.30
N PRO A 18 -13.82 -0.31 7.55
CA PRO A 18 -14.38 -0.24 8.90
C PRO A 18 -14.75 -1.62 9.46
N ALA A 19 -14.37 -1.86 10.70
CA ALA A 19 -14.67 -3.13 11.36
C ALA A 19 -16.04 -3.12 12.01
N ARG A 20 -16.18 -2.31 13.05
CA ARG A 20 -17.45 -2.20 13.77
C ARG A 20 -18.19 -3.54 13.79
N ALA A 21 -17.42 -4.62 13.94
CA ALA A 21 -17.99 -5.96 13.97
C ALA A 21 -17.55 -6.71 15.21
N GLY A 22 -16.24 -6.94 15.34
CA GLY A 22 -15.72 -7.65 16.49
C GLY A 22 -14.21 -7.58 16.57
N HIS A 23 -13.55 -7.66 15.42
CA HIS A 23 -12.09 -7.61 15.37
C HIS A 23 -11.61 -6.16 15.37
N HIS A 24 -10.36 -5.96 15.79
CA HIS A 24 -9.77 -4.62 15.85
C HIS A 24 -9.86 -3.94 14.49
N PRO A 25 -9.89 -2.60 14.50
CA PRO A 25 -9.98 -1.80 13.28
C PRO A 25 -8.69 -1.85 12.46
N ASN A 26 -8.74 -1.32 11.24
CA ASN A 26 -7.58 -1.30 10.36
C ASN A 26 -7.13 -2.73 10.02
N GLN A 27 -8.10 -3.61 9.80
CA GLN A 27 -7.80 -5.00 9.47
C GLN A 27 -7.20 -5.11 8.07
N TYR A 28 -8.04 -4.92 7.06
CA TYR A 28 -7.59 -5.00 5.68
C TYR A 28 -7.73 -3.64 4.97
N ALA A 29 -7.09 -3.52 3.82
CA ALA A 29 -7.14 -2.29 3.05
C ALA A 29 -7.93 -2.48 1.75
N THR A 30 -8.60 -1.41 1.32
CA THR A 30 -9.39 -1.46 0.09
C THR A 30 -8.76 -0.62 -1.01
N CYS A 31 -8.26 -1.29 -2.05
CA CYS A 31 -7.62 -0.60 -3.17
C CYS A 31 -8.60 0.37 -3.82
N ARG A 32 -8.27 1.67 -3.76
CA ARG A 32 -9.11 2.70 -4.35
C ARG A 32 -8.94 2.74 -5.87
N LEU A 33 -8.04 1.91 -6.37
CA LEU A 33 -7.78 1.85 -7.81
C LEU A 33 -8.68 0.82 -8.49
N CYS A 34 -8.66 -0.41 -7.99
CA CYS A 34 -9.47 -1.48 -8.54
C CYS A 34 -10.61 -1.84 -7.59
N GLY A 35 -10.32 -1.86 -6.29
CA GLY A 35 -11.33 -2.19 -5.31
C GLY A 35 -11.12 -3.55 -4.68
N ARG A 36 -9.87 -4.00 -4.68
CA ARG A 36 -9.53 -5.30 -4.12
C ARG A 36 -9.00 -5.15 -2.69
N GLN A 37 -9.16 -6.20 -1.89
CA GLN A 37 -8.70 -6.18 -0.51
C GLN A 37 -7.22 -6.55 -0.41
N VAL A 38 -6.45 -5.70 0.27
CA VAL A 38 -5.02 -5.94 0.43
C VAL A 38 -4.59 -5.71 1.88
N SER A 39 -4.24 -6.79 2.57
CA SER A 39 -3.81 -6.71 3.96
C SER A 39 -2.34 -6.31 4.05
N ARG A 40 -1.97 -5.70 5.17
CA ARG A 40 -0.59 -5.27 5.38
C ARG A 40 0.38 -6.42 5.14
N GLY A 41 0.03 -7.61 5.66
CA GLY A 41 0.89 -8.76 5.49
C GLY A 41 2.33 -8.47 5.83
N PRO A 42 3.20 -9.47 5.62
CA PRO A 42 4.64 -9.34 5.91
C PRO A 42 5.33 -8.38 4.94
N GLY A 43 6.47 -7.84 5.39
CA GLY A 43 7.22 -6.91 4.55
C GLY A 43 6.39 -5.70 4.14
N VAL A 44 5.94 -4.93 5.12
CA VAL A 44 5.13 -3.75 4.86
C VAL A 44 5.80 -2.50 5.43
N ASN A 45 6.42 -2.64 6.59
CA ASN A 45 7.09 -1.52 7.25
C ASN A 45 8.51 -1.35 6.71
N VAL A 46 9.17 -2.47 6.43
CA VAL A 46 10.53 -2.45 5.91
C VAL A 46 10.74 -1.26 4.97
N GLY A 47 9.79 -1.05 4.07
CA GLY A 47 9.89 0.06 3.14
C GLY A 47 8.83 -0.02 2.04
N THR A 48 8.80 -1.13 1.33
CA THR A 48 7.84 -1.32 0.25
C THR A 48 6.48 -1.76 0.80
N THR A 49 5.62 -0.78 1.08
CA THR A 49 4.30 -1.06 1.60
C THR A 49 3.60 -2.16 0.80
N ALA A 50 3.13 -3.19 1.49
CA ALA A 50 2.44 -4.30 0.83
C ALA A 50 1.63 -3.81 -0.36
N LEU A 51 1.02 -2.64 -0.21
CA LEU A 51 0.20 -2.07 -1.28
C LEU A 51 1.01 -1.92 -2.56
N TRP A 52 2.21 -1.37 -2.44
CA TRP A 52 3.09 -1.18 -3.60
C TRP A 52 3.18 -2.46 -4.42
N LYS A 53 3.37 -3.59 -3.76
CA LYS A 53 3.47 -4.88 -4.42
C LYS A 53 2.26 -5.12 -5.32
N HIS A 54 1.10 -4.65 -4.88
CA HIS A 54 -0.14 -4.82 -5.64
C HIS A 54 -0.21 -3.80 -6.78
N LEU A 55 0.15 -2.55 -6.47
CA LEU A 55 0.11 -1.48 -7.46
C LEU A 55 1.05 -1.78 -8.63
N LYS A 56 2.27 -2.19 -8.30
CA LYS A 56 3.26 -2.52 -9.32
C LYS A 56 2.98 -3.89 -9.94
N SER A 57 2.04 -4.62 -9.34
CA SER A 57 1.68 -5.94 -9.81
C SER A 57 0.66 -5.85 -10.95
N MET A 58 -0.30 -4.94 -10.79
CA MET A 58 -1.34 -4.75 -11.80
C MET A 58 -1.41 -3.30 -12.23
N HIS A 59 -1.15 -2.39 -11.30
CA HIS A 59 -1.18 -0.96 -11.59
C HIS A 59 0.21 -0.45 -11.96
N ARG A 60 1.06 -1.34 -12.46
CA ARG A 60 2.41 -0.98 -12.85
C ARG A 60 2.40 0.17 -13.85
N GLU A 61 1.40 0.20 -14.72
CA GLU A 61 1.27 1.24 -15.72
C GLU A 61 0.79 2.55 -15.09
N GLU A 62 -0.13 2.44 -14.15
CA GLU A 62 -0.67 3.61 -13.47
C GLU A 62 0.43 4.36 -12.72
N LEU A 63 1.18 3.63 -11.92
CA LEU A 63 2.28 4.23 -11.15
C LEU A 63 3.23 4.98 -12.06
N GLU A 64 3.83 4.27 -13.00
CA GLU A 64 4.77 4.89 -13.94
C GLU A 64 4.15 6.11 -14.61
N LYS A 65 2.89 5.98 -15.01
CA LYS A 65 2.18 7.06 -15.68
C LYS A 65 2.20 8.33 -14.81
N SER A 66 2.00 8.16 -13.52
CA SER A 66 1.99 9.29 -12.59
C SER A 66 3.40 9.62 -12.13
N GLY A 67 4.37 9.48 -13.05
CA GLY A 67 5.76 9.77 -12.72
C GLY A 67 6.12 9.31 -11.31
N HIS A 68 6.27 8.01 -11.14
CA HIS A 68 6.62 7.45 -9.84
C HIS A 68 7.82 6.53 -9.95
N GLY A 69 7.79 5.64 -10.95
CA GLY A 69 8.88 4.70 -11.15
C GLY A 69 9.46 4.19 -9.84
N GLN A 70 10.58 4.76 -9.43
CA GLN A 70 11.23 4.34 -8.19
C GLN A 70 10.55 4.98 -6.98
N SER A 71 10.30 4.17 -5.95
CA SER A 71 9.65 4.65 -4.75
C SER A 71 10.67 5.24 -3.77
N GLY A 72 11.83 4.60 -3.70
CA GLY A 72 12.88 5.06 -2.81
C GLY A 72 14.26 4.93 -3.41
N PRO A 73 15.18 5.83 -3.01
CA PRO A 73 16.56 5.83 -3.50
C PRO A 73 17.36 4.62 -3.00
N SER A 74 16.75 3.84 -2.12
CA SER A 74 17.40 2.67 -1.56
C SER A 74 17.44 1.53 -2.56
N SER A 75 18.63 0.99 -2.80
CA SER A 75 18.79 -0.11 -3.75
C SER A 75 18.03 -1.34 -3.28
N GLY A 76 18.19 -1.69 -2.01
CA GLY A 76 17.51 -2.86 -1.47
C GLY A 76 18.27 -3.48 -0.32
ZN ZN B . -5.69 -2.56 -7.03
N GLY A 1 12.00 10.42 15.84
CA GLY A 1 12.75 9.18 15.72
C GLY A 1 13.47 9.07 14.39
N SER A 2 14.57 8.33 14.37
CA SER A 2 15.35 8.14 13.16
C SER A 2 14.73 7.07 12.27
N SER A 3 13.42 7.10 12.13
CA SER A 3 12.70 6.12 11.31
C SER A 3 12.88 6.43 9.83
N GLY A 4 12.58 7.67 9.44
CA GLY A 4 12.71 8.08 8.05
C GLY A 4 12.14 7.04 7.10
N SER A 5 10.83 7.08 6.90
CA SER A 5 10.16 6.14 6.00
C SER A 5 9.29 6.88 5.00
N SER A 6 9.79 7.02 3.77
CA SER A 6 9.05 7.71 2.72
C SER A 6 8.47 6.70 1.72
N GLY A 7 7.35 6.10 2.09
CA GLY A 7 6.72 5.13 1.21
C GLY A 7 5.28 4.85 1.60
N SER A 8 4.56 5.89 2.03
CA SER A 8 3.18 5.74 2.44
C SER A 8 2.23 6.19 1.33
N GLU A 9 2.78 6.85 0.32
CA GLU A 9 1.99 7.34 -0.80
C GLU A 9 1.05 6.25 -1.32
N ALA A 10 1.51 5.01 -1.28
CA ALA A 10 0.71 3.89 -1.74
C ALA A 10 -0.68 3.91 -1.11
N TRP A 11 -0.76 4.34 0.14
CA TRP A 11 -2.03 4.41 0.85
C TRP A 11 -3.06 5.19 0.04
N GLU A 12 -2.60 6.17 -0.73
CA GLU A 12 -3.48 6.98 -1.55
C GLU A 12 -4.29 6.11 -2.51
N TYR A 13 -3.85 4.88 -2.69
CA TYR A 13 -4.53 3.94 -3.58
C TYR A 13 -5.23 2.85 -2.78
N PHE A 14 -5.46 3.12 -1.50
CA PHE A 14 -6.12 2.15 -0.61
C PHE A 14 -6.86 2.85 0.51
N HIS A 15 -7.91 2.22 1.01
CA HIS A 15 -8.71 2.79 2.09
C HIS A 15 -9.07 1.72 3.12
N LEU A 16 -8.80 2.02 4.39
CA LEU A 16 -9.10 1.09 5.47
C LEU A 16 -10.60 0.86 5.59
N ALA A 17 -10.98 -0.38 5.87
CA ALA A 17 -12.39 -0.74 6.01
C ALA A 17 -12.82 -0.70 7.48
N PRO A 18 -14.07 -0.28 7.72
CA PRO A 18 -14.62 -0.19 9.08
C PRO A 18 -14.85 -1.56 9.70
N ALA A 19 -14.87 -1.61 11.03
CA ALA A 19 -15.08 -2.86 11.75
C ALA A 19 -16.52 -3.33 11.63
N ARG A 20 -16.76 -4.24 10.70
CA ARG A 20 -18.10 -4.77 10.47
C ARG A 20 -18.19 -6.22 10.91
N ALA A 21 -17.27 -7.04 10.42
CA ALA A 21 -17.25 -8.46 10.76
C ALA A 21 -17.35 -8.66 12.27
N GLY A 22 -16.44 -8.03 13.00
CA GLY A 22 -16.44 -8.16 14.45
C GLY A 22 -15.10 -7.83 15.06
N HIS A 23 -14.03 -8.09 14.33
CA HIS A 23 -12.68 -7.82 14.81
C HIS A 23 -12.35 -6.34 14.69
N HIS A 24 -11.45 -5.87 15.54
CA HIS A 24 -11.05 -4.47 15.52
C HIS A 24 -10.96 -3.94 14.10
N PRO A 25 -11.10 -2.61 13.95
CA PRO A 25 -11.05 -1.96 12.64
C PRO A 25 -9.64 -1.97 12.04
N ASN A 26 -9.55 -1.59 10.77
CA ASN A 26 -8.26 -1.56 10.09
C ASN A 26 -7.79 -2.96 9.74
N GLN A 27 -8.75 -3.85 9.45
CA GLN A 27 -8.44 -5.23 9.11
C GLN A 27 -7.67 -5.30 7.79
N TYR A 28 -8.35 -5.04 6.69
CA TYR A 28 -7.73 -5.07 5.37
C TYR A 28 -7.83 -3.71 4.68
N ALA A 29 -6.99 -3.51 3.68
CA ALA A 29 -6.99 -2.25 2.93
C ALA A 29 -7.72 -2.41 1.59
N THR A 30 -8.66 -1.51 1.33
CA THR A 30 -9.43 -1.55 0.09
C THR A 30 -8.82 -0.63 -0.96
N CYS A 31 -8.25 -1.23 -2.01
CA CYS A 31 -7.63 -0.47 -3.09
C CYS A 31 -8.63 0.49 -3.72
N ARG A 32 -8.23 1.75 -3.86
CA ARG A 32 -9.09 2.77 -4.46
C ARG A 32 -8.92 2.82 -5.97
N LEU A 33 -8.05 1.94 -6.49
CA LEU A 33 -7.79 1.89 -7.92
C LEU A 33 -8.67 0.84 -8.60
N CYS A 34 -8.73 -0.34 -8.00
CA CYS A 34 -9.54 -1.43 -8.55
C CYS A 34 -10.56 -1.90 -7.52
N GLY A 35 -10.17 -1.93 -6.26
CA GLY A 35 -11.06 -2.35 -5.20
C GLY A 35 -10.70 -3.73 -4.66
N ARG A 36 -9.42 -4.07 -4.74
CA ARG A 36 -8.95 -5.37 -4.25
C ARG A 36 -8.57 -5.28 -2.77
N GLN A 37 -8.95 -6.32 -2.03
CA GLN A 37 -8.64 -6.36 -0.59
C GLN A 37 -7.20 -6.76 -0.35
N VAL A 38 -6.42 -5.85 0.24
CA VAL A 38 -5.02 -6.11 0.53
C VAL A 38 -4.69 -5.75 1.97
N SER A 39 -4.13 -6.71 2.70
CA SER A 39 -3.76 -6.51 4.10
C SER A 39 -2.30 -6.11 4.22
N ARG A 40 -1.93 -5.59 5.39
CA ARG A 40 -0.55 -5.17 5.63
C ARG A 40 0.04 -5.91 6.83
N GLY A 41 -0.71 -5.95 7.93
CA GLY A 41 -0.25 -6.62 9.12
C GLY A 41 0.86 -5.86 9.83
N PRO A 42 1.54 -6.52 10.77
CA PRO A 42 2.63 -5.93 11.54
C PRO A 42 3.87 -5.67 10.68
N GLY A 43 4.90 -5.11 11.29
CA GLY A 43 6.13 -4.83 10.57
C GLY A 43 5.87 -4.31 9.18
N VAL A 44 5.35 -3.09 9.08
CA VAL A 44 5.06 -2.47 7.80
C VAL A 44 5.61 -1.06 7.72
N ASN A 45 5.69 -0.51 6.51
CA ASN A 45 6.20 0.83 6.31
C ASN A 45 7.71 0.89 6.51
N VAL A 46 8.39 -0.14 6.03
CA VAL A 46 9.84 -0.22 6.15
C VAL A 46 10.52 0.08 4.82
N GLY A 47 9.96 -0.44 3.73
CA GLY A 47 10.53 -0.21 2.42
C GLY A 47 9.46 -0.11 1.34
N THR A 48 8.91 -1.25 0.95
CA THR A 48 7.87 -1.28 -0.08
C THR A 48 6.55 -1.77 0.49
N THR A 49 5.77 -0.84 1.05
CA THR A 49 4.48 -1.17 1.62
C THR A 49 3.76 -2.23 0.79
N ALA A 50 3.32 -3.29 1.46
CA ALA A 50 2.62 -4.38 0.78
C ALA A 50 1.71 -3.84 -0.32
N LEU A 51 1.17 -2.65 -0.11
CA LEU A 51 0.28 -2.02 -1.10
C LEU A 51 1.00 -1.86 -2.44
N TRP A 52 2.20 -1.29 -2.40
CA TRP A 52 2.98 -1.07 -3.61
C TRP A 52 3.03 -2.34 -4.44
N LYS A 53 3.43 -3.45 -3.82
CA LYS A 53 3.52 -4.73 -4.52
C LYS A 53 2.30 -4.95 -5.42
N HIS A 54 1.12 -4.61 -4.90
CA HIS A 54 -0.11 -4.78 -5.66
C HIS A 54 -0.19 -3.76 -6.80
N LEU A 55 0.09 -2.50 -6.48
CA LEU A 55 0.05 -1.44 -7.48
C LEU A 55 0.98 -1.75 -8.65
N LYS A 56 2.19 -2.20 -8.34
CA LYS A 56 3.17 -2.55 -9.36
C LYS A 56 2.87 -3.91 -9.96
N SER A 57 1.93 -4.63 -9.35
CA SER A 57 1.55 -5.95 -9.83
C SER A 57 0.53 -5.86 -10.95
N MET A 58 -0.38 -4.91 -10.83
CA MET A 58 -1.43 -4.70 -11.83
C MET A 58 -1.48 -3.25 -12.27
N HIS A 59 -1.24 -2.34 -11.33
CA HIS A 59 -1.26 -0.91 -11.62
C HIS A 59 0.14 -0.40 -11.99
N ARG A 60 0.98 -1.31 -12.48
CA ARG A 60 2.34 -0.96 -12.86
C ARG A 60 2.35 0.20 -13.86
N GLU A 61 1.34 0.22 -14.73
CA GLU A 61 1.23 1.28 -15.73
C GLU A 61 0.78 2.59 -15.10
N GLU A 62 -0.15 2.50 -14.15
CA GLU A 62 -0.67 3.67 -13.47
C GLU A 62 0.45 4.40 -12.71
N LEU A 63 1.28 3.64 -12.01
CA LEU A 63 2.39 4.21 -11.25
C LEU A 63 3.38 4.89 -12.18
N GLU A 64 3.92 4.14 -13.12
CA GLU A 64 4.89 4.67 -14.07
C GLU A 64 4.35 5.92 -14.76
N LYS A 65 3.08 5.87 -15.15
CA LYS A 65 2.44 6.99 -15.82
C LYS A 65 2.60 8.27 -15.01
N SER A 66 2.22 8.22 -13.74
CA SER A 66 2.32 9.36 -12.85
C SER A 66 3.77 9.61 -12.43
N GLY A 67 4.07 10.84 -12.00
CA GLY A 67 5.41 11.16 -11.58
C GLY A 67 6.11 10.01 -10.91
N HIS A 68 5.39 9.30 -10.04
CA HIS A 68 5.95 8.17 -9.32
C HIS A 68 6.53 7.14 -10.29
N GLY A 69 7.84 7.16 -10.45
CA GLY A 69 8.49 6.23 -11.35
C GLY A 69 9.50 5.33 -10.65
N GLN A 70 9.40 4.03 -10.89
CA GLN A 70 10.30 3.06 -10.27
C GLN A 70 10.66 3.50 -8.85
N SER A 71 9.67 3.98 -8.11
CA SER A 71 9.88 4.43 -6.74
C SER A 71 10.69 3.41 -5.96
N GLY A 72 12.00 3.63 -5.87
CA GLY A 72 12.86 2.72 -5.14
C GLY A 72 14.31 2.83 -5.59
N PRO A 73 15.03 1.69 -5.52
CA PRO A 73 16.44 1.63 -5.91
C PRO A 73 16.64 1.79 -7.42
N SER A 74 17.60 2.62 -7.81
CA SER A 74 17.87 2.86 -9.22
C SER A 74 18.84 1.81 -9.76
N SER A 75 18.64 1.41 -11.00
CA SER A 75 19.49 0.41 -11.65
C SER A 75 20.76 1.06 -12.20
N GLY A 76 21.91 0.60 -11.70
CA GLY A 76 23.18 1.15 -12.15
C GLY A 76 23.23 1.34 -13.65
ZN ZN B . -5.74 -2.25 -7.02
N GLY A 1 6.08 0.59 16.85
CA GLY A 1 5.07 1.18 15.99
C GLY A 1 4.96 2.68 16.16
N SER A 2 5.91 3.41 15.59
CA SER A 2 5.93 4.87 15.69
C SER A 2 6.21 5.51 14.33
N SER A 3 5.78 6.76 14.17
CA SER A 3 5.98 7.46 12.92
C SER A 3 7.41 7.27 12.40
N GLY A 4 7.65 7.68 11.16
CA GLY A 4 8.97 7.55 10.58
C GLY A 4 8.94 6.84 9.23
N SER A 5 8.10 5.83 9.12
CA SER A 5 7.97 5.07 7.88
C SER A 5 8.12 5.99 6.67
N SER A 6 8.88 5.52 5.68
CA SER A 6 9.11 6.30 4.47
C SER A 6 8.09 5.94 3.38
N GLY A 7 7.99 6.79 2.37
CA GLY A 7 7.06 6.53 1.28
C GLY A 7 5.61 6.64 1.74
N SER A 8 5.08 5.54 2.25
CA SER A 8 3.70 5.50 2.72
C SER A 8 2.80 6.31 1.79
N GLU A 9 3.07 6.25 0.49
CA GLU A 9 2.28 6.98 -0.48
C GLU A 9 1.26 6.07 -1.16
N ALA A 10 1.61 4.80 -1.29
CA ALA A 10 0.71 3.82 -1.90
C ALA A 10 -0.66 3.85 -1.25
N TRP A 11 -0.70 4.28 0.01
CA TRP A 11 -1.97 4.36 0.74
C TRP A 11 -3.01 5.14 -0.04
N GLU A 12 -2.56 6.12 -0.81
CA GLU A 12 -3.46 6.94 -1.62
C GLU A 12 -4.29 6.07 -2.56
N TYR A 13 -3.83 4.84 -2.79
CA TYR A 13 -4.53 3.92 -3.67
C TYR A 13 -5.25 2.84 -2.87
N PHE A 14 -5.44 3.11 -1.58
CA PHE A 14 -6.12 2.17 -0.71
C PHE A 14 -6.85 2.90 0.42
N HIS A 15 -7.86 2.25 0.98
CA HIS A 15 -8.64 2.84 2.07
C HIS A 15 -9.02 1.78 3.10
N LEU A 16 -8.77 2.08 4.37
CA LEU A 16 -9.09 1.16 5.46
C LEU A 16 -10.60 1.00 5.62
N ALA A 17 -11.02 -0.21 5.96
CA ALA A 17 -12.45 -0.49 6.16
C ALA A 17 -12.85 -0.29 7.61
N PRO A 18 -14.14 0.04 7.82
CA PRO A 18 -14.68 0.27 9.16
C PRO A 18 -14.79 -1.02 9.97
N ALA A 19 -14.36 -0.95 11.23
CA ALA A 19 -14.40 -2.11 12.11
C ALA A 19 -15.49 -1.96 13.17
N ARG A 20 -16.13 -3.08 13.52
CA ARG A 20 -17.19 -3.06 14.52
C ARG A 20 -16.65 -3.45 15.89
N ALA A 21 -15.96 -4.58 15.97
CA ALA A 21 -15.39 -5.05 17.22
C ALA A 21 -14.06 -4.39 17.50
N GLY A 22 -13.51 -4.63 18.68
CA GLY A 22 -12.24 -4.04 19.05
C GLY A 22 -11.24 -4.07 17.92
N HIS A 23 -11.25 -5.14 17.14
CA HIS A 23 -10.34 -5.28 16.01
C HIS A 23 -10.13 -3.94 15.32
N HIS A 24 -8.94 -3.38 15.46
CA HIS A 24 -8.60 -2.11 14.84
C HIS A 24 -8.98 -2.11 13.36
N PRO A 25 -9.22 -0.90 12.81
CA PRO A 25 -9.58 -0.74 11.40
C PRO A 25 -8.42 -1.04 10.46
N ASN A 26 -7.30 -1.46 11.03
CA ASN A 26 -6.12 -1.78 10.24
C ASN A 26 -6.10 -3.26 9.86
N GLN A 27 -7.27 -3.79 9.50
CA GLN A 27 -7.39 -5.18 9.11
C GLN A 27 -7.04 -5.37 7.64
N TYR A 28 -7.91 -4.89 6.76
CA TYR A 28 -7.69 -5.00 5.32
C TYR A 28 -7.77 -3.64 4.65
N ALA A 29 -6.98 -3.46 3.59
CA ALA A 29 -6.97 -2.21 2.85
C ALA A 29 -7.72 -2.34 1.53
N THR A 30 -8.69 -1.46 1.31
CA THR A 30 -9.47 -1.47 0.09
C THR A 30 -8.85 -0.61 -1.00
N CYS A 31 -8.33 -1.24 -2.04
CA CYS A 31 -7.70 -0.52 -3.14
C CYS A 31 -8.68 0.43 -3.81
N ARG A 32 -8.30 1.69 -3.93
CA ARG A 32 -9.15 2.71 -4.55
C ARG A 32 -8.95 2.72 -6.07
N LEU A 33 -8.09 1.85 -6.55
CA LEU A 33 -7.81 1.76 -7.99
C LEU A 33 -8.70 0.71 -8.65
N CYS A 34 -8.75 -0.47 -8.06
CA CYS A 34 -9.56 -1.55 -8.60
C CYS A 34 -10.67 -1.95 -7.62
N GLY A 35 -10.34 -1.94 -6.33
CA GLY A 35 -11.32 -2.29 -5.31
C GLY A 35 -11.06 -3.65 -4.70
N ARG A 36 -9.79 -4.03 -4.63
CA ARG A 36 -9.41 -5.32 -4.08
C ARG A 36 -8.85 -5.16 -2.66
N GLN A 37 -9.21 -6.08 -1.78
CA GLN A 37 -8.75 -6.04 -0.40
C GLN A 37 -7.33 -6.56 -0.28
N VAL A 38 -6.46 -5.77 0.35
CA VAL A 38 -5.07 -6.13 0.52
C VAL A 38 -4.60 -5.85 1.94
N SER A 39 -4.19 -6.91 2.65
CA SER A 39 -3.73 -6.77 4.02
C SER A 39 -2.25 -6.40 4.06
N ARG A 40 -1.77 -5.97 5.22
CA ARG A 40 -0.38 -5.59 5.38
C ARG A 40 0.49 -6.81 5.70
N GLY A 41 0.03 -7.63 6.63
CA GLY A 41 0.78 -8.81 7.01
C GLY A 41 1.97 -8.50 7.88
N PRO A 42 2.66 -9.55 8.34
CA PRO A 42 3.85 -9.41 9.20
C PRO A 42 5.04 -8.81 8.46
N GLY A 43 5.30 -7.53 8.72
CA GLY A 43 6.42 -6.86 8.07
C GLY A 43 5.99 -6.08 6.84
N VAL A 44 5.32 -4.95 7.07
CA VAL A 44 4.85 -4.11 5.98
C VAL A 44 5.52 -2.74 6.01
N ASN A 45 6.27 -2.49 7.07
CA ASN A 45 6.97 -1.22 7.23
C ASN A 45 8.45 -1.36 6.86
N VAL A 46 9.01 -2.53 7.11
CA VAL A 46 10.40 -2.79 6.81
C VAL A 46 10.83 -2.11 5.51
N GLY A 47 9.89 -2.01 4.57
CA GLY A 47 10.18 -1.37 3.30
C GLY A 47 8.97 -1.33 2.38
N THR A 48 9.18 -1.65 1.11
CA THR A 48 8.10 -1.65 0.14
C THR A 48 6.78 -2.06 0.77
N THR A 49 5.89 -1.09 0.99
CA THR A 49 4.61 -1.37 1.60
C THR A 49 3.80 -2.36 0.77
N ALA A 50 3.35 -3.43 1.39
CA ALA A 50 2.56 -4.45 0.71
C ALA A 50 1.67 -3.83 -0.36
N LEU A 51 1.20 -2.62 -0.09
CA LEU A 51 0.33 -1.91 -1.04
C LEU A 51 1.00 -1.77 -2.40
N TRP A 52 2.25 -1.31 -2.40
CA TRP A 52 3.00 -1.13 -3.62
C TRP A 52 3.03 -2.42 -4.44
N LYS A 53 3.46 -3.51 -3.80
CA LYS A 53 3.54 -4.81 -4.46
C LYS A 53 2.33 -5.02 -5.37
N HIS A 54 1.15 -4.64 -4.88
CA HIS A 54 -0.08 -4.80 -5.65
C HIS A 54 -0.13 -3.79 -6.80
N LEU A 55 0.21 -2.54 -6.49
CA LEU A 55 0.19 -1.48 -7.49
C LEU A 55 1.11 -1.83 -8.67
N LYS A 56 2.31 -2.31 -8.35
CA LYS A 56 3.27 -2.69 -9.38
C LYS A 56 2.93 -4.06 -9.97
N SER A 57 1.99 -4.74 -9.35
CA SER A 57 1.58 -6.07 -9.80
C SER A 57 0.55 -5.95 -10.93
N MET A 58 -0.34 -4.99 -10.82
CA MET A 58 -1.36 -4.77 -11.84
C MET A 58 -1.39 -3.30 -12.28
N HIS A 59 -1.17 -2.41 -11.34
CA HIS A 59 -1.17 -0.97 -11.63
C HIS A 59 0.23 -0.49 -12.02
N ARG A 60 1.09 -1.44 -12.39
CA ARG A 60 2.45 -1.12 -12.78
C ARG A 60 2.48 0.04 -13.79
N GLU A 61 1.48 0.06 -14.68
CA GLU A 61 1.39 1.11 -15.68
C GLU A 61 0.86 2.40 -15.08
N GLU A 62 -0.11 2.28 -14.18
CA GLU A 62 -0.69 3.45 -13.52
C GLU A 62 0.38 4.26 -12.80
N LEU A 63 1.23 3.56 -12.05
CA LEU A 63 2.30 4.21 -11.30
C LEU A 63 3.23 4.98 -12.23
N GLU A 64 3.72 4.30 -13.26
CA GLU A 64 4.63 4.93 -14.22
C GLU A 64 4.11 6.31 -14.62
N LYS A 65 2.82 6.38 -14.95
CA LYS A 65 2.21 7.63 -15.36
C LYS A 65 2.38 8.70 -14.29
N SER A 66 2.15 8.33 -13.04
CA SER A 66 2.27 9.26 -11.91
C SER A 66 3.72 9.70 -11.75
N GLY A 67 4.62 8.74 -11.58
CA GLY A 67 6.03 9.05 -11.42
C GLY A 67 6.63 8.39 -10.19
N HIS A 68 6.30 7.12 -9.97
CA HIS A 68 6.81 6.39 -8.83
C HIS A 68 7.57 5.14 -9.28
N GLY A 69 8.83 5.32 -9.64
CA GLY A 69 9.64 4.20 -10.09
C GLY A 69 9.87 3.19 -8.99
N GLN A 70 10.37 3.64 -7.85
CA GLN A 70 10.65 2.76 -6.73
C GLN A 70 10.04 3.32 -5.44
N SER A 71 10.34 4.58 -5.15
CA SER A 71 9.82 5.24 -3.94
C SER A 71 10.47 4.65 -2.70
N GLY A 72 11.78 4.44 -2.76
CA GLY A 72 12.50 3.89 -1.62
C GLY A 72 13.63 2.98 -2.05
N PRO A 73 13.54 1.69 -1.68
CA PRO A 73 14.55 0.69 -2.01
C PRO A 73 14.57 0.36 -3.50
N SER A 74 15.76 0.39 -4.09
CA SER A 74 15.91 0.09 -5.52
C SER A 74 16.50 -1.30 -5.72
N SER A 75 17.68 -1.53 -5.17
CA SER A 75 18.35 -2.82 -5.30
C SER A 75 17.78 -3.82 -4.30
N GLY A 76 16.68 -4.46 -4.67
CA GLY A 76 16.05 -5.45 -3.80
C GLY A 76 14.58 -5.13 -3.55
ZN ZN B . -5.75 -2.39 -7.03
N GLY A 1 22.83 12.18 10.94
CA GLY A 1 22.20 11.36 9.90
C GLY A 1 21.22 12.15 9.06
N SER A 2 19.98 11.67 9.01
CA SER A 2 18.93 12.33 8.23
C SER A 2 17.57 11.70 8.50
N SER A 3 16.60 12.53 8.86
CA SER A 3 15.26 12.05 9.15
C SER A 3 14.62 11.44 7.91
N GLY A 4 14.80 10.13 7.76
CA GLY A 4 14.23 9.43 6.61
C GLY A 4 12.72 9.45 6.61
N SER A 5 12.12 9.91 5.52
CA SER A 5 10.67 9.97 5.40
C SER A 5 10.09 8.59 5.11
N SER A 6 8.78 8.46 5.30
CA SER A 6 8.10 7.19 5.05
C SER A 6 7.42 7.19 3.69
N GLY A 7 7.37 6.01 3.06
CA GLY A 7 6.75 5.90 1.76
C GLY A 7 5.29 5.47 1.85
N SER A 8 4.50 6.22 2.62
CA SER A 8 3.09 5.91 2.78
C SER A 8 2.26 6.54 1.68
N GLU A 9 2.82 6.57 0.47
CA GLU A 9 2.13 7.16 -0.68
C GLU A 9 1.16 6.15 -1.29
N ALA A 10 1.57 4.88 -1.31
CA ALA A 10 0.74 3.82 -1.88
C ALA A 10 -0.66 3.84 -1.27
N TRP A 11 -0.75 4.28 -0.02
CA TRP A 11 -2.03 4.35 0.67
C TRP A 11 -3.05 5.14 -0.14
N GLU A 12 -2.56 6.09 -0.93
CA GLU A 12 -3.43 6.93 -1.75
C GLU A 12 -4.25 6.06 -2.71
N TYR A 13 -3.81 4.83 -2.92
CA TYR A 13 -4.51 3.91 -3.81
C TYR A 13 -5.25 2.84 -3.01
N PHE A 14 -5.48 3.12 -1.73
CA PHE A 14 -6.17 2.18 -0.86
C PHE A 14 -6.90 2.92 0.26
N HIS A 15 -7.90 2.26 0.85
CA HIS A 15 -8.67 2.86 1.93
C HIS A 15 -9.06 1.80 2.97
N LEU A 16 -8.76 2.09 4.23
CA LEU A 16 -9.06 1.18 5.32
C LEU A 16 -10.58 1.02 5.49
N ALA A 17 -11.01 -0.18 5.85
CA ALA A 17 -12.42 -0.46 6.05
C ALA A 17 -12.82 -0.24 7.51
N PRO A 18 -14.13 -0.03 7.74
CA PRO A 18 -14.67 0.20 9.07
C PRO A 18 -14.62 -1.06 9.94
N ALA A 19 -14.37 -0.87 11.23
CA ALA A 19 -14.30 -1.98 12.17
C ALA A 19 -15.33 -1.83 13.28
N ARG A 20 -15.54 -2.90 14.05
CA ARG A 20 -16.50 -2.90 15.14
C ARG A 20 -15.78 -2.78 16.49
N ALA A 21 -16.47 -2.17 17.45
CA ALA A 21 -15.89 -2.01 18.78
C ALA A 21 -15.00 -3.19 19.16
N GLY A 22 -13.69 -2.96 19.14
CA GLY A 22 -12.75 -4.01 19.48
C GLY A 22 -11.54 -4.02 18.56
N HIS A 23 -11.74 -4.47 17.33
CA HIS A 23 -10.66 -4.53 16.35
C HIS A 23 -10.46 -3.18 15.68
N HIS A 24 -9.20 -2.83 15.43
CA HIS A 24 -8.87 -1.56 14.78
C HIS A 24 -9.12 -1.63 13.28
N PRO A 25 -9.30 -0.47 12.64
CA PRO A 25 -9.56 -0.36 11.20
C PRO A 25 -8.33 -0.74 10.38
N ASN A 26 -7.26 -1.17 11.05
CA ASN A 26 -6.03 -1.56 10.39
C ASN A 26 -5.97 -3.07 10.17
N GLN A 27 -7.09 -3.63 9.73
CA GLN A 27 -7.18 -5.07 9.49
C GLN A 27 -6.98 -5.39 8.01
N TYR A 28 -7.47 -4.51 7.15
CA TYR A 28 -7.35 -4.68 5.71
C TYR A 28 -7.41 -3.35 4.98
N ALA A 29 -6.95 -3.34 3.73
CA ALA A 29 -6.96 -2.12 2.93
C ALA A 29 -7.72 -2.35 1.62
N THR A 30 -8.57 -1.39 1.27
CA THR A 30 -9.36 -1.47 0.04
C THR A 30 -8.76 -0.60 -1.05
N CYS A 31 -8.22 -1.24 -2.09
CA CYS A 31 -7.62 -0.52 -3.21
C CYS A 31 -8.64 0.41 -3.87
N ARG A 32 -8.28 1.68 -3.98
CA ARG A 32 -9.16 2.67 -4.60
C ARG A 32 -9.02 2.66 -6.12
N LEU A 33 -8.17 1.77 -6.62
CA LEU A 33 -7.93 1.65 -8.06
C LEU A 33 -8.84 0.59 -8.67
N CYS A 34 -8.82 -0.60 -8.07
CA CYS A 34 -9.64 -1.71 -8.56
C CYS A 34 -10.66 -2.14 -7.50
N GLY A 35 -10.26 -2.08 -6.24
CA GLY A 35 -11.14 -2.47 -5.16
C GLY A 35 -10.75 -3.80 -4.53
N ARG A 36 -9.48 -4.15 -4.65
CA ARG A 36 -8.98 -5.40 -4.09
C ARG A 36 -8.49 -5.20 -2.66
N GLN A 37 -8.84 -6.14 -1.79
CA GLN A 37 -8.45 -6.07 -0.38
C GLN A 37 -7.00 -6.54 -0.21
N VAL A 38 -6.18 -5.67 0.38
CA VAL A 38 -4.77 -6.00 0.61
C VAL A 38 -4.40 -5.81 2.08
N SER A 39 -4.14 -6.91 2.77
CA SER A 39 -3.77 -6.87 4.17
C SER A 39 -2.26 -6.68 4.34
N ARG A 40 -1.88 -5.84 5.29
CA ARG A 40 -0.47 -5.58 5.55
C ARG A 40 -0.03 -6.18 6.89
N GLY A 41 -0.89 -6.05 7.90
CA GLY A 41 -0.58 -6.58 9.21
C GLY A 41 -0.37 -5.50 10.24
N PRO A 42 -0.41 -5.88 11.53
CA PRO A 42 -0.22 -4.95 12.64
C PRO A 42 1.21 -4.43 12.73
N GLY A 43 2.17 -5.36 12.71
CA GLY A 43 3.57 -4.97 12.80
C GLY A 43 4.28 -5.08 11.47
N VAL A 44 4.16 -4.04 10.65
CA VAL A 44 4.80 -4.02 9.34
C VAL A 44 5.66 -2.78 9.16
N ASN A 45 6.97 -2.95 9.32
CA ASN A 45 7.91 -1.84 9.18
C ASN A 45 8.90 -2.09 8.05
N VAL A 46 8.47 -1.82 6.82
CA VAL A 46 9.32 -2.03 5.65
C VAL A 46 9.32 -0.79 4.75
N GLY A 47 10.18 -0.81 3.73
CA GLY A 47 10.27 0.31 2.82
C GLY A 47 9.20 0.26 1.75
N THR A 48 8.89 -0.94 1.27
CA THR A 48 7.88 -1.11 0.24
C THR A 48 6.57 -1.64 0.83
N THR A 49 5.64 -0.72 1.07
CA THR A 49 4.34 -1.08 1.65
C THR A 49 3.69 -2.21 0.85
N ALA A 50 3.27 -3.26 1.55
CA ALA A 50 2.64 -4.39 0.91
C ALA A 50 1.75 -3.95 -0.25
N LEU A 51 1.14 -2.78 -0.10
CA LEU A 51 0.26 -2.24 -1.14
C LEU A 51 1.02 -2.08 -2.46
N TRP A 52 2.15 -1.38 -2.40
CA TRP A 52 2.96 -1.15 -3.59
C TRP A 52 3.02 -2.40 -4.46
N LYS A 53 3.38 -3.53 -3.85
CA LYS A 53 3.48 -4.79 -4.56
C LYS A 53 2.25 -5.01 -5.45
N HIS A 54 1.08 -4.70 -4.92
CA HIS A 54 -0.16 -4.86 -5.66
C HIS A 54 -0.26 -3.83 -6.79
N LEU A 55 0.14 -2.60 -6.48
CA LEU A 55 0.10 -1.53 -7.48
C LEU A 55 1.01 -1.84 -8.66
N LYS A 56 2.24 -2.28 -8.37
CA LYS A 56 3.20 -2.61 -9.41
C LYS A 56 2.88 -3.98 -10.02
N SER A 57 1.95 -4.70 -9.40
CA SER A 57 1.55 -6.01 -9.88
C SER A 57 0.52 -5.90 -11.01
N MET A 58 -0.44 -4.99 -10.83
CA MET A 58 -1.48 -4.78 -11.83
C MET A 58 -1.52 -3.32 -12.27
N HIS A 59 -1.24 -2.42 -11.33
CA HIS A 59 -1.25 -0.99 -11.62
C HIS A 59 0.14 -0.50 -11.99
N ARG A 60 0.97 -1.41 -12.49
CA ARG A 60 2.33 -1.07 -12.88
C ARG A 60 2.35 0.11 -13.85
N GLU A 61 1.31 0.20 -14.68
CA GLU A 61 1.20 1.28 -15.64
C GLU A 61 0.78 2.58 -14.97
N GLU A 62 -0.23 2.49 -14.10
CA GLU A 62 -0.72 3.67 -13.38
C GLU A 62 0.42 4.36 -12.63
N LEU A 63 1.15 3.58 -11.84
CA LEU A 63 2.26 4.13 -11.06
C LEU A 63 3.21 4.92 -11.95
N GLU A 64 3.83 4.24 -12.92
CA GLU A 64 4.76 4.88 -13.83
C GLU A 64 4.19 6.19 -14.36
N LYS A 65 2.92 6.15 -14.76
CA LYS A 65 2.24 7.33 -15.29
C LYS A 65 2.39 8.51 -14.33
N SER A 66 2.16 8.26 -13.05
CA SER A 66 2.26 9.30 -12.03
C SER A 66 3.69 9.40 -11.49
N GLY A 67 4.63 8.82 -12.22
CA GLY A 67 6.01 8.85 -11.80
C GLY A 67 6.22 8.21 -10.44
N HIS A 68 6.04 6.89 -10.38
CA HIS A 68 6.21 6.15 -9.12
C HIS A 68 7.22 5.03 -9.28
N GLY A 69 8.50 5.37 -9.19
CA GLY A 69 9.55 4.39 -9.32
C GLY A 69 10.58 4.46 -8.22
N GLN A 70 10.92 5.69 -7.83
CA GLN A 70 11.91 5.91 -6.77
C GLN A 70 11.70 4.91 -5.62
N SER A 71 10.47 4.47 -5.44
CA SER A 71 10.14 3.52 -4.38
C SER A 71 10.51 2.10 -4.80
N GLY A 72 11.79 1.89 -5.07
CA GLY A 72 12.25 0.57 -5.47
C GLY A 72 13.75 0.43 -5.39
N PRO A 73 14.30 0.58 -4.18
CA PRO A 73 15.74 0.48 -3.94
C PRO A 73 16.26 -0.95 -4.10
N SER A 74 16.91 -1.22 -5.22
CA SER A 74 17.46 -2.54 -5.50
C SER A 74 18.51 -2.48 -6.60
N SER A 75 19.35 -3.50 -6.67
CA SER A 75 20.41 -3.56 -7.67
C SER A 75 19.83 -3.46 -9.08
N GLY A 76 20.05 -2.32 -9.72
CA GLY A 76 19.55 -2.11 -11.07
C GLY A 76 18.04 -1.99 -11.11
ZN ZN B . -5.81 -2.51 -7.06
N GLY A 1 15.94 6.09 16.02
CA GLY A 1 17.02 5.67 15.14
C GLY A 1 17.05 6.45 13.85
N SER A 2 17.95 6.06 12.95
CA SER A 2 18.09 6.73 11.66
C SER A 2 16.81 6.57 10.83
N SER A 3 15.85 7.47 11.04
CA SER A 3 14.59 7.42 10.32
C SER A 3 14.63 8.33 9.09
N GLY A 4 13.85 7.98 8.08
CA GLY A 4 13.80 8.78 6.86
C GLY A 4 13.37 7.97 5.66
N SER A 5 13.87 6.75 5.56
CA SER A 5 13.53 5.86 4.44
C SER A 5 12.11 5.33 4.58
N SER A 6 11.14 6.13 4.18
CA SER A 6 9.74 5.74 4.26
C SER A 6 9.06 5.87 2.90
N GLY A 7 7.90 5.23 2.76
CA GLY A 7 7.17 5.29 1.51
C GLY A 7 5.74 4.81 1.65
N SER A 8 4.96 5.51 2.47
CA SER A 8 3.57 5.15 2.70
C SER A 8 2.64 5.99 1.83
N GLU A 9 3.06 6.23 0.59
CA GLU A 9 2.26 7.03 -0.34
C GLU A 9 1.23 6.16 -1.06
N ALA A 10 1.60 4.90 -1.30
CA ALA A 10 0.72 3.97 -1.98
C ALA A 10 -0.66 3.93 -1.32
N TRP A 11 -0.70 4.27 -0.04
CA TRP A 11 -1.95 4.27 0.71
C TRP A 11 -3.01 5.10 -0.01
N GLU A 12 -2.58 6.08 -0.77
CA GLU A 12 -3.49 6.95 -1.51
C GLU A 12 -4.38 6.13 -2.43
N TYR A 13 -3.92 4.93 -2.78
CA TYR A 13 -4.68 4.05 -3.66
C TYR A 13 -5.38 2.96 -2.86
N PHE A 14 -5.49 3.17 -1.55
CA PHE A 14 -6.14 2.21 -0.67
C PHE A 14 -6.87 2.91 0.47
N HIS A 15 -7.85 2.23 1.04
CA HIS A 15 -8.63 2.79 2.15
C HIS A 15 -9.00 1.72 3.16
N LEU A 16 -8.64 1.93 4.42
CA LEU A 16 -8.95 0.98 5.48
C LEU A 16 -10.45 0.82 5.66
N ALA A 17 -10.86 -0.35 6.14
CA ALA A 17 -12.27 -0.64 6.36
C ALA A 17 -12.69 -0.28 7.78
N PRO A 18 -13.95 0.15 7.95
CA PRO A 18 -14.50 0.53 9.26
C PRO A 18 -14.67 -0.67 10.19
N ALA A 19 -14.71 -0.41 11.48
CA ALA A 19 -14.88 -1.47 12.47
C ALA A 19 -15.33 -0.90 13.82
N ARG A 20 -16.49 -1.34 14.28
CA ARG A 20 -17.03 -0.87 15.55
C ARG A 20 -16.60 -1.79 16.69
N ALA A 21 -16.75 -3.09 16.49
CA ALA A 21 -16.37 -4.08 17.51
C ALA A 21 -15.86 -5.36 16.86
N GLY A 22 -14.96 -6.04 17.56
CA GLY A 22 -14.40 -7.28 17.05
C GLY A 22 -12.92 -7.16 16.75
N HIS A 23 -12.56 -6.20 15.91
CA HIS A 23 -11.16 -5.99 15.54
C HIS A 23 -10.93 -4.55 15.09
N HIS A 24 -9.68 -4.10 15.18
CA HIS A 24 -9.33 -2.74 14.79
C HIS A 24 -9.65 -2.50 13.31
N PRO A 25 -9.91 -1.23 12.96
CA PRO A 25 -10.22 -0.84 11.59
C PRO A 25 -9.03 -0.96 10.65
N ASN A 26 -7.91 -1.46 11.19
CA ASN A 26 -6.70 -1.62 10.40
C ASN A 26 -6.51 -3.07 9.98
N GLN A 27 -7.63 -3.77 9.77
CA GLN A 27 -7.59 -5.17 9.38
C GLN A 27 -7.04 -5.32 7.96
N TYR A 28 -7.81 -4.89 6.97
CA TYR A 28 -7.41 -4.97 5.57
C TYR A 28 -7.49 -3.61 4.90
N ALA A 29 -6.88 -3.49 3.72
CA ALA A 29 -6.89 -2.25 2.97
C ALA A 29 -7.65 -2.40 1.65
N THR A 30 -8.60 -1.51 1.41
CA THR A 30 -9.39 -1.55 0.19
C THR A 30 -8.77 -0.68 -0.90
N CYS A 31 -8.32 -1.33 -1.97
CA CYS A 31 -7.70 -0.62 -3.09
C CYS A 31 -8.70 0.32 -3.76
N ARG A 32 -8.42 1.62 -3.70
CA ARG A 32 -9.30 2.62 -4.30
C ARG A 32 -9.12 2.66 -5.81
N LEU A 33 -8.16 1.89 -6.31
CA LEU A 33 -7.88 1.84 -7.75
C LEU A 33 -8.77 0.81 -8.43
N CYS A 34 -8.72 -0.42 -7.94
CA CYS A 34 -9.52 -1.51 -8.51
C CYS A 34 -10.68 -1.87 -7.58
N GLY A 35 -10.40 -1.91 -6.28
CA GLY A 35 -11.44 -2.25 -5.31
C GLY A 35 -11.24 -3.62 -4.71
N ARG A 36 -9.99 -4.06 -4.63
CA ARG A 36 -9.66 -5.37 -4.07
C ARG A 36 -9.20 -5.24 -2.62
N GLN A 37 -9.30 -6.34 -1.89
CA GLN A 37 -8.88 -6.36 -0.49
C GLN A 37 -7.42 -6.75 -0.35
N VAL A 38 -6.62 -5.90 0.29
CA VAL A 38 -5.21 -6.17 0.49
C VAL A 38 -4.78 -5.84 1.91
N SER A 39 -4.25 -6.85 2.60
CA SER A 39 -3.80 -6.67 3.98
C SER A 39 -2.28 -6.64 4.05
N ARG A 40 -1.75 -5.64 4.73
CA ARG A 40 -0.30 -5.49 4.88
C ARG A 40 0.30 -6.71 5.57
N GLY A 41 -0.07 -6.91 6.83
CA GLY A 41 0.44 -8.03 7.59
C GLY A 41 0.54 -7.75 9.07
N PRO A 42 0.67 -8.80 9.89
CA PRO A 42 0.78 -8.69 11.35
C PRO A 42 2.10 -8.06 11.77
N GLY A 43 2.96 -7.77 10.80
CA GLY A 43 4.26 -7.18 11.10
C GLY A 43 5.06 -6.88 9.86
N VAL A 44 4.61 -5.89 9.08
CA VAL A 44 5.30 -5.52 7.85
C VAL A 44 6.30 -4.40 8.11
N ASN A 45 7.57 -4.68 7.82
CA ASN A 45 8.63 -3.69 8.02
C ASN A 45 8.30 -2.38 7.30
N VAL A 46 8.93 -1.30 7.74
CA VAL A 46 8.72 0.01 7.13
C VAL A 46 9.50 0.15 5.83
N GLY A 47 8.89 -0.31 4.74
CA GLY A 47 9.54 -0.22 3.45
C GLY A 47 8.57 -0.42 2.29
N THR A 48 8.75 -1.52 1.56
CA THR A 48 7.89 -1.83 0.43
C THR A 48 6.49 -2.23 0.89
N THR A 49 5.70 -1.23 1.30
CA THR A 49 4.34 -1.48 1.77
C THR A 49 3.60 -2.44 0.83
N ALA A 50 3.07 -3.51 1.39
CA ALA A 50 2.33 -4.50 0.60
C ALA A 50 1.53 -3.83 -0.51
N LEU A 51 0.96 -2.66 -0.20
CA LEU A 51 0.17 -1.92 -1.18
C LEU A 51 0.94 -1.72 -2.48
N TRP A 52 2.14 -1.16 -2.37
CA TRP A 52 2.99 -0.92 -3.54
C TRP A 52 3.08 -2.17 -4.40
N LYS A 53 3.46 -3.29 -3.77
CA LYS A 53 3.59 -4.55 -4.48
C LYS A 53 2.38 -4.80 -5.38
N HIS A 54 1.19 -4.54 -4.84
CA HIS A 54 -0.04 -4.74 -5.59
C HIS A 54 -0.17 -3.71 -6.71
N LEU A 55 0.27 -2.49 -6.44
CA LEU A 55 0.21 -1.42 -7.43
C LEU A 55 1.11 -1.72 -8.62
N LYS A 56 2.34 -2.14 -8.33
CA LYS A 56 3.31 -2.47 -9.37
C LYS A 56 3.01 -3.83 -9.99
N SER A 57 2.08 -4.56 -9.38
CA SER A 57 1.70 -5.88 -9.86
C SER A 57 0.65 -5.77 -10.96
N MET A 58 -0.33 -4.91 -10.74
CA MET A 58 -1.41 -4.71 -11.71
C MET A 58 -1.48 -3.26 -12.15
N HIS A 59 -1.22 -2.35 -11.22
CA HIS A 59 -1.25 -0.92 -11.52
C HIS A 59 0.12 -0.41 -11.95
N ARG A 60 0.95 -1.33 -12.45
CA ARG A 60 2.29 -0.98 -12.89
C ARG A 60 2.26 0.18 -13.88
N GLU A 61 1.24 0.19 -14.73
CA GLU A 61 1.09 1.25 -15.74
C GLU A 61 0.70 2.56 -15.07
N GLU A 62 -0.20 2.48 -14.09
CA GLU A 62 -0.66 3.67 -13.39
C GLU A 62 0.50 4.36 -12.69
N LEU A 63 1.34 3.58 -12.01
CA LEU A 63 2.49 4.13 -11.30
C LEU A 63 3.47 4.77 -12.27
N GLU A 64 3.90 4.00 -13.26
CA GLU A 64 4.85 4.48 -14.25
C GLU A 64 4.40 5.84 -14.81
N LYS A 65 3.12 5.94 -15.12
CA LYS A 65 2.55 7.17 -15.67
C LYS A 65 2.63 8.30 -14.64
N SER A 66 2.27 7.99 -13.40
CA SER A 66 2.28 8.97 -12.32
C SER A 66 3.70 9.45 -12.06
N GLY A 67 3.83 10.44 -11.17
CA GLY A 67 5.14 10.98 -10.84
C GLY A 67 5.99 9.99 -10.08
N HIS A 68 5.39 9.28 -9.13
CA HIS A 68 6.11 8.29 -8.33
C HIS A 68 7.16 7.57 -9.18
N GLY A 69 8.25 7.17 -8.53
CA GLY A 69 9.31 6.48 -9.24
C GLY A 69 10.46 6.09 -8.33
N GLN A 70 10.78 6.97 -7.39
CA GLN A 70 11.87 6.72 -6.45
C GLN A 70 11.33 6.41 -5.05
N SER A 71 10.83 5.20 -4.88
CA SER A 71 10.28 4.77 -3.59
C SER A 71 10.96 3.51 -3.09
N GLY A 72 12.15 3.67 -2.52
CA GLY A 72 12.89 2.53 -2.03
C GLY A 72 12.68 1.28 -2.85
N PRO A 73 13.09 1.34 -4.12
CA PRO A 73 12.95 0.20 -5.05
C PRO A 73 13.88 -0.96 -4.70
N SER A 74 13.63 -2.11 -5.31
CA SER A 74 14.44 -3.30 -5.05
C SER A 74 14.36 -4.27 -6.22
N SER A 75 15.44 -5.01 -6.45
CA SER A 75 15.49 -5.97 -7.54
C SER A 75 15.36 -7.39 -7.01
N GLY A 76 14.11 -7.83 -6.81
CA GLY A 76 13.87 -9.17 -6.31
C GLY A 76 12.88 -9.19 -5.16
ZN ZN B . -5.71 -2.56 -6.88
N GLY A 1 -2.26 6.89 7.24
CA GLY A 1 -1.62 8.19 7.42
C GLY A 1 -0.93 8.32 8.75
N SER A 2 0.37 8.00 8.79
CA SER A 2 1.14 8.08 10.02
C SER A 2 2.07 9.30 10.00
N SER A 3 2.30 9.88 11.18
CA SER A 3 3.15 11.05 11.30
C SER A 3 4.61 10.68 11.00
N GLY A 4 4.94 10.63 9.71
CA GLY A 4 6.30 10.29 9.32
C GLY A 4 6.58 10.60 7.86
N SER A 5 7.86 10.75 7.52
CA SER A 5 8.25 11.05 6.15
C SER A 5 8.93 9.86 5.50
N SER A 6 8.11 8.95 4.95
CA SER A 6 8.64 7.76 4.29
C SER A 6 7.57 7.12 3.40
N GLY A 7 7.82 7.17 2.09
CA GLY A 7 6.87 6.60 1.15
C GLY A 7 5.43 6.75 1.60
N SER A 8 4.87 5.69 2.15
CA SER A 8 3.49 5.72 2.63
C SER A 8 2.58 6.43 1.61
N GLU A 9 2.98 6.38 0.34
CA GLU A 9 2.21 7.03 -0.72
C GLU A 9 1.21 6.04 -1.33
N ALA A 10 1.61 4.78 -1.41
CA ALA A 10 0.74 3.75 -1.96
C ALA A 10 -0.66 3.80 -1.35
N TRP A 11 -0.73 4.25 -0.10
CA TRP A 11 -2.00 4.36 0.61
C TRP A 11 -3.01 5.15 -0.22
N GLU A 12 -2.51 6.09 -1.02
CA GLU A 12 -3.38 6.91 -1.85
C GLU A 12 -4.23 6.05 -2.77
N TYR A 13 -3.78 4.82 -3.01
CA TYR A 13 -4.51 3.90 -3.87
C TYR A 13 -5.24 2.85 -3.05
N PHE A 14 -5.44 3.14 -1.76
CA PHE A 14 -6.13 2.22 -0.87
C PHE A 14 -6.84 2.98 0.24
N HIS A 15 -7.86 2.36 0.82
CA HIS A 15 -8.62 2.98 1.91
C HIS A 15 -8.91 1.98 3.01
N LEU A 16 -8.62 2.35 4.25
CA LEU A 16 -8.85 1.49 5.39
C LEU A 16 -10.34 1.35 5.68
N ALA A 17 -10.73 0.18 6.16
CA ALA A 17 -12.13 -0.09 6.49
C ALA A 17 -12.43 0.24 7.94
N PRO A 18 -13.70 0.53 8.24
CA PRO A 18 -14.15 0.87 9.60
C PRO A 18 -14.11 -0.33 10.53
N ALA A 19 -13.71 -0.09 11.78
CA ALA A 19 -13.63 -1.16 12.78
C ALA A 19 -15.02 -1.61 13.20
N ARG A 20 -15.36 -2.86 12.86
CA ARG A 20 -16.66 -3.41 13.20
C ARG A 20 -16.52 -4.48 14.28
N ALA A 21 -15.58 -5.41 14.07
CA ALA A 21 -15.35 -6.49 15.02
C ALA A 21 -14.42 -6.03 16.15
N GLY A 22 -14.59 -4.79 16.58
CA GLY A 22 -13.75 -4.25 17.64
C GLY A 22 -12.35 -3.92 17.18
N HIS A 23 -11.62 -4.95 16.73
CA HIS A 23 -10.26 -4.76 16.25
C HIS A 23 -10.12 -3.43 15.52
N HIS A 24 -9.02 -2.73 15.79
CA HIS A 24 -8.76 -1.44 15.15
C HIS A 24 -9.14 -1.48 13.68
N PRO A 25 -9.47 -0.30 13.12
CA PRO A 25 -9.85 -0.17 11.71
C PRO A 25 -8.67 -0.41 10.77
N ASN A 26 -7.49 -0.64 11.34
CA ASN A 26 -6.30 -0.88 10.54
C ASN A 26 -6.15 -2.36 10.23
N GLN A 27 -7.25 -3.01 9.88
CA GLN A 27 -7.23 -4.43 9.56
C GLN A 27 -6.74 -4.66 8.12
N TYR A 28 -7.61 -4.37 7.16
CA TYR A 28 -7.26 -4.54 5.75
C TYR A 28 -7.31 -3.20 5.01
N ALA A 29 -6.89 -3.22 3.75
CA ALA A 29 -6.89 -2.02 2.93
C ALA A 29 -7.60 -2.26 1.60
N THR A 30 -8.61 -1.42 1.32
CA THR A 30 -9.38 -1.54 0.09
C THR A 30 -8.74 -0.74 -1.03
N CYS A 31 -8.32 -1.42 -2.09
CA CYS A 31 -7.69 -0.76 -3.23
C CYS A 31 -8.68 0.18 -3.93
N ARG A 32 -8.34 1.47 -3.97
CA ARG A 32 -9.20 2.46 -4.60
C ARG A 32 -9.02 2.45 -6.12
N LEU A 33 -8.14 1.57 -6.60
CA LEU A 33 -7.87 1.46 -8.03
C LEU A 33 -8.78 0.41 -8.67
N CYS A 34 -8.81 -0.78 -8.09
CA CYS A 34 -9.64 -1.87 -8.61
C CYS A 34 -10.74 -2.22 -7.62
N GLY A 35 -10.42 -2.18 -6.33
CA GLY A 35 -11.39 -2.50 -5.31
C GLY A 35 -11.11 -3.83 -4.64
N ARG A 36 -9.84 -4.23 -4.63
CA ARG A 36 -9.44 -5.50 -4.02
C ARG A 36 -8.89 -5.27 -2.62
N GLN A 37 -9.19 -6.20 -1.71
CA GLN A 37 -8.73 -6.10 -0.33
C GLN A 37 -7.29 -6.59 -0.20
N VAL A 38 -6.44 -5.76 0.39
CA VAL A 38 -5.03 -6.12 0.58
C VAL A 38 -4.57 -5.81 1.99
N SER A 39 -4.28 -6.85 2.77
CA SER A 39 -3.83 -6.67 4.14
C SER A 39 -2.31 -6.73 4.23
N ARG A 40 -1.75 -5.97 5.16
CA ARG A 40 -0.31 -5.91 5.34
C ARG A 40 0.15 -6.93 6.39
N GLY A 41 -0.44 -6.85 7.58
CA GLY A 41 -0.09 -7.76 8.65
C GLY A 41 -0.11 -7.09 10.01
N PRO A 42 0.21 -7.87 11.06
CA PRO A 42 0.23 -7.38 12.43
C PRO A 42 1.39 -6.41 12.68
N GLY A 43 2.15 -6.12 11.63
CA GLY A 43 3.28 -5.22 11.75
C GLY A 43 4.00 -5.02 10.44
N VAL A 44 3.34 -4.35 9.49
CA VAL A 44 3.93 -4.09 8.18
C VAL A 44 5.36 -3.57 8.32
N ASN A 45 6.26 -4.10 7.50
CA ASN A 45 7.66 -3.68 7.52
C ASN A 45 7.81 -2.27 6.97
N VAL A 46 8.79 -1.54 7.50
CA VAL A 46 9.05 -0.17 7.06
C VAL A 46 9.82 -0.16 5.73
N GLY A 47 9.09 -0.17 4.63
CA GLY A 47 9.72 -0.15 3.32
C GLY A 47 8.71 -0.22 2.19
N THR A 48 8.74 -1.32 1.44
CA THR A 48 7.83 -1.51 0.32
C THR A 48 6.46 -1.96 0.80
N THR A 49 5.63 -1.00 1.21
CA THR A 49 4.29 -1.31 1.70
C THR A 49 3.62 -2.37 0.83
N ALA A 50 3.13 -3.42 1.48
CA ALA A 50 2.46 -4.51 0.77
C ALA A 50 1.63 -3.98 -0.39
N LEU A 51 1.00 -2.84 -0.18
CA LEU A 51 0.17 -2.22 -1.22
C LEU A 51 0.96 -2.03 -2.52
N TRP A 52 2.15 -1.46 -2.40
CA TRP A 52 3.00 -1.23 -3.57
C TRP A 52 3.11 -2.49 -4.41
N LYS A 53 3.38 -3.62 -3.76
CA LYS A 53 3.51 -4.90 -4.45
C LYS A 53 2.31 -5.14 -5.36
N HIS A 54 1.13 -4.77 -4.88
CA HIS A 54 -0.10 -4.96 -5.65
C HIS A 54 -0.19 -3.94 -6.78
N LEU A 55 0.17 -2.70 -6.49
CA LEU A 55 0.13 -1.63 -7.48
C LEU A 55 1.06 -1.93 -8.65
N LYS A 56 2.30 -2.29 -8.33
CA LYS A 56 3.29 -2.60 -9.35
C LYS A 56 3.02 -3.98 -9.96
N SER A 57 2.09 -4.71 -9.35
CA SER A 57 1.75 -6.04 -9.83
C SER A 57 0.73 -5.96 -10.97
N MET A 58 -0.24 -5.06 -10.82
CA MET A 58 -1.28 -4.88 -11.84
C MET A 58 -1.37 -3.42 -12.27
N HIS A 59 -1.12 -2.52 -11.33
CA HIS A 59 -1.18 -1.08 -11.61
C HIS A 59 0.21 -0.54 -11.93
N ARG A 60 1.09 -1.42 -12.43
CA ARG A 60 2.44 -1.02 -12.78
C ARG A 60 2.43 0.15 -13.74
N GLU A 61 1.42 0.21 -14.61
CA GLU A 61 1.30 1.29 -15.57
C GLU A 61 0.81 2.57 -14.92
N GLU A 62 -0.19 2.45 -14.06
CA GLU A 62 -0.75 3.59 -13.35
C GLU A 62 0.34 4.35 -12.60
N LEU A 63 1.16 3.61 -11.86
CA LEU A 63 2.23 4.21 -11.08
C LEU A 63 3.13 5.05 -11.98
N GLU A 64 3.71 4.43 -13.00
CA GLU A 64 4.58 5.12 -13.93
C GLU A 64 3.98 6.46 -14.36
N LYS A 65 2.72 6.41 -14.77
CA LYS A 65 2.02 7.62 -15.22
C LYS A 65 2.13 8.72 -14.18
N SER A 66 2.10 8.34 -12.91
CA SER A 66 2.20 9.30 -11.81
C SER A 66 3.65 9.62 -11.50
N GLY A 67 4.50 9.59 -12.52
CA GLY A 67 5.91 9.88 -12.32
C GLY A 67 6.50 9.10 -11.17
N HIS A 68 6.28 7.79 -11.15
CA HIS A 68 6.80 6.93 -10.09
C HIS A 68 7.82 5.95 -10.64
N GLY A 69 9.10 6.20 -10.35
CA GLY A 69 10.16 5.33 -10.82
C GLY A 69 11.26 5.16 -9.80
N GLN A 70 11.72 3.92 -9.64
CA GLN A 70 12.78 3.62 -8.68
C GLN A 70 12.34 3.95 -7.25
N SER A 71 11.06 3.72 -6.97
CA SER A 71 10.52 3.99 -5.64
C SER A 71 10.80 2.84 -4.69
N GLY A 72 11.97 2.23 -4.83
CA GLY A 72 12.33 1.12 -3.97
C GLY A 72 13.40 0.23 -4.60
N PRO A 73 14.44 -0.09 -3.81
CA PRO A 73 15.55 -0.93 -4.27
C PRO A 73 15.13 -2.38 -4.48
N SER A 74 13.89 -2.69 -4.11
CA SER A 74 13.36 -4.04 -4.25
C SER A 74 12.74 -4.24 -5.63
N SER A 75 13.45 -3.80 -6.67
CA SER A 75 12.97 -3.92 -8.04
C SER A 75 13.72 -5.01 -8.79
N GLY A 76 13.98 -6.13 -8.10
CA GLY A 76 14.70 -7.22 -8.71
C GLY A 76 13.83 -8.03 -9.65
ZN ZN B . -5.79 -2.80 -7.08
N GLY A 1 16.58 6.67 16.97
CA GLY A 1 15.36 6.94 16.23
C GLY A 1 15.64 7.27 14.78
N SER A 2 16.07 6.27 14.02
CA SER A 2 16.37 6.46 12.60
C SER A 2 15.29 5.85 11.73
N SER A 3 14.50 6.71 11.09
CA SER A 3 13.42 6.26 10.22
C SER A 3 13.87 6.23 8.77
N GLY A 4 14.51 7.30 8.32
CA GLY A 4 14.99 7.38 6.95
C GLY A 4 13.88 7.71 5.97
N SER A 5 14.15 7.51 4.69
CA SER A 5 13.16 7.80 3.65
C SER A 5 12.00 6.81 3.71
N SER A 6 10.82 7.28 3.33
CA SER A 6 9.63 6.44 3.34
C SER A 6 8.72 6.76 2.15
N GLY A 7 7.75 5.88 1.90
CA GLY A 7 6.84 6.08 0.80
C GLY A 7 5.43 5.62 1.11
N SER A 8 4.64 6.48 1.76
CA SER A 8 3.28 6.14 2.13
C SER A 8 2.30 6.62 1.06
N GLU A 9 2.80 6.81 -0.15
CA GLU A 9 1.97 7.27 -1.26
C GLU A 9 0.99 6.19 -1.69
N ALA A 10 1.44 4.94 -1.64
CA ALA A 10 0.61 3.80 -2.03
C ALA A 10 -0.76 3.87 -1.35
N TRP A 11 -0.77 4.34 -0.11
CA TRP A 11 -2.01 4.45 0.65
C TRP A 11 -3.05 5.26 -0.13
N GLU A 12 -2.58 6.18 -0.96
CA GLU A 12 -3.46 7.02 -1.76
C GLU A 12 -4.31 6.17 -2.71
N TYR A 13 -3.97 4.89 -2.79
CA TYR A 13 -4.69 3.97 -3.67
C TYR A 13 -5.38 2.86 -2.86
N PHE A 14 -5.55 3.12 -1.57
CA PHE A 14 -6.19 2.15 -0.69
C PHE A 14 -6.88 2.85 0.49
N HIS A 15 -7.87 2.18 1.05
CA HIS A 15 -8.62 2.74 2.19
C HIS A 15 -8.97 1.65 3.19
N LEU A 16 -8.61 1.88 4.45
CA LEU A 16 -8.89 0.92 5.51
C LEU A 16 -10.40 0.77 5.74
N ALA A 17 -10.83 -0.45 6.00
CA ALA A 17 -12.25 -0.72 6.23
C ALA A 17 -12.57 -0.66 7.73
N PRO A 18 -13.76 -0.13 8.05
CA PRO A 18 -14.22 -0.01 9.43
C PRO A 18 -14.54 -1.36 10.07
N ALA A 19 -14.29 -1.48 11.37
CA ALA A 19 -14.55 -2.72 12.09
C ALA A 19 -15.73 -2.55 13.05
N ARG A 20 -16.35 -3.67 13.41
CA ARG A 20 -17.48 -3.65 14.33
C ARG A 20 -17.13 -4.29 15.65
N ALA A 21 -16.45 -5.44 15.59
CA ALA A 21 -16.05 -6.16 16.79
C ALA A 21 -14.78 -5.56 17.39
N GLY A 22 -14.36 -6.09 18.54
CA GLY A 22 -13.17 -5.59 19.19
C GLY A 22 -12.03 -5.33 18.21
N HIS A 23 -11.92 -6.19 17.20
CA HIS A 23 -10.88 -6.04 16.19
C HIS A 23 -10.75 -4.60 15.74
N HIS A 24 -9.56 -4.03 15.92
CA HIS A 24 -9.30 -2.64 15.54
C HIS A 24 -9.80 -2.38 14.12
N PRO A 25 -10.05 -1.10 13.82
CA PRO A 25 -10.54 -0.68 12.50
C PRO A 25 -9.48 -0.82 11.42
N ASN A 26 -8.33 -1.35 11.80
CA ASN A 26 -7.22 -1.54 10.87
C ASN A 26 -7.01 -3.03 10.57
N GLN A 27 -7.85 -3.58 9.70
CA GLN A 27 -7.75 -4.98 9.33
C GLN A 27 -7.14 -5.14 7.95
N TYR A 28 -7.91 -4.79 6.92
CA TYR A 28 -7.46 -4.89 5.54
C TYR A 28 -7.50 -3.53 4.84
N ALA A 29 -6.89 -3.46 3.67
CA ALA A 29 -6.86 -2.22 2.90
C ALA A 29 -7.62 -2.37 1.59
N THR A 30 -8.62 -1.51 1.40
CA THR A 30 -9.44 -1.55 0.19
C THR A 30 -8.83 -0.70 -0.91
N CYS A 31 -8.34 -1.35 -1.96
CA CYS A 31 -7.73 -0.65 -3.09
C CYS A 31 -8.72 0.28 -3.75
N ARG A 32 -8.40 1.57 -3.78
CA ARG A 32 -9.26 2.56 -4.39
C ARG A 32 -9.06 2.62 -5.90
N LEU A 33 -8.15 1.78 -6.40
CA LEU A 33 -7.86 1.73 -7.83
C LEU A 33 -8.70 0.66 -8.52
N CYS A 34 -8.71 -0.54 -7.95
CA CYS A 34 -9.47 -1.64 -8.50
C CYS A 34 -10.63 -2.03 -7.59
N GLY A 35 -10.37 -1.99 -6.28
CA GLY A 35 -11.39 -2.33 -5.31
C GLY A 35 -11.14 -3.68 -4.65
N ARG A 36 -9.87 -4.08 -4.61
CA ARG A 36 -9.50 -5.36 -4.00
C ARG A 36 -8.95 -5.15 -2.60
N GLN A 37 -9.23 -6.10 -1.71
CA GLN A 37 -8.76 -6.03 -0.34
C GLN A 37 -7.36 -6.61 -0.20
N VAL A 38 -6.45 -5.85 0.39
CA VAL A 38 -5.07 -6.29 0.59
C VAL A 38 -4.60 -6.02 2.00
N SER A 39 -4.17 -7.07 2.69
CA SER A 39 -3.69 -6.95 4.06
C SER A 39 -2.26 -6.43 4.09
N ARG A 40 -1.90 -5.77 5.19
CA ARG A 40 -0.57 -5.22 5.35
C ARG A 40 0.46 -6.32 5.62
N GLY A 41 0.26 -7.04 6.72
CA GLY A 41 1.17 -8.12 7.08
C GLY A 41 2.32 -7.65 7.94
N PRO A 42 3.08 -8.61 8.49
CA PRO A 42 4.23 -8.31 9.35
C PRO A 42 5.38 -7.68 8.59
N GLY A 43 5.48 -6.35 8.65
CA GLY A 43 6.53 -5.65 7.95
C GLY A 43 6.01 -4.59 7.00
N VAL A 44 5.08 -3.77 7.48
CA VAL A 44 4.49 -2.72 6.66
C VAL A 44 5.07 -1.35 7.03
N ASN A 45 4.86 -0.37 6.16
CA ASN A 45 5.35 0.98 6.40
C ASN A 45 6.80 0.95 6.86
N VAL A 46 7.61 0.12 6.22
CA VAL A 46 9.02 -0.01 6.57
C VAL A 46 9.91 0.22 5.35
N GLY A 47 9.49 -0.32 4.21
CA GLY A 47 10.26 -0.17 2.99
C GLY A 47 9.39 -0.18 1.75
N THR A 48 8.62 -1.25 1.58
CA THR A 48 7.74 -1.38 0.42
C THR A 48 6.33 -1.79 0.85
N THR A 49 5.51 -0.80 1.20
CA THR A 49 4.14 -1.06 1.62
C THR A 49 3.52 -2.20 0.82
N ALA A 50 3.02 -3.21 1.52
CA ALA A 50 2.39 -4.35 0.87
C ALA A 50 1.55 -3.91 -0.32
N LEU A 51 0.97 -2.72 -0.23
CA LEU A 51 0.14 -2.19 -1.30
C LEU A 51 0.95 -1.97 -2.57
N TRP A 52 2.15 -1.42 -2.41
CA TRP A 52 3.03 -1.16 -3.54
C TRP A 52 3.18 -2.41 -4.40
N LYS A 53 3.32 -3.57 -3.74
CA LYS A 53 3.48 -4.83 -4.45
C LYS A 53 2.27 -5.12 -5.33
N HIS A 54 1.11 -4.61 -4.93
CA HIS A 54 -0.12 -4.80 -5.69
C HIS A 54 -0.27 -3.74 -6.77
N LEU A 55 0.20 -2.54 -6.48
CA LEU A 55 0.12 -1.43 -7.43
C LEU A 55 1.04 -1.66 -8.61
N LYS A 56 2.28 -2.04 -8.32
CA LYS A 56 3.26 -2.30 -9.37
C LYS A 56 3.03 -3.65 -10.01
N SER A 57 2.15 -4.45 -9.42
CA SER A 57 1.83 -5.78 -9.93
C SER A 57 0.74 -5.70 -10.99
N MET A 58 -0.25 -4.84 -10.76
CA MET A 58 -1.35 -4.68 -11.70
C MET A 58 -1.47 -3.23 -12.14
N HIS A 59 -1.19 -2.30 -11.22
CA HIS A 59 -1.27 -0.88 -11.52
C HIS A 59 0.09 -0.33 -11.92
N ARG A 60 0.95 -1.21 -12.45
CA ARG A 60 2.28 -0.81 -12.87
C ARG A 60 2.23 0.37 -13.81
N GLU A 61 1.23 0.39 -14.68
CA GLU A 61 1.07 1.47 -15.64
C GLU A 61 0.64 2.76 -14.95
N GLU A 62 -0.29 2.64 -14.01
CA GLU A 62 -0.78 3.79 -13.26
C GLU A 62 0.35 4.44 -12.46
N LEU A 63 1.29 3.62 -12.02
CA LEU A 63 2.43 4.11 -11.23
C LEU A 63 3.45 4.79 -12.13
N GLU A 64 4.01 4.04 -13.08
CA GLU A 64 5.00 4.57 -13.99
C GLU A 64 4.48 5.84 -14.68
N LYS A 65 3.29 5.73 -15.27
CA LYS A 65 2.68 6.87 -15.96
C LYS A 65 2.80 8.14 -15.13
N SER A 66 2.79 7.99 -13.81
CA SER A 66 2.88 9.12 -12.91
C SER A 66 4.34 9.43 -12.58
N GLY A 67 5.06 8.42 -12.10
CA GLY A 67 6.46 8.59 -11.76
C GLY A 67 6.84 7.86 -10.49
N HIS A 68 6.19 6.73 -10.24
CA HIS A 68 6.46 5.94 -9.04
C HIS A 68 7.03 4.56 -9.42
N GLY A 69 7.85 4.54 -10.46
CA GLY A 69 8.44 3.28 -10.90
C GLY A 69 9.51 2.78 -9.95
N GLN A 70 10.54 3.59 -9.75
CA GLN A 70 11.64 3.22 -8.86
C GLN A 70 11.47 3.87 -7.49
N SER A 71 10.54 3.35 -6.70
CA SER A 71 10.27 3.90 -5.37
C SER A 71 11.19 3.24 -4.34
N GLY A 72 11.25 1.92 -4.35
CA GLY A 72 12.09 1.20 -3.41
C GLY A 72 12.53 -0.15 -3.94
N PRO A 73 13.49 -0.78 -3.24
CA PRO A 73 14.01 -2.10 -3.63
C PRO A 73 13.00 -3.21 -3.44
N SER A 74 13.06 -4.22 -4.29
CA SER A 74 12.14 -5.34 -4.22
C SER A 74 12.87 -6.61 -3.79
N SER A 75 12.53 -7.12 -2.61
CA SER A 75 13.16 -8.32 -2.08
C SER A 75 12.31 -9.55 -2.38
N GLY A 76 12.56 -10.18 -3.52
CA GLY A 76 11.80 -11.35 -3.91
C GLY A 76 12.71 -12.53 -4.25
ZN ZN B . -5.73 -2.59 -6.92
N GLY A 1 -4.14 5.60 7.27
CA GLY A 1 -2.80 5.77 7.81
C GLY A 1 -2.34 7.20 7.76
N SER A 2 -1.47 7.57 8.70
CA SER A 2 -0.94 8.93 8.76
C SER A 2 0.58 8.93 8.67
N SER A 3 1.22 8.16 9.53
CA SER A 3 2.67 8.07 9.55
C SER A 3 3.19 7.26 8.36
N GLY A 4 4.45 7.48 8.00
CA GLY A 4 5.03 6.76 6.88
C GLY A 4 6.52 6.57 7.04
N SER A 5 7.01 5.38 6.69
CA SER A 5 8.43 5.07 6.81
C SER A 5 9.14 5.27 5.47
N SER A 6 9.38 6.53 5.12
CA SER A 6 10.04 6.87 3.86
C SER A 6 9.24 6.36 2.67
N GLY A 7 7.93 6.55 2.71
CA GLY A 7 7.07 6.10 1.64
C GLY A 7 5.61 6.08 2.02
N SER A 8 5.07 4.88 2.25
CA SER A 8 3.67 4.72 2.63
C SER A 8 2.79 5.69 1.84
N GLU A 9 3.16 5.94 0.59
CA GLU A 9 2.40 6.85 -0.26
C GLU A 9 1.36 6.08 -1.08
N ALA A 10 1.61 4.80 -1.30
CA ALA A 10 0.68 3.96 -2.05
C ALA A 10 -0.70 3.94 -1.40
N TRP A 11 -0.75 4.28 -0.13
CA TRP A 11 -2.01 4.31 0.61
C TRP A 11 -3.06 5.12 -0.14
N GLU A 12 -2.61 6.08 -0.92
CA GLU A 12 -3.50 6.94 -1.69
C GLU A 12 -4.42 6.10 -2.57
N TYR A 13 -3.96 4.91 -2.95
CA TYR A 13 -4.74 4.01 -3.79
C TYR A 13 -5.41 2.92 -2.96
N PHE A 14 -5.53 3.18 -1.65
CA PHE A 14 -6.15 2.22 -0.75
C PHE A 14 -6.86 2.95 0.39
N HIS A 15 -7.83 2.27 1.01
CA HIS A 15 -8.58 2.85 2.11
C HIS A 15 -8.87 1.81 3.18
N LEU A 16 -8.56 2.13 4.43
CA LEU A 16 -8.78 1.22 5.55
C LEU A 16 -10.26 0.96 5.75
N ALA A 17 -10.60 -0.26 6.17
CA ALA A 17 -11.98 -0.64 6.41
C ALA A 17 -12.38 -0.38 7.85
N PRO A 18 -13.58 0.18 8.05
CA PRO A 18 -14.12 0.49 9.38
C PRO A 18 -14.46 -0.76 10.17
N ALA A 19 -14.45 -0.64 11.49
CA ALA A 19 -14.78 -1.77 12.37
C ALA A 19 -16.27 -1.79 12.70
N ARG A 20 -17.02 -2.57 11.95
CA ARG A 20 -18.47 -2.69 12.17
C ARG A 20 -18.75 -3.41 13.48
N ALA A 21 -18.47 -2.75 14.59
CA ALA A 21 -18.71 -3.32 15.91
C ALA A 21 -18.38 -4.81 15.93
N GLY A 22 -17.26 -5.17 15.31
CA GLY A 22 -16.85 -6.57 15.26
C GLY A 22 -15.41 -6.73 14.83
N HIS A 23 -15.20 -6.92 13.53
CA HIS A 23 -13.85 -7.10 12.99
C HIS A 23 -12.98 -5.90 13.30
N HIS A 24 -11.98 -6.10 14.16
CA HIS A 24 -11.07 -5.02 14.54
C HIS A 24 -10.68 -4.18 13.32
N PRO A 25 -10.59 -2.86 13.52
CA PRO A 25 -10.23 -1.92 12.46
C PRO A 25 -8.77 -2.05 12.05
N ASN A 26 -8.36 -1.26 11.06
CA ASN A 26 -6.99 -1.28 10.58
C ASN A 26 -6.54 -2.71 10.28
N GLN A 27 -7.46 -3.52 9.76
CA GLN A 27 -7.16 -4.91 9.43
C GLN A 27 -6.67 -5.04 7.99
N TYR A 28 -7.58 -4.85 7.05
CA TYR A 28 -7.24 -4.95 5.63
C TYR A 28 -7.43 -3.61 4.93
N ALA A 29 -6.82 -3.48 3.75
CA ALA A 29 -6.92 -2.24 2.98
C ALA A 29 -7.70 -2.46 1.69
N THR A 30 -8.53 -1.50 1.33
CA THR A 30 -9.34 -1.59 0.11
C THR A 30 -8.75 -0.72 -1.00
N CYS A 31 -8.34 -1.36 -2.08
CA CYS A 31 -7.76 -0.64 -3.22
C CYS A 31 -8.79 0.29 -3.84
N ARG A 32 -8.46 1.58 -3.89
CA ARG A 32 -9.36 2.58 -4.48
C ARG A 32 -9.23 2.60 -6.00
N LEU A 33 -8.31 1.81 -6.52
CA LEU A 33 -8.09 1.73 -7.95
C LEU A 33 -8.97 0.66 -8.59
N CYS A 34 -8.88 -0.55 -8.07
CA CYS A 34 -9.66 -1.67 -8.59
C CYS A 34 -10.80 -2.02 -7.62
N GLY A 35 -10.49 -2.04 -6.33
CA GLY A 35 -11.49 -2.36 -5.33
C GLY A 35 -11.23 -3.70 -4.68
N ARG A 36 -9.97 -4.12 -4.65
CA ARG A 36 -9.60 -5.39 -4.05
C ARG A 36 -9.16 -5.20 -2.60
N GLN A 37 -8.92 -6.31 -1.91
CA GLN A 37 -8.49 -6.26 -0.52
C GLN A 37 -7.03 -6.67 -0.38
N VAL A 38 -6.23 -5.82 0.26
CA VAL A 38 -4.81 -6.09 0.46
C VAL A 38 -4.38 -5.78 1.89
N SER A 39 -4.05 -6.81 2.65
CA SER A 39 -3.63 -6.64 4.03
C SER A 39 -2.11 -6.46 4.12
N ARG A 40 -1.68 -5.77 5.17
CA ARG A 40 -0.25 -5.51 5.37
C ARG A 40 0.28 -6.30 6.56
N GLY A 41 -0.45 -6.26 7.66
CA GLY A 41 -0.04 -6.98 8.86
C GLY A 41 0.28 -6.04 10.01
N PRO A 42 0.43 -6.62 11.22
CA PRO A 42 0.74 -5.85 12.43
C PRO A 42 2.15 -5.28 12.41
N GLY A 43 2.89 -5.55 11.34
CA GLY A 43 4.25 -5.06 11.21
C GLY A 43 4.58 -4.64 9.80
N VAL A 44 4.70 -5.61 8.90
CA VAL A 44 5.03 -5.34 7.50
C VAL A 44 6.15 -4.32 7.40
N ASN A 45 7.06 -4.33 8.37
CA ASN A 45 8.18 -3.41 8.38
C ASN A 45 9.32 -3.93 7.51
N VAL A 46 9.19 -3.74 6.20
CA VAL A 46 10.20 -4.18 5.25
C VAL A 46 10.63 -3.04 4.34
N GLY A 47 9.65 -2.31 3.82
CA GLY A 47 9.95 -1.20 2.93
C GLY A 47 8.84 -0.96 1.92
N THR A 48 8.66 -1.90 1.01
CA THR A 48 7.63 -1.78 -0.02
C THR A 48 6.27 -2.22 0.51
N THR A 49 5.56 -1.28 1.13
CA THR A 49 4.24 -1.56 1.67
C THR A 49 3.47 -2.54 0.80
N ALA A 50 2.93 -3.59 1.41
CA ALA A 50 2.18 -4.59 0.68
C ALA A 50 1.37 -3.96 -0.45
N LEU A 51 0.86 -2.76 -0.20
CA LEU A 51 0.06 -2.05 -1.20
C LEU A 51 0.85 -1.86 -2.49
N TRP A 52 2.04 -1.27 -2.37
CA TRP A 52 2.89 -1.03 -3.52
C TRP A 52 2.99 -2.28 -4.39
N LYS A 53 3.37 -3.40 -3.78
CA LYS A 53 3.49 -4.66 -4.50
C LYS A 53 2.30 -4.90 -5.41
N HIS A 54 1.10 -4.65 -4.87
CA HIS A 54 -0.13 -4.83 -5.63
C HIS A 54 -0.23 -3.82 -6.76
N LEU A 55 0.10 -2.56 -6.46
CA LEU A 55 0.05 -1.49 -7.46
C LEU A 55 0.99 -1.79 -8.61
N LYS A 56 2.21 -2.17 -8.30
CA LYS A 56 3.21 -2.49 -9.32
C LYS A 56 2.94 -3.85 -9.93
N SER A 57 2.01 -4.59 -9.34
CA SER A 57 1.66 -5.92 -9.83
C SER A 57 0.63 -5.83 -10.95
N MET A 58 -0.33 -4.92 -10.79
CA MET A 58 -1.38 -4.72 -11.79
C MET A 58 -1.47 -3.26 -12.21
N HIS A 59 -1.22 -2.36 -11.27
CA HIS A 59 -1.28 -0.93 -11.53
C HIS A 59 0.10 -0.39 -11.91
N ARG A 60 0.99 -1.30 -12.34
CA ARG A 60 2.34 -0.92 -12.72
C ARG A 60 2.32 0.28 -13.67
N GLU A 61 1.31 0.33 -14.54
CA GLU A 61 1.19 1.42 -15.49
C GLU A 61 0.75 2.70 -14.79
N GLU A 62 -0.26 2.59 -13.94
CA GLU A 62 -0.77 3.75 -13.20
C GLU A 62 0.35 4.42 -12.41
N LEU A 63 1.31 3.63 -11.95
CA LEU A 63 2.42 4.14 -11.17
C LEU A 63 3.44 4.84 -12.08
N GLU A 64 3.91 4.11 -13.09
CA GLU A 64 4.89 4.66 -14.03
C GLU A 64 4.36 5.94 -14.67
N LYS A 65 3.16 5.87 -15.21
CA LYS A 65 2.53 7.03 -15.86
C LYS A 65 2.65 8.26 -14.97
N SER A 66 2.63 8.05 -13.67
CA SER A 66 2.72 9.15 -12.71
C SER A 66 4.17 9.44 -12.35
N GLY A 67 4.78 8.50 -11.62
CA GLY A 67 6.16 8.66 -11.20
C GLY A 67 6.46 8.01 -9.88
N HIS A 68 5.82 6.87 -9.63
CA HIS A 68 6.01 6.13 -8.38
C HIS A 68 6.53 4.72 -8.66
N GLY A 69 7.43 4.60 -9.63
CA GLY A 69 7.98 3.29 -9.97
C GLY A 69 9.12 2.89 -9.06
N GLN A 70 10.15 3.73 -9.01
CA GLN A 70 11.31 3.45 -8.17
C GLN A 70 11.11 4.00 -6.76
N SER A 71 10.39 3.24 -5.93
CA SER A 71 10.13 3.65 -4.57
C SER A 71 11.00 2.87 -3.58
N GLY A 72 11.09 1.56 -3.79
CA GLY A 72 11.89 0.72 -2.93
C GLY A 72 13.38 0.98 -3.07
N PRO A 73 14.05 1.26 -1.95
CA PRO A 73 15.50 1.54 -1.94
C PRO A 73 16.33 0.29 -2.24
N SER A 74 16.00 -0.81 -1.58
CA SER A 74 16.72 -2.07 -1.78
C SER A 74 16.26 -2.76 -3.06
N SER A 75 17.15 -3.52 -3.66
CA SER A 75 16.84 -4.24 -4.90
C SER A 75 17.09 -5.73 -4.73
N GLY A 76 16.08 -6.44 -4.24
CA GLY A 76 16.20 -7.88 -4.04
C GLY A 76 15.31 -8.38 -2.92
ZN ZN B . -5.78 -2.60 -7.02
N GLY A 1 19.00 6.55 5.17
CA GLY A 1 18.29 6.74 6.42
C GLY A 1 17.47 8.00 6.45
N SER A 2 17.20 8.50 7.65
CA SER A 2 16.41 9.72 7.81
C SER A 2 15.21 9.72 6.87
N SER A 3 14.56 8.56 6.76
CA SER A 3 13.39 8.42 5.89
C SER A 3 12.17 9.08 6.51
N GLY A 4 11.73 10.19 5.90
CA GLY A 4 10.57 10.90 6.41
C GLY A 4 9.27 10.26 5.98
N SER A 5 8.44 11.02 5.27
CA SER A 5 7.15 10.52 4.81
C SER A 5 7.19 10.22 3.31
N SER A 6 8.28 9.62 2.86
CA SER A 6 8.45 9.28 1.45
C SER A 6 8.34 7.77 1.24
N GLY A 7 7.13 7.30 0.97
CA GLY A 7 6.92 5.88 0.75
C GLY A 7 5.49 5.45 1.01
N SER A 8 4.81 6.18 1.89
CA SER A 8 3.43 5.87 2.23
C SER A 8 2.47 6.48 1.21
N GLU A 9 2.89 6.51 -0.04
CA GLU A 9 2.07 7.08 -1.11
C GLU A 9 1.05 6.05 -1.61
N ALA A 10 1.48 4.79 -1.69
CA ALA A 10 0.60 3.72 -2.16
C ALA A 10 -0.75 3.77 -1.45
N TRP A 11 -0.72 4.19 -0.19
CA TRP A 11 -1.95 4.28 0.60
C TRP A 11 -3.01 5.09 -0.12
N GLU A 12 -2.58 6.07 -0.90
CA GLU A 12 -3.49 6.93 -1.64
C GLU A 12 -4.37 6.09 -2.57
N TYR A 13 -3.99 4.84 -2.77
CA TYR A 13 -4.74 3.94 -3.64
C TYR A 13 -5.42 2.85 -2.82
N PHE A 14 -5.57 3.09 -1.52
CA PHE A 14 -6.22 2.14 -0.63
C PHE A 14 -6.92 2.85 0.52
N HIS A 15 -7.95 2.20 1.07
CA HIS A 15 -8.72 2.77 2.17
C HIS A 15 -9.02 1.72 3.22
N LEU A 16 -8.74 2.04 4.49
CA LEU A 16 -8.99 1.11 5.58
C LEU A 16 -10.49 0.96 5.83
N ALA A 17 -10.88 -0.22 6.29
CA ALA A 17 -12.29 -0.50 6.57
C ALA A 17 -12.62 -0.20 8.03
N PRO A 18 -13.83 0.32 8.27
CA PRO A 18 -14.31 0.66 9.62
C PRO A 18 -14.55 -0.58 10.47
N ALA A 19 -14.46 -0.41 11.79
CA ALA A 19 -14.68 -1.50 12.72
C ALA A 19 -15.70 -1.13 13.78
N ARG A 20 -16.57 -2.08 14.13
CA ARG A 20 -17.59 -1.84 15.14
C ARG A 20 -17.58 -2.94 16.19
N ALA A 21 -17.70 -4.19 15.75
CA ALA A 21 -17.71 -5.33 16.66
C ALA A 21 -16.53 -5.26 17.62
N GLY A 22 -15.35 -4.94 17.09
CA GLY A 22 -14.16 -4.85 17.92
C GLY A 22 -12.94 -5.43 17.24
N HIS A 23 -12.22 -4.59 16.51
CA HIS A 23 -11.01 -5.02 15.80
C HIS A 23 -10.31 -3.84 15.14
N HIS A 24 -9.04 -3.66 15.47
CA HIS A 24 -8.25 -2.56 14.92
C HIS A 24 -8.60 -2.32 13.45
N PRO A 25 -8.69 -1.05 13.06
CA PRO A 25 -9.02 -0.66 11.68
C PRO A 25 -7.90 -0.99 10.70
N ASN A 26 -6.85 -1.63 11.20
CA ASN A 26 -5.71 -2.01 10.37
C ASN A 26 -5.78 -3.48 10.00
N GLN A 27 -6.99 -3.96 9.72
CA GLN A 27 -7.18 -5.36 9.35
C GLN A 27 -6.89 -5.57 7.87
N TYR A 28 -7.66 -4.89 7.02
CA TYR A 28 -7.47 -5.01 5.57
C TYR A 28 -7.60 -3.65 4.90
N ALA A 29 -6.96 -3.52 3.74
CA ALA A 29 -7.00 -2.27 2.98
C ALA A 29 -7.75 -2.45 1.67
N THR A 30 -8.69 -1.55 1.40
CA THR A 30 -9.48 -1.61 0.17
C THR A 30 -8.87 -0.73 -0.91
N CYS A 31 -8.44 -1.34 -2.00
CA CYS A 31 -7.84 -0.61 -3.11
C CYS A 31 -8.85 0.33 -3.75
N ARG A 32 -8.48 1.61 -3.84
CA ARG A 32 -9.36 2.62 -4.43
C ARG A 32 -9.18 2.68 -5.94
N LEU A 33 -8.28 1.85 -6.47
CA LEU A 33 -8.01 1.81 -7.90
C LEU A 33 -8.88 0.77 -8.58
N CYS A 34 -8.93 -0.44 -8.01
CA CYS A 34 -9.73 -1.52 -8.56
C CYS A 34 -10.79 -1.97 -7.57
N GLY A 35 -10.42 -2.02 -6.29
CA GLY A 35 -11.35 -2.45 -5.26
C GLY A 35 -10.98 -3.78 -4.66
N ARG A 36 -9.71 -4.15 -4.76
CA ARG A 36 -9.23 -5.41 -4.22
C ARG A 36 -8.79 -5.25 -2.77
N GLN A 37 -9.05 -6.27 -1.95
CA GLN A 37 -8.68 -6.23 -0.55
C GLN A 37 -7.25 -6.70 -0.35
N VAL A 38 -6.42 -5.85 0.25
CA VAL A 38 -5.03 -6.17 0.50
C VAL A 38 -4.66 -5.97 1.97
N SER A 39 -4.31 -7.06 2.64
CA SER A 39 -3.94 -7.00 4.05
C SER A 39 -2.42 -7.04 4.22
N ARG A 40 -1.96 -6.61 5.39
CA ARG A 40 -0.53 -6.59 5.68
C ARG A 40 -0.11 -7.82 6.46
N GLY A 41 -0.85 -8.13 7.52
CA GLY A 41 -0.54 -9.29 8.34
C GLY A 41 0.11 -8.91 9.65
N PRO A 42 0.48 -9.93 10.44
CA PRO A 42 1.13 -9.72 11.75
C PRO A 42 2.55 -9.18 11.61
N GLY A 43 2.95 -8.32 12.55
CA GLY A 43 4.28 -7.75 12.52
C GLY A 43 4.77 -7.51 11.11
N VAL A 44 4.45 -6.34 10.55
CA VAL A 44 4.86 -5.99 9.20
C VAL A 44 5.73 -4.73 9.20
N ASN A 45 6.72 -4.70 8.32
CA ASN A 45 7.61 -3.56 8.22
C ASN A 45 8.58 -3.73 7.05
N VAL A 46 8.48 -2.85 6.06
CA VAL A 46 9.35 -2.91 4.89
C VAL A 46 9.23 -1.63 4.06
N GLY A 47 10.36 -1.12 3.60
CA GLY A 47 10.37 0.09 2.80
C GLY A 47 9.31 0.06 1.71
N THR A 48 9.03 -1.12 1.18
CA THR A 48 8.02 -1.27 0.13
C THR A 48 6.68 -1.70 0.72
N THR A 49 5.86 -0.71 1.05
CA THR A 49 4.54 -0.96 1.62
C THR A 49 3.82 -2.07 0.85
N ALA A 50 3.40 -3.11 1.57
CA ALA A 50 2.70 -4.22 0.95
C ALA A 50 1.81 -3.76 -0.20
N LEU A 51 1.26 -2.55 -0.05
CA LEU A 51 0.39 -1.99 -1.08
C LEU A 51 1.11 -1.90 -2.42
N TRP A 52 2.24 -1.21 -2.43
CA TRP A 52 3.04 -1.06 -3.66
C TRP A 52 3.03 -2.35 -4.47
N LYS A 53 3.43 -3.44 -3.83
CA LYS A 53 3.46 -4.75 -4.51
C LYS A 53 2.26 -4.92 -5.41
N HIS A 54 1.08 -4.60 -4.89
CA HIS A 54 -0.16 -4.72 -5.66
C HIS A 54 -0.21 -3.69 -6.78
N LEU A 55 0.13 -2.45 -6.44
CA LEU A 55 0.12 -1.37 -7.43
C LEU A 55 1.01 -1.71 -8.62
N LYS A 56 2.22 -2.17 -8.33
CA LYS A 56 3.17 -2.54 -9.39
C LYS A 56 2.82 -3.89 -9.98
N SER A 57 1.89 -4.59 -9.35
CA SER A 57 1.46 -5.91 -9.82
C SER A 57 0.45 -5.79 -10.95
N MET A 58 -0.48 -4.85 -10.80
CA MET A 58 -1.51 -4.62 -11.81
C MET A 58 -1.55 -3.17 -12.23
N HIS A 59 -1.28 -2.27 -11.28
CA HIS A 59 -1.29 -0.84 -11.55
C HIS A 59 0.10 -0.35 -11.93
N ARG A 60 0.94 -1.26 -12.43
CA ARG A 60 2.29 -0.93 -12.83
C ARG A 60 2.30 0.26 -13.78
N GLU A 61 1.32 0.30 -14.70
CA GLU A 61 1.22 1.38 -15.67
C GLU A 61 0.82 2.68 -14.99
N GLU A 62 -0.09 2.58 -14.02
CA GLU A 62 -0.56 3.75 -13.29
C GLU A 62 0.58 4.46 -12.58
N LEU A 63 1.48 3.66 -11.99
CA LEU A 63 2.63 4.21 -11.27
C LEU A 63 3.62 4.84 -12.24
N GLU A 64 4.05 4.07 -13.24
CA GLU A 64 5.00 4.57 -14.23
C GLU A 64 4.50 5.86 -14.86
N LYS A 65 3.20 5.92 -15.15
CA LYS A 65 2.61 7.10 -15.75
C LYS A 65 2.47 8.23 -14.73
N SER A 66 1.81 7.93 -13.61
CA SER A 66 1.61 8.93 -12.57
C SER A 66 2.90 9.70 -12.29
N GLY A 67 4.01 8.97 -12.26
CA GLY A 67 5.30 9.61 -12.02
C GLY A 67 5.62 9.70 -10.53
N HIS A 68 5.59 8.55 -9.86
CA HIS A 68 5.88 8.50 -8.43
C HIS A 68 7.36 8.22 -8.18
N GLY A 69 8.22 8.93 -8.92
CA GLY A 69 9.65 8.74 -8.77
C GLY A 69 10.08 7.30 -8.96
N GLN A 70 11.36 7.03 -8.84
CA GLN A 70 11.89 5.68 -9.00
C GLN A 70 11.66 4.86 -7.74
N SER A 71 10.40 4.62 -7.42
CA SER A 71 10.04 3.84 -6.23
C SER A 71 10.13 2.34 -6.51
N GLY A 72 11.21 1.94 -7.19
CA GLY A 72 11.40 0.54 -7.51
C GLY A 72 12.45 0.33 -8.58
N PRO A 73 13.26 -0.73 -8.41
CA PRO A 73 14.33 -1.06 -9.37
C PRO A 73 13.79 -1.56 -10.70
N SER A 74 14.30 -1.01 -11.79
CA SER A 74 13.86 -1.40 -13.12
C SER A 74 13.70 -2.92 -13.22
N SER A 75 12.67 -3.35 -13.95
CA SER A 75 12.39 -4.77 -14.11
C SER A 75 11.48 -5.01 -15.32
N GLY A 76 11.26 -6.28 -15.64
CA GLY A 76 10.40 -6.62 -16.76
C GLY A 76 11.08 -7.56 -17.74
ZN ZN B . -5.92 -2.50 -7.02
N GLY A 1 12.05 0.58 19.03
CA GLY A 1 11.88 0.82 17.60
C GLY A 1 11.23 2.17 17.31
N SER A 2 12.08 3.20 17.20
CA SER A 2 11.58 4.54 16.93
C SER A 2 11.72 4.88 15.45
N SER A 3 10.65 4.61 14.68
CA SER A 3 10.66 4.88 13.26
C SER A 3 9.23 4.96 12.72
N GLY A 4 8.85 6.15 12.24
CA GLY A 4 7.52 6.35 11.71
C GLY A 4 7.24 5.47 10.50
N SER A 5 6.99 6.10 9.36
CA SER A 5 6.70 5.37 8.13
C SER A 5 7.68 5.77 7.03
N SER A 6 7.57 5.10 5.89
CA SER A 6 8.45 5.38 4.75
C SER A 6 7.73 5.08 3.43
N GLY A 7 7.73 6.07 2.53
CA GLY A 7 7.09 5.90 1.25
C GLY A 7 5.67 5.36 1.37
N SER A 8 4.91 5.93 2.29
CA SER A 8 3.53 5.51 2.52
C SER A 8 2.58 6.21 1.56
N GLU A 9 3.04 6.42 0.33
CA GLU A 9 2.22 7.08 -0.68
C GLU A 9 1.22 6.11 -1.30
N ALA A 10 1.61 4.85 -1.41
CA ALA A 10 0.74 3.83 -1.98
C ALA A 10 -0.63 3.84 -1.32
N TRP A 11 -0.67 4.24 -0.05
CA TRP A 11 -1.91 4.30 0.70
C TRP A 11 -2.96 5.13 -0.05
N GLU A 12 -2.49 6.10 -0.82
CA GLU A 12 -3.39 6.97 -1.59
C GLU A 12 -4.24 6.14 -2.54
N TYR A 13 -3.88 4.88 -2.71
CA TYR A 13 -4.62 3.98 -3.61
C TYR A 13 -5.32 2.88 -2.81
N PHE A 14 -5.50 3.11 -1.51
CA PHE A 14 -6.16 2.15 -0.65
C PHE A 14 -6.87 2.84 0.51
N HIS A 15 -7.88 2.19 1.06
CA HIS A 15 -8.64 2.74 2.18
C HIS A 15 -9.05 1.65 3.16
N LEU A 16 -8.74 1.86 4.43
CA LEU A 16 -9.08 0.89 5.47
C LEU A 16 -10.58 0.89 5.74
N ALA A 17 -11.16 -0.30 5.83
CA ALA A 17 -12.59 -0.44 6.09
C ALA A 17 -12.86 -0.57 7.58
N PRO A 18 -14.05 -0.13 8.02
CA PRO A 18 -14.46 -0.19 9.42
C PRO A 18 -14.70 -1.62 9.90
N ALA A 19 -14.48 -1.86 11.18
CA ALA A 19 -14.67 -3.18 11.77
C ALA A 19 -16.14 -3.58 11.73
N ARG A 20 -16.54 -4.27 10.66
CA ARG A 20 -17.93 -4.70 10.52
C ARG A 20 -18.05 -6.20 10.73
N ALA A 21 -18.83 -6.59 11.74
CA ALA A 21 -19.03 -7.99 12.06
C ALA A 21 -17.71 -8.76 12.03
N GLY A 22 -16.67 -8.16 12.59
CA GLY A 22 -15.36 -8.80 12.62
C GLY A 22 -14.44 -8.20 13.66
N HIS A 23 -13.16 -8.54 13.58
CA HIS A 23 -12.18 -8.03 14.53
C HIS A 23 -11.93 -6.55 14.32
N HIS A 24 -11.17 -5.94 15.22
CA HIS A 24 -10.85 -4.52 15.14
C HIS A 24 -10.57 -4.11 13.69
N PRO A 25 -10.73 -2.82 13.41
CA PRO A 25 -10.49 -2.26 12.07
C PRO A 25 -9.01 -2.27 11.70
N ASN A 26 -8.69 -1.63 10.58
CA ASN A 26 -7.31 -1.56 10.10
C ASN A 26 -6.74 -2.96 9.87
N GLN A 27 -7.56 -3.84 9.31
CA GLN A 27 -7.14 -5.21 9.04
C GLN A 27 -6.97 -5.43 7.53
N TYR A 28 -7.88 -4.88 6.75
CA TYR A 28 -7.84 -5.02 5.30
C TYR A 28 -7.83 -3.66 4.62
N ALA A 29 -7.09 -3.56 3.52
CA ALA A 29 -7.00 -2.31 2.77
C ALA A 29 -7.76 -2.41 1.46
N THR A 30 -8.71 -1.50 1.26
CA THR A 30 -9.51 -1.48 0.04
C THR A 30 -8.87 -0.60 -1.02
N CYS A 31 -8.38 -1.23 -2.09
CA CYS A 31 -7.74 -0.51 -3.18
C CYS A 31 -8.71 0.45 -3.85
N ARG A 32 -8.35 1.73 -3.87
CA ARG A 32 -9.20 2.75 -4.47
C ARG A 32 -9.00 2.81 -5.98
N LEU A 33 -8.12 1.94 -6.49
CA LEU A 33 -7.83 1.88 -7.91
C LEU A 33 -8.73 0.87 -8.61
N CYS A 34 -8.76 -0.34 -8.08
CA CYS A 34 -9.57 -1.42 -8.65
C CYS A 34 -10.71 -1.79 -7.71
N GLY A 35 -10.44 -1.77 -6.41
CA GLY A 35 -11.46 -2.11 -5.43
C GLY A 35 -11.24 -3.47 -4.81
N ARG A 36 -9.99 -3.89 -4.73
CA ARG A 36 -9.64 -5.19 -4.16
C ARG A 36 -9.05 -5.02 -2.76
N GLN A 37 -9.33 -5.99 -1.89
CA GLN A 37 -8.82 -5.95 -0.53
C GLN A 37 -7.43 -6.57 -0.44
N VAL A 38 -6.51 -5.87 0.21
CA VAL A 38 -5.15 -6.33 0.36
C VAL A 38 -4.70 -6.29 1.82
N SER A 39 -4.77 -7.43 2.49
CA SER A 39 -4.38 -7.51 3.89
C SER A 39 -2.93 -7.09 4.08
N ARG A 40 -2.73 -5.98 4.79
CA ARG A 40 -1.39 -5.47 5.05
C ARG A 40 -0.50 -6.55 5.67
N GLY A 41 -0.90 -7.03 6.84
CA GLY A 41 -0.13 -8.06 7.52
C GLY A 41 0.61 -7.51 8.72
N PRO A 42 1.61 -8.28 9.20
CA PRO A 42 2.43 -7.89 10.35
C PRO A 42 3.34 -6.71 10.05
N GLY A 43 4.34 -6.50 10.91
CA GLY A 43 5.27 -5.41 10.70
C GLY A 43 5.54 -5.12 9.24
N VAL A 44 4.79 -4.19 8.67
CA VAL A 44 4.94 -3.84 7.26
C VAL A 44 5.71 -2.52 7.12
N ASN A 45 6.70 -2.33 7.97
CA ASN A 45 7.51 -1.12 7.93
C ASN A 45 8.72 -1.29 7.02
N VAL A 46 8.45 -1.30 5.71
CA VAL A 46 9.51 -1.45 4.72
C VAL A 46 9.37 -0.44 3.59
N GLY A 47 10.49 -0.02 3.03
CA GLY A 47 10.47 0.93 1.93
C GLY A 47 9.39 0.62 0.92
N THR A 48 9.13 -0.67 0.70
CA THR A 48 8.11 -1.10 -0.26
C THR A 48 6.84 -1.55 0.46
N THR A 49 5.98 -0.60 0.77
CA THR A 49 4.73 -0.90 1.45
C THR A 49 3.97 -2.02 0.74
N ALA A 50 3.55 -3.02 1.50
CA ALA A 50 2.81 -4.14 0.95
C ALA A 50 1.88 -3.70 -0.17
N LEU A 51 1.39 -2.47 -0.07
CA LEU A 51 0.48 -1.92 -1.07
C LEU A 51 1.18 -1.82 -2.43
N TRP A 52 2.31 -1.14 -2.46
CA TRP A 52 3.08 -0.97 -3.69
C TRP A 52 3.09 -2.27 -4.50
N LYS A 53 3.52 -3.36 -3.87
CA LYS A 53 3.58 -4.65 -4.53
C LYS A 53 2.37 -4.86 -5.43
N HIS A 54 1.19 -4.50 -4.92
CA HIS A 54 -0.05 -4.64 -5.68
C HIS A 54 -0.14 -3.59 -6.78
N LEU A 55 0.21 -2.35 -6.45
CA LEU A 55 0.16 -1.26 -7.42
C LEU A 55 1.09 -1.56 -8.60
N LYS A 56 2.19 -2.24 -8.34
CA LYS A 56 3.15 -2.59 -9.39
C LYS A 56 2.85 -3.96 -9.96
N SER A 57 1.93 -4.68 -9.32
CA SER A 57 1.55 -6.01 -9.77
C SER A 57 0.51 -5.94 -10.89
N MET A 58 -0.39 -4.97 -10.78
CA MET A 58 -1.44 -4.80 -11.78
C MET A 58 -1.49 -3.35 -12.26
N HIS A 59 -1.32 -2.42 -11.32
CA HIS A 59 -1.34 -1.00 -11.65
C HIS A 59 0.04 -0.50 -12.04
N ARG A 60 0.90 -1.42 -12.46
CA ARG A 60 2.25 -1.08 -12.86
C ARG A 60 2.26 0.10 -13.84
N GLU A 61 1.29 0.12 -14.74
CA GLU A 61 1.18 1.19 -15.72
C GLU A 61 0.71 2.49 -15.05
N GLU A 62 -0.25 2.37 -14.15
CA GLU A 62 -0.79 3.53 -13.44
C GLU A 62 0.33 4.29 -12.73
N LEU A 63 1.13 3.57 -11.95
CA LEU A 63 2.24 4.17 -11.21
C LEU A 63 3.22 4.84 -12.16
N GLU A 64 3.84 4.05 -13.03
CA GLU A 64 4.80 4.56 -13.99
C GLU A 64 4.35 5.91 -14.54
N LYS A 65 3.09 5.99 -14.95
CA LYS A 65 2.53 7.21 -15.50
C LYS A 65 2.82 8.40 -14.58
N SER A 66 2.46 8.26 -13.30
CA SER A 66 2.67 9.31 -12.32
C SER A 66 4.14 9.38 -11.92
N GLY A 67 4.45 10.25 -10.95
CA GLY A 67 5.81 10.40 -10.49
C GLY A 67 6.19 9.33 -9.48
N HIS A 68 5.87 8.08 -9.79
CA HIS A 68 6.18 6.96 -8.91
C HIS A 68 6.94 5.87 -9.65
N GLY A 69 7.85 6.29 -10.53
CA GLY A 69 8.63 5.34 -11.30
C GLY A 69 9.23 4.25 -10.43
N GLN A 70 10.02 4.65 -9.43
CA GLN A 70 10.65 3.70 -8.53
C GLN A 70 10.45 4.11 -7.08
N SER A 71 10.04 3.15 -6.25
CA SER A 71 9.80 3.42 -4.83
C SER A 71 10.60 2.46 -3.96
N GLY A 72 11.84 2.20 -4.36
CA GLY A 72 12.69 1.29 -3.61
C GLY A 72 13.82 0.73 -4.44
N PRO A 73 15.06 1.17 -4.15
CA PRO A 73 16.24 0.71 -4.88
C PRO A 73 16.59 -0.74 -4.57
N SER A 74 16.23 -1.64 -5.48
CA SER A 74 16.49 -3.06 -5.31
C SER A 74 16.21 -3.83 -6.59
N SER A 75 17.28 -4.36 -7.21
CA SER A 75 17.15 -5.11 -8.44
C SER A 75 16.11 -6.22 -8.30
N GLY A 76 14.98 -6.07 -8.99
CA GLY A 76 13.93 -7.07 -8.93
C GLY A 76 13.17 -7.20 -10.24
ZN ZN B . -5.76 -2.41 -7.03
N GLY A 1 4.18 10.49 12.63
CA GLY A 1 5.34 9.86 13.23
C GLY A 1 6.12 9.01 12.23
N SER A 2 7.00 8.16 12.75
CA SER A 2 7.82 7.30 11.91
C SER A 2 7.13 5.96 11.67
N SER A 3 5.82 6.00 11.43
CA SER A 3 5.04 4.79 11.20
C SER A 3 5.71 3.91 10.14
N GLY A 4 6.16 4.53 9.06
CA GLY A 4 6.81 3.80 7.99
C GLY A 4 8.18 4.36 7.65
N SER A 5 8.59 4.18 6.40
CA SER A 5 9.89 4.67 5.96
C SER A 5 9.73 5.80 4.94
N SER A 6 8.79 6.69 5.21
CA SER A 6 8.52 7.83 4.32
C SER A 6 8.03 7.34 2.96
N GLY A 7 7.17 6.33 2.98
CA GLY A 7 6.64 5.79 1.74
C GLY A 7 5.16 5.47 1.83
N SER A 8 4.41 6.32 2.53
CA SER A 8 2.98 6.12 2.70
C SER A 8 2.20 6.74 1.55
N GLU A 9 2.75 6.65 0.34
CA GLU A 9 2.11 7.21 -0.85
C GLU A 9 1.09 6.23 -1.42
N ALA A 10 1.52 4.98 -1.59
CA ALA A 10 0.64 3.95 -2.14
C ALA A 10 -0.72 3.96 -1.45
N TRP A 11 -0.74 4.41 -0.20
CA TRP A 11 -1.98 4.47 0.58
C TRP A 11 -3.05 5.22 -0.19
N GLU A 12 -2.65 6.20 -0.98
CA GLU A 12 -3.59 6.99 -1.76
C GLU A 12 -4.42 6.10 -2.68
N TYR A 13 -3.95 4.87 -2.88
CA TYR A 13 -4.66 3.93 -3.74
C TYR A 13 -5.32 2.82 -2.90
N PHE A 14 -5.48 3.09 -1.61
CA PHE A 14 -6.09 2.12 -0.71
C PHE A 14 -6.77 2.82 0.46
N HIS A 15 -7.75 2.15 1.06
CA HIS A 15 -8.49 2.72 2.18
C HIS A 15 -8.86 1.62 3.18
N LEU A 16 -8.53 1.86 4.45
CA LEU A 16 -8.83 0.90 5.51
C LEU A 16 -10.33 0.80 5.76
N ALA A 17 -10.81 -0.42 6.01
CA ALA A 17 -12.23 -0.64 6.26
C ALA A 17 -12.51 -0.74 7.76
N PRO A 18 -13.72 -0.37 8.17
CA PRO A 18 -14.14 -0.42 9.57
C PRO A 18 -14.30 -1.86 10.08
N ALA A 19 -13.90 -2.08 11.33
CA ALA A 19 -14.00 -3.41 11.94
C ALA A 19 -15.42 -3.69 12.39
N ARG A 20 -16.18 -4.39 11.55
CA ARG A 20 -17.56 -4.73 11.86
C ARG A 20 -17.69 -6.21 12.19
N ALA A 21 -17.05 -7.05 11.39
CA ALA A 21 -17.09 -8.49 11.59
C ALA A 21 -16.78 -8.85 13.04
N GLY A 22 -15.65 -8.35 13.54
CA GLY A 22 -15.25 -8.63 14.91
C GLY A 22 -13.85 -8.16 15.22
N HIS A 23 -12.86 -8.86 14.67
CA HIS A 23 -11.46 -8.52 14.89
C HIS A 23 -11.24 -7.02 14.68
N HIS A 24 -10.31 -6.46 15.46
CA HIS A 24 -10.00 -5.03 15.36
C HIS A 24 -9.77 -4.63 13.91
N PRO A 25 -9.92 -3.32 13.63
CA PRO A 25 -9.73 -2.77 12.28
C PRO A 25 -8.27 -2.80 11.85
N ASN A 26 -7.98 -2.10 10.76
CA ASN A 26 -6.62 -2.05 10.24
C ASN A 26 -6.09 -3.44 9.90
N GLN A 27 -6.96 -4.26 9.31
CA GLN A 27 -6.59 -5.62 8.93
C GLN A 27 -6.40 -5.73 7.43
N TYR A 28 -7.33 -5.15 6.68
CA TYR A 28 -7.26 -5.19 5.21
C TYR A 28 -7.40 -3.80 4.63
N ALA A 29 -6.78 -3.59 3.47
CA ALA A 29 -6.83 -2.29 2.79
C ALA A 29 -7.59 -2.39 1.48
N THR A 30 -8.60 -1.54 1.32
CA THR A 30 -9.41 -1.53 0.10
C THR A 30 -8.78 -0.64 -0.96
N CYS A 31 -8.32 -1.26 -2.05
CA CYS A 31 -7.70 -0.51 -3.14
C CYS A 31 -8.71 0.41 -3.81
N ARG A 32 -8.34 1.69 -3.95
CA ARG A 32 -9.22 2.68 -4.56
C ARG A 32 -9.08 2.65 -6.08
N LEU A 33 -8.11 1.88 -6.57
CA LEU A 33 -7.88 1.77 -8.00
C LEU A 33 -8.79 0.72 -8.63
N CYS A 34 -8.74 -0.49 -8.11
CA CYS A 34 -9.57 -1.57 -8.62
C CYS A 34 -10.73 -1.88 -7.65
N GLY A 35 -10.42 -1.91 -6.36
CA GLY A 35 -11.43 -2.19 -5.36
C GLY A 35 -11.25 -3.55 -4.71
N ARG A 36 -9.99 -3.97 -4.58
CA ARG A 36 -9.68 -5.25 -3.97
C ARG A 36 -9.00 -5.06 -2.62
N GLN A 37 -9.30 -5.94 -1.68
CA GLN A 37 -8.71 -5.86 -0.34
C GLN A 37 -7.34 -6.51 -0.31
N VAL A 38 -6.35 -5.77 0.19
CA VAL A 38 -4.99 -6.27 0.27
C VAL A 38 -4.44 -6.16 1.69
N SER A 39 -4.40 -7.28 2.39
CA SER A 39 -3.90 -7.30 3.76
C SER A 39 -2.38 -7.16 3.80
N ARG A 40 -1.89 -6.44 4.79
CA ARG A 40 -0.45 -6.21 4.95
C ARG A 40 0.31 -7.53 4.89
N GLY A 41 0.01 -8.42 5.83
CA GLY A 41 0.68 -9.71 5.87
C GLY A 41 1.30 -10.00 7.23
N PRO A 42 1.95 -11.15 7.34
CA PRO A 42 2.61 -11.57 8.59
C PRO A 42 3.83 -10.73 8.92
N GLY A 43 4.68 -10.51 7.91
CA GLY A 43 5.87 -9.72 8.12
C GLY A 43 6.23 -8.88 6.91
N VAL A 44 5.26 -8.10 6.44
CA VAL A 44 5.47 -7.24 5.28
C VAL A 44 6.67 -6.32 5.48
N ASN A 45 7.40 -6.08 4.41
CA ASN A 45 8.58 -5.21 4.47
C ASN A 45 8.17 -3.74 4.55
N VAL A 46 8.63 -3.06 5.59
CA VAL A 46 8.32 -1.65 5.79
C VAL A 46 8.62 -0.85 4.52
N GLY A 47 9.83 -1.01 3.99
CA GLY A 47 10.21 -0.30 2.79
C GLY A 47 9.14 -0.33 1.72
N THR A 48 8.96 -1.49 1.11
CA THR A 48 7.96 -1.64 0.05
C THR A 48 6.60 -2.00 0.64
N THR A 49 5.83 -0.99 1.03
CA THR A 49 4.52 -1.19 1.60
C THR A 49 3.72 -2.22 0.81
N ALA A 50 3.23 -3.25 1.51
CA ALA A 50 2.45 -4.30 0.86
C ALA A 50 1.59 -3.74 -0.27
N LEU A 51 1.08 -2.54 -0.07
CA LEU A 51 0.24 -1.89 -1.07
C LEU A 51 0.96 -1.80 -2.41
N TRP A 52 2.16 -1.22 -2.39
CA TRP A 52 2.96 -1.07 -3.61
C TRP A 52 2.98 -2.37 -4.41
N LYS A 53 3.35 -3.47 -3.75
CA LYS A 53 3.41 -4.77 -4.40
C LYS A 53 2.22 -4.96 -5.33
N HIS A 54 1.03 -4.58 -4.87
CA HIS A 54 -0.18 -4.71 -5.67
C HIS A 54 -0.22 -3.66 -6.77
N LEU A 55 0.18 -2.43 -6.42
CA LEU A 55 0.18 -1.33 -7.37
C LEU A 55 1.11 -1.62 -8.55
N LYS A 56 2.19 -2.34 -8.26
CA LYS A 56 3.16 -2.70 -9.30
C LYS A 56 2.83 -4.05 -9.92
N SER A 57 1.87 -4.75 -9.31
CA SER A 57 1.46 -6.06 -9.79
C SER A 57 0.46 -5.94 -10.94
N MET A 58 -0.47 -5.00 -10.81
CA MET A 58 -1.48 -4.77 -11.83
C MET A 58 -1.48 -3.31 -12.27
N HIS A 59 -1.28 -2.41 -11.32
CA HIS A 59 -1.26 -0.98 -11.61
C HIS A 59 0.15 -0.51 -11.95
N ARG A 60 0.98 -1.45 -12.42
CA ARG A 60 2.36 -1.12 -12.78
C ARG A 60 2.41 0.01 -13.79
N GLU A 61 1.40 0.06 -14.67
CA GLU A 61 1.34 1.11 -15.69
C GLU A 61 0.87 2.43 -15.08
N GLU A 62 -0.10 2.35 -14.19
CA GLU A 62 -0.65 3.54 -13.54
C GLU A 62 0.45 4.27 -12.76
N LEU A 63 1.28 3.50 -12.05
CA LEU A 63 2.36 4.08 -11.26
C LEU A 63 3.31 4.87 -12.15
N GLU A 64 3.90 4.20 -13.15
CA GLU A 64 4.84 4.85 -14.05
C GLU A 64 4.31 6.21 -14.49
N LYS A 65 3.02 6.27 -14.80
CA LYS A 65 2.39 7.52 -15.23
C LYS A 65 2.65 8.63 -14.22
N SER A 66 2.40 8.34 -12.95
CA SER A 66 2.61 9.32 -11.88
C SER A 66 4.05 9.32 -11.41
N GLY A 67 4.98 9.10 -12.34
CA GLY A 67 6.38 9.08 -12.01
C GLY A 67 6.72 8.04 -10.96
N HIS A 68 6.69 8.44 -9.70
CA HIS A 68 6.99 7.54 -8.60
C HIS A 68 8.05 6.52 -9.00
N GLY A 69 9.05 6.98 -9.76
CA GLY A 69 10.12 6.10 -10.19
C GLY A 69 10.96 5.60 -9.05
N GLN A 70 11.45 6.51 -8.21
CA GLN A 70 12.28 6.15 -7.07
C GLN A 70 11.45 6.09 -5.80
N SER A 71 10.70 5.00 -5.63
CA SER A 71 9.86 4.82 -4.45
C SER A 71 10.56 3.97 -3.40
N GLY A 72 11.86 4.21 -3.22
CA GLY A 72 12.63 3.46 -2.25
C GLY A 72 13.56 2.45 -2.91
N PRO A 73 14.42 1.82 -2.09
CA PRO A 73 15.39 0.83 -2.57
C PRO A 73 14.72 -0.46 -3.03
N SER A 74 15.07 -0.91 -4.23
CA SER A 74 14.50 -2.13 -4.78
C SER A 74 15.59 -3.03 -5.37
N SER A 75 15.70 -4.25 -4.83
CA SER A 75 16.71 -5.19 -5.30
C SER A 75 16.23 -5.91 -6.56
N GLY A 76 15.67 -5.14 -7.49
CA GLY A 76 15.18 -5.71 -8.74
C GLY A 76 14.12 -6.77 -8.51
ZN ZN B . -5.86 -2.35 -7.04
N GLY A 1 5.28 12.31 8.35
CA GLY A 1 5.39 10.90 8.68
C GLY A 1 5.42 10.66 10.18
N SER A 2 4.68 9.66 10.62
CA SER A 2 4.60 9.33 12.04
C SER A 2 5.15 7.93 12.30
N SER A 3 4.53 6.93 11.68
CA SER A 3 4.96 5.54 11.85
C SER A 3 6.21 5.26 11.02
N GLY A 4 6.77 4.07 11.21
CA GLY A 4 7.96 3.69 10.48
C GLY A 4 7.67 3.28 9.05
N SER A 5 7.07 4.21 8.29
CA SER A 5 6.73 3.93 6.90
C SER A 5 7.44 4.90 5.96
N SER A 6 8.60 4.48 5.46
CA SER A 6 9.38 5.32 4.55
C SER A 6 8.79 5.30 3.14
N GLY A 7 7.51 5.62 3.04
CA GLY A 7 6.85 5.61 1.75
C GLY A 7 5.37 5.31 1.84
N SER A 8 4.68 5.99 2.75
CA SER A 8 3.26 5.79 2.95
C SER A 8 2.44 6.53 1.90
N GLU A 9 2.91 6.47 0.65
CA GLU A 9 2.22 7.14 -0.45
C GLU A 9 1.24 6.20 -1.14
N ALA A 10 1.60 4.92 -1.20
CA ALA A 10 0.75 3.92 -1.83
C ALA A 10 -0.66 3.94 -1.23
N TRP A 11 -0.75 4.37 0.02
CA TRP A 11 -2.04 4.43 0.71
C TRP A 11 -3.05 5.24 -0.10
N GLU A 12 -2.55 6.15 -0.93
CA GLU A 12 -3.41 6.98 -1.76
C GLU A 12 -4.25 6.12 -2.69
N TYR A 13 -3.81 4.89 -2.92
CA TYR A 13 -4.52 3.97 -3.80
C TYR A 13 -5.22 2.87 -3.00
N PHE A 14 -5.42 3.13 -1.71
CA PHE A 14 -6.07 2.17 -0.82
C PHE A 14 -6.80 2.88 0.31
N HIS A 15 -7.78 2.21 0.89
CA HIS A 15 -8.56 2.77 1.99
C HIS A 15 -8.93 1.70 3.00
N LEU A 16 -8.65 1.97 4.27
CA LEU A 16 -8.95 1.02 5.34
C LEU A 16 -10.46 0.90 5.55
N ALA A 17 -10.93 -0.33 5.74
CA ALA A 17 -12.35 -0.58 5.95
C ALA A 17 -12.69 -0.58 7.44
N PRO A 18 -13.88 -0.06 7.78
CA PRO A 18 -14.34 0.00 9.17
C PRO A 18 -14.67 -1.37 9.74
N ALA A 19 -14.71 -1.46 11.06
CA ALA A 19 -15.01 -2.72 11.73
C ALA A 19 -16.48 -3.09 11.56
N ARG A 20 -16.73 -4.17 10.80
CA ARG A 20 -18.08 -4.63 10.56
C ARG A 20 -18.26 -6.08 10.99
N ALA A 21 -17.12 -6.78 11.15
CA ALA A 21 -17.15 -8.17 11.56
C ALA A 21 -16.89 -8.30 13.06
N GLY A 22 -15.83 -7.64 13.54
CA GLY A 22 -15.50 -7.70 14.94
C GLY A 22 -14.03 -7.43 15.20
N HIS A 23 -13.16 -8.17 14.52
CA HIS A 23 -11.72 -8.01 14.66
C HIS A 23 -11.33 -6.54 14.56
N HIS A 24 -10.42 -6.12 15.44
CA HIS A 24 -9.96 -4.74 15.45
C HIS A 24 -9.86 -4.18 14.03
N PRO A 25 -9.95 -2.85 13.90
CA PRO A 25 -9.88 -2.17 12.61
C PRO A 25 -8.49 -2.23 12.00
N ASN A 26 -8.36 -1.74 10.76
CA ASN A 26 -7.07 -1.74 10.07
C ASN A 26 -6.58 -3.17 9.84
N GLN A 27 -7.49 -4.03 9.40
CA GLN A 27 -7.14 -5.43 9.13
C GLN A 27 -6.79 -5.62 7.66
N TYR A 28 -7.56 -4.97 6.78
CA TYR A 28 -7.34 -5.08 5.34
C TYR A 28 -7.48 -3.72 4.66
N ALA A 29 -6.73 -3.52 3.59
CA ALA A 29 -6.78 -2.28 2.84
C ALA A 29 -7.56 -2.44 1.54
N THR A 30 -8.46 -1.50 1.28
CA THR A 30 -9.27 -1.54 0.07
C THR A 30 -8.68 -0.67 -1.02
N CYS A 31 -8.17 -1.30 -2.07
CA CYS A 31 -7.57 -0.57 -3.19
C CYS A 31 -8.58 0.39 -3.81
N ARG A 32 -8.22 1.67 -3.82
CA ARG A 32 -9.09 2.70 -4.39
C ARG A 32 -8.94 2.77 -5.91
N LEU A 33 -8.13 1.86 -6.46
CA LEU A 33 -7.88 1.82 -7.89
C LEU A 33 -8.78 0.78 -8.56
N CYS A 34 -8.84 -0.41 -7.98
CA CYS A 34 -9.66 -1.48 -8.52
C CYS A 34 -10.65 -1.99 -7.47
N GLY A 35 -10.23 -1.97 -6.21
CA GLY A 35 -11.09 -2.43 -5.14
C GLY A 35 -10.62 -3.75 -4.55
N ARG A 36 -9.38 -4.10 -4.80
CA ARG A 36 -8.81 -5.35 -4.29
C ARG A 36 -8.43 -5.22 -2.82
N GLN A 37 -8.70 -6.26 -2.05
CA GLN A 37 -8.39 -6.26 -0.62
C GLN A 37 -6.94 -6.69 -0.38
N VAL A 38 -6.12 -5.76 0.08
CA VAL A 38 -4.72 -6.04 0.36
C VAL A 38 -4.41 -5.93 1.84
N SER A 39 -3.96 -7.03 2.45
CA SER A 39 -3.64 -7.05 3.86
C SER A 39 -2.13 -6.93 4.08
N ARG A 40 -1.73 -5.87 4.77
CA ARG A 40 -0.32 -5.62 5.05
C ARG A 40 0.35 -6.89 5.59
N GLY A 41 0.02 -7.25 6.82
CA GLY A 41 0.61 -8.43 7.42
C GLY A 41 1.66 -8.10 8.45
N PRO A 42 2.33 -9.14 8.99
CA PRO A 42 3.39 -8.97 9.99
C PRO A 42 4.64 -8.33 9.41
N GLY A 43 5.13 -8.90 8.30
CA GLY A 43 6.32 -8.38 7.68
C GLY A 43 6.02 -7.33 6.64
N VAL A 44 5.72 -6.11 7.09
CA VAL A 44 5.42 -5.00 6.20
C VAL A 44 6.32 -3.81 6.46
N ASN A 45 7.13 -3.91 7.51
CA ASN A 45 8.05 -2.83 7.86
C ASN A 45 9.43 -3.06 7.25
N VAL A 46 9.44 -3.38 5.95
CA VAL A 46 10.70 -3.63 5.25
C VAL A 46 11.00 -2.50 4.26
N GLY A 47 10.02 -1.63 4.04
CA GLY A 47 10.20 -0.53 3.12
C GLY A 47 9.13 -0.48 2.05
N THR A 48 8.89 -1.63 1.42
CA THR A 48 7.88 -1.72 0.36
C THR A 48 6.52 -2.09 0.93
N THR A 49 5.66 -1.09 1.12
CA THR A 49 4.33 -1.31 1.66
C THR A 49 3.54 -2.29 0.79
N ALA A 50 3.04 -3.35 1.41
CA ALA A 50 2.26 -4.35 0.70
C ALA A 50 1.42 -3.72 -0.42
N LEU A 51 0.94 -2.52 -0.17
CA LEU A 51 0.13 -1.80 -1.15
C LEU A 51 0.87 -1.67 -2.47
N TRP A 52 2.12 -1.22 -2.42
CA TRP A 52 2.93 -1.06 -3.61
C TRP A 52 2.99 -2.35 -4.42
N LYS A 53 3.29 -3.45 -3.74
CA LYS A 53 3.38 -4.75 -4.41
C LYS A 53 2.16 -4.97 -5.31
N HIS A 54 0.99 -4.61 -4.81
CA HIS A 54 -0.25 -4.77 -5.58
C HIS A 54 -0.32 -3.75 -6.71
N LEU A 55 0.07 -2.51 -6.42
CA LEU A 55 0.05 -1.44 -7.42
C LEU A 55 0.93 -1.80 -8.60
N LYS A 56 2.15 -2.23 -8.33
CA LYS A 56 3.09 -2.60 -9.38
C LYS A 56 2.76 -3.97 -9.95
N SER A 57 1.83 -4.67 -9.29
CA SER A 57 1.42 -6.00 -9.74
C SER A 57 0.38 -5.90 -10.84
N MET A 58 -0.53 -4.94 -10.71
CA MET A 58 -1.59 -4.74 -11.70
C MET A 58 -1.63 -3.29 -12.17
N HIS A 59 -1.30 -2.38 -11.26
CA HIS A 59 -1.30 -0.95 -11.58
C HIS A 59 0.11 -0.48 -11.95
N ARG A 60 0.92 -1.41 -12.46
CA ARG A 60 2.29 -1.09 -12.85
C ARG A 60 2.31 0.10 -13.82
N GLU A 61 1.27 0.21 -14.64
CA GLU A 61 1.18 1.29 -15.61
C GLU A 61 0.82 2.61 -14.93
N GLU A 62 -0.17 2.56 -14.05
CA GLU A 62 -0.60 3.75 -13.32
C GLU A 62 0.58 4.41 -12.60
N LEU A 63 1.25 3.64 -11.76
CA LEU A 63 2.39 4.15 -11.00
C LEU A 63 3.38 4.86 -11.92
N GLU A 64 3.88 4.13 -12.92
CA GLU A 64 4.83 4.70 -13.87
C GLU A 64 4.26 5.95 -14.53
N LYS A 65 2.97 5.90 -14.85
CA LYS A 65 2.30 7.04 -15.49
C LYS A 65 2.42 8.29 -14.63
N SER A 66 2.13 8.15 -13.34
CA SER A 66 2.20 9.27 -12.42
C SER A 66 3.64 9.69 -12.18
N GLY A 67 3.84 10.64 -11.28
CA GLY A 67 5.17 11.12 -10.96
C GLY A 67 5.89 10.23 -9.98
N HIS A 68 5.81 8.91 -10.20
CA HIS A 68 6.46 7.95 -9.33
C HIS A 68 7.67 7.33 -10.01
N GLY A 69 8.80 8.04 -9.98
CA GLY A 69 10.01 7.54 -10.60
C GLY A 69 10.91 6.83 -9.61
N GLN A 70 11.11 5.53 -9.84
CA GLN A 70 11.96 4.73 -8.95
C GLN A 70 11.56 4.91 -7.50
N SER A 71 10.25 4.91 -7.25
CA SER A 71 9.73 5.07 -5.90
C SER A 71 10.40 4.09 -4.94
N GLY A 72 11.29 4.62 -4.09
CA GLY A 72 11.98 3.78 -3.14
C GLY A 72 13.22 3.13 -3.72
N PRO A 73 14.26 3.94 -3.96
CA PRO A 73 15.52 3.46 -4.53
C PRO A 73 16.30 2.58 -3.55
N SER A 74 16.35 3.00 -2.30
CA SER A 74 17.06 2.26 -1.26
C SER A 74 16.19 1.13 -0.71
N SER A 75 15.54 0.40 -1.60
CA SER A 75 14.68 -0.71 -1.20
C SER A 75 14.98 -1.96 -2.03
N GLY A 76 15.06 -1.79 -3.34
CA GLY A 76 15.34 -2.92 -4.21
C GLY A 76 14.10 -3.72 -4.54
ZN ZN B . -5.83 -2.51 -7.10
N GLY A 1 3.32 6.85 18.46
CA GLY A 1 4.25 6.11 17.62
C GLY A 1 4.94 6.99 16.60
N SER A 2 6.27 7.01 16.64
CA SER A 2 7.05 7.82 15.72
C SER A 2 6.87 7.34 14.28
N SER A 3 7.47 8.07 13.34
CA SER A 3 7.37 7.72 11.93
C SER A 3 8.59 6.94 11.47
N GLY A 4 8.37 5.93 10.62
CA GLY A 4 9.46 5.12 10.12
C GLY A 4 9.39 4.92 8.62
N SER A 5 8.43 4.12 8.17
CA SER A 5 8.26 3.85 6.75
C SER A 5 8.47 5.12 5.92
N SER A 6 9.32 5.01 4.90
CA SER A 6 9.62 6.14 4.04
C SER A 6 8.95 5.97 2.67
N GLY A 7 7.72 5.49 2.67
CA GLY A 7 7.01 5.28 1.42
C GLY A 7 5.54 4.98 1.64
N SER A 8 4.85 5.85 2.38
CA SER A 8 3.43 5.66 2.67
C SER A 8 2.57 6.41 1.66
N GLU A 9 2.98 6.37 0.40
CA GLU A 9 2.25 7.05 -0.68
C GLU A 9 1.21 6.12 -1.28
N ALA A 10 1.60 4.86 -1.49
CA ALA A 10 0.70 3.87 -2.06
C ALA A 10 -0.67 3.89 -1.38
N TRP A 11 -0.68 4.34 -0.13
CA TRP A 11 -1.92 4.41 0.65
C TRP A 11 -2.99 5.18 -0.12
N GLU A 12 -2.56 6.16 -0.91
CA GLU A 12 -3.48 6.97 -1.69
C GLU A 12 -4.34 6.10 -2.60
N TYR A 13 -3.86 4.87 -2.86
CA TYR A 13 -4.58 3.94 -3.71
C TYR A 13 -5.26 2.85 -2.89
N PHE A 14 -5.43 3.11 -1.60
CA PHE A 14 -6.06 2.16 -0.69
C PHE A 14 -6.77 2.88 0.45
N HIS A 15 -7.88 2.31 0.91
CA HIS A 15 -8.65 2.89 2.00
C HIS A 15 -9.02 1.84 3.04
N LEU A 16 -8.61 2.07 4.27
CA LEU A 16 -8.90 1.13 5.36
C LEU A 16 -10.39 1.08 5.66
N ALA A 17 -10.89 -0.11 5.98
CA ALA A 17 -12.30 -0.29 6.28
C ALA A 17 -12.53 -0.35 7.80
N PRO A 18 -13.75 -0.01 8.22
CA PRO A 18 -14.12 -0.02 9.64
C PRO A 18 -14.21 -1.43 10.21
N ALA A 19 -13.66 -1.62 11.40
CA ALA A 19 -13.68 -2.92 12.06
C ALA A 19 -14.85 -3.03 13.03
N ARG A 20 -15.72 -4.01 12.79
CA ARG A 20 -16.89 -4.22 13.65
C ARG A 20 -16.95 -5.66 14.14
N ALA A 21 -16.48 -6.59 13.30
CA ALA A 21 -16.49 -8.00 13.65
C ALA A 21 -15.96 -8.23 15.06
N GLY A 22 -14.85 -7.57 15.38
CA GLY A 22 -14.25 -7.70 16.70
C GLY A 22 -12.76 -7.93 16.64
N HIS A 23 -12.14 -7.56 15.53
CA HIS A 23 -10.71 -7.72 15.36
C HIS A 23 -10.01 -6.37 15.25
N HIS A 24 -8.68 -6.38 15.36
CA HIS A 24 -7.90 -5.16 15.28
C HIS A 24 -8.40 -4.26 14.15
N PRO A 25 -8.55 -2.96 14.46
CA PRO A 25 -9.02 -1.97 13.47
C PRO A 25 -8.00 -1.70 12.38
N ASN A 26 -8.49 -1.39 11.18
CA ASN A 26 -7.62 -1.10 10.05
C ASN A 26 -6.73 -2.30 9.74
N GLN A 27 -7.33 -3.48 9.68
CA GLN A 27 -6.59 -4.71 9.40
C GLN A 27 -6.43 -4.91 7.90
N TYR A 28 -7.51 -4.73 7.16
CA TYR A 28 -7.50 -4.89 5.71
C TYR A 28 -7.56 -3.54 5.01
N ALA A 29 -7.07 -3.49 3.77
CA ALA A 29 -7.08 -2.26 2.99
C ALA A 29 -7.83 -2.45 1.68
N THR A 30 -8.65 -1.47 1.33
CA THR A 30 -9.43 -1.51 0.11
C THR A 30 -8.81 -0.66 -0.99
N CYS A 31 -8.26 -1.33 -2.01
CA CYS A 31 -7.62 -0.63 -3.12
C CYS A 31 -8.60 0.33 -3.80
N ARG A 32 -8.25 1.61 -3.81
CA ARG A 32 -9.12 2.62 -4.43
C ARG A 32 -8.94 2.62 -5.95
N LEU A 33 -8.03 1.79 -6.43
CA LEU A 33 -7.77 1.68 -7.86
C LEU A 33 -8.68 0.64 -8.52
N CYS A 34 -8.70 -0.55 -7.95
CA CYS A 34 -9.52 -1.64 -8.47
C CYS A 34 -10.64 -1.99 -7.49
N GLY A 35 -10.31 -2.01 -6.21
CA GLY A 35 -11.29 -2.33 -5.19
C GLY A 35 -11.06 -3.70 -4.57
N ARG A 36 -9.80 -4.13 -4.55
CA ARG A 36 -9.46 -5.43 -3.98
C ARG A 36 -8.84 -5.28 -2.59
N GLN A 37 -9.21 -6.18 -1.69
CA GLN A 37 -8.70 -6.14 -0.31
C GLN A 37 -7.25 -6.59 -0.26
N VAL A 38 -6.41 -5.80 0.40
CA VAL A 38 -4.99 -6.13 0.51
C VAL A 38 -4.52 -5.97 1.95
N SER A 39 -4.22 -7.11 2.59
CA SER A 39 -3.76 -7.11 3.98
C SER A 39 -2.28 -6.72 4.05
N ARG A 40 -1.89 -6.16 5.19
CA ARG A 40 -0.50 -5.74 5.40
C ARG A 40 0.33 -6.87 5.98
N GLY A 41 -0.21 -7.54 6.99
CA GLY A 41 0.49 -8.64 7.62
C GLY A 41 1.65 -8.16 8.48
N PRO A 42 2.14 -9.07 9.35
CA PRO A 42 3.26 -8.76 10.24
C PRO A 42 4.58 -8.59 9.49
N GLY A 43 4.80 -7.40 8.94
CA GLY A 43 6.02 -7.14 8.20
C GLY A 43 5.83 -6.12 7.09
N VAL A 44 5.09 -5.06 7.40
CA VAL A 44 4.83 -4.02 6.42
C VAL A 44 5.55 -2.73 6.78
N ASN A 45 6.73 -2.86 7.38
CA ASN A 45 7.52 -1.71 7.79
C ASN A 45 8.84 -1.66 7.03
N VAL A 46 9.40 -2.83 6.74
CA VAL A 46 10.66 -2.92 6.02
C VAL A 46 10.80 -1.80 5.00
N GLY A 47 9.72 -1.55 4.26
CA GLY A 47 9.73 -0.49 3.26
C GLY A 47 8.66 -0.69 2.20
N THR A 48 8.88 -1.66 1.33
CA THR A 48 7.93 -1.94 0.25
C THR A 48 6.56 -2.30 0.81
N THR A 49 5.73 -1.29 1.05
CA THR A 49 4.39 -1.50 1.58
C THR A 49 3.60 -2.47 0.72
N ALA A 50 3.07 -3.51 1.36
CA ALA A 50 2.28 -4.52 0.66
C ALA A 50 1.49 -3.90 -0.48
N LEU A 51 0.95 -2.71 -0.24
CA LEU A 51 0.16 -2.00 -1.24
C LEU A 51 0.94 -1.83 -2.54
N TRP A 52 2.15 -1.28 -2.44
CA TRP A 52 3.01 -1.07 -3.59
C TRP A 52 3.09 -2.33 -4.45
N LYS A 53 3.43 -3.45 -3.80
CA LYS A 53 3.55 -4.73 -4.48
C LYS A 53 2.35 -4.96 -5.40
N HIS A 54 1.16 -4.64 -4.90
CA HIS A 54 -0.06 -4.82 -5.66
C HIS A 54 -0.15 -3.79 -6.79
N LEU A 55 0.16 -2.54 -6.47
CA LEU A 55 0.12 -1.47 -7.46
C LEU A 55 1.04 -1.76 -8.63
N LYS A 56 2.27 -2.17 -8.33
CA LYS A 56 3.25 -2.48 -9.35
C LYS A 56 2.98 -3.86 -9.95
N SER A 57 2.07 -4.61 -9.33
CA SER A 57 1.73 -5.94 -9.81
C SER A 57 0.70 -5.87 -10.95
N MET A 58 -0.29 -4.99 -10.79
CA MET A 58 -1.32 -4.82 -11.80
C MET A 58 -1.42 -3.37 -12.24
N HIS A 59 -1.20 -2.45 -11.31
CA HIS A 59 -1.26 -1.02 -11.61
C HIS A 59 0.12 -0.49 -11.98
N ARG A 60 0.99 -1.39 -12.44
CA ARG A 60 2.34 -1.00 -12.83
C ARG A 60 2.31 0.17 -13.81
N GLU A 61 1.33 0.16 -14.71
CA GLU A 61 1.19 1.21 -15.70
C GLU A 61 0.75 2.53 -15.06
N GLU A 62 -0.16 2.42 -14.09
CA GLU A 62 -0.66 3.59 -13.39
C GLU A 62 0.47 4.31 -12.65
N LEU A 63 1.23 3.54 -11.88
CA LEU A 63 2.34 4.10 -11.11
C LEU A 63 3.30 4.85 -12.02
N GLU A 64 3.78 4.18 -13.06
CA GLU A 64 4.71 4.79 -14.01
C GLU A 64 4.18 6.13 -14.50
N LYS A 65 2.91 6.15 -14.90
CA LYS A 65 2.29 7.38 -15.40
C LYS A 65 2.53 8.53 -14.44
N SER A 66 2.30 8.29 -13.15
CA SER A 66 2.49 9.30 -12.12
C SER A 66 3.95 9.36 -11.68
N GLY A 67 4.86 9.10 -12.62
CA GLY A 67 6.27 9.13 -12.30
C GLY A 67 6.59 8.43 -10.99
N HIS A 68 6.02 7.24 -10.80
CA HIS A 68 6.25 6.48 -9.58
C HIS A 68 7.03 5.20 -9.88
N GLY A 69 6.43 4.32 -10.67
CA GLY A 69 7.09 3.07 -11.02
C GLY A 69 7.73 2.40 -9.82
N GLN A 70 9.06 2.39 -9.80
CA GLN A 70 9.80 1.76 -8.71
C GLN A 70 10.11 2.78 -7.61
N SER A 71 9.11 3.60 -7.28
CA SER A 71 9.28 4.62 -6.24
C SER A 71 10.12 4.09 -5.09
N GLY A 72 11.40 4.49 -5.06
CA GLY A 72 12.29 4.06 -4.01
C GLY A 72 13.68 3.74 -4.52
N PRO A 73 14.41 2.90 -3.78
CA PRO A 73 15.77 2.50 -4.14
C PRO A 73 15.81 1.62 -5.39
N SER A 74 17.01 1.42 -5.93
CA SER A 74 17.18 0.60 -7.12
C SER A 74 16.58 -0.79 -6.92
N SER A 75 16.10 -1.40 -8.00
CA SER A 75 15.51 -2.72 -7.93
C SER A 75 16.56 -3.77 -7.55
N GLY A 76 16.35 -4.41 -6.40
CA GLY A 76 17.28 -5.42 -5.94
C GLY A 76 16.76 -6.19 -4.74
ZN ZN B . -5.80 -2.60 -6.96
N GLY A 1 24.70 -1.14 5.19
CA GLY A 1 24.42 0.13 4.53
C GLY A 1 22.95 0.48 4.56
N SER A 2 22.34 0.40 5.73
CA SER A 2 20.93 0.71 5.89
C SER A 2 20.69 2.22 5.79
N SER A 3 19.77 2.61 4.91
CA SER A 3 19.45 4.02 4.71
C SER A 3 17.95 4.27 4.87
N GLY A 4 17.59 5.07 5.87
CA GLY A 4 16.19 5.37 6.10
C GLY A 4 15.39 5.46 4.82
N SER A 5 14.11 5.13 4.89
CA SER A 5 13.24 5.17 3.72
C SER A 5 11.85 5.69 4.10
N SER A 6 11.35 6.65 3.33
CA SER A 6 10.05 7.24 3.59
C SER A 6 9.17 7.16 2.34
N GLY A 7 7.98 6.59 2.49
CA GLY A 7 7.06 6.46 1.38
C GLY A 7 5.62 6.35 1.83
N SER A 8 5.19 5.15 2.17
CA SER A 8 3.82 4.93 2.61
C SER A 8 2.85 5.82 1.85
N GLU A 9 3.18 6.11 0.59
CA GLU A 9 2.33 6.96 -0.24
C GLU A 9 1.30 6.13 -0.99
N ALA A 10 1.60 4.86 -1.20
CA ALA A 10 0.69 3.96 -1.90
C ALA A 10 -0.68 3.95 -1.25
N TRP A 11 -0.73 4.33 0.03
CA TRP A 11 -1.98 4.37 0.76
C TRP A 11 -3.04 5.17 0.01
N GLU A 12 -2.58 6.11 -0.80
CA GLU A 12 -3.49 6.96 -1.58
C GLU A 12 -4.36 6.11 -2.50
N TYR A 13 -3.90 4.89 -2.78
CA TYR A 13 -4.65 3.98 -3.66
C TYR A 13 -5.34 2.90 -2.85
N PHE A 14 -5.49 3.13 -1.55
CA PHE A 14 -6.13 2.17 -0.66
C PHE A 14 -6.82 2.88 0.50
N HIS A 15 -7.86 2.25 1.04
CA HIS A 15 -8.60 2.82 2.17
C HIS A 15 -8.99 1.74 3.16
N LEU A 16 -8.57 1.90 4.40
CA LEU A 16 -8.88 0.93 5.45
C LEU A 16 -10.38 0.89 5.72
N ALA A 17 -10.89 -0.32 5.98
CA ALA A 17 -12.31 -0.50 6.25
C ALA A 17 -12.57 -0.52 7.76
N PRO A 18 -13.71 0.07 8.16
CA PRO A 18 -14.10 0.12 9.57
C PRO A 18 -14.50 -1.23 10.13
N ALA A 19 -14.35 -1.41 11.44
CA ALA A 19 -14.69 -2.67 12.09
C ALA A 19 -15.63 -2.44 13.27
N ARG A 20 -16.83 -2.99 13.17
CA ARG A 20 -17.82 -2.85 14.24
C ARG A 20 -17.66 -3.94 15.28
N ALA A 21 -16.41 -4.34 15.52
CA ALA A 21 -16.12 -5.38 16.51
C ALA A 21 -14.78 -5.14 17.17
N GLY A 22 -14.46 -5.95 18.19
CA GLY A 22 -13.20 -5.80 18.88
C GLY A 22 -12.01 -5.89 17.96
N HIS A 23 -12.05 -6.84 17.01
CA HIS A 23 -10.97 -7.02 16.06
C HIS A 23 -10.42 -5.67 15.60
N HIS A 24 -9.09 -5.56 15.58
CA HIS A 24 -8.44 -4.32 15.16
C HIS A 24 -9.11 -3.75 13.91
N PRO A 25 -9.24 -2.42 13.87
CA PRO A 25 -9.86 -1.71 12.74
C PRO A 25 -9.00 -1.76 11.48
N ASN A 26 -7.68 -1.89 11.68
CA ASN A 26 -6.76 -1.95 10.56
C ASN A 26 -6.38 -3.39 10.24
N GLN A 27 -7.34 -4.15 9.73
CA GLN A 27 -7.10 -5.55 9.39
C GLN A 27 -6.76 -5.70 7.91
N TYR A 28 -7.57 -5.09 7.06
CA TYR A 28 -7.37 -5.15 5.61
C TYR A 28 -7.45 -3.77 4.99
N ALA A 29 -7.06 -3.67 3.73
CA ALA A 29 -7.09 -2.40 3.00
C ALA A 29 -7.88 -2.53 1.70
N THR A 30 -8.66 -1.50 1.38
CA THR A 30 -9.46 -1.49 0.17
C THR A 30 -8.81 -0.64 -0.92
N CYS A 31 -8.33 -1.30 -1.97
CA CYS A 31 -7.68 -0.60 -3.08
C CYS A 31 -8.66 0.35 -3.77
N ARG A 32 -8.41 1.65 -3.62
CA ARG A 32 -9.26 2.66 -4.23
C ARG A 32 -9.09 2.69 -5.74
N LEU A 33 -8.16 1.88 -6.24
CA LEU A 33 -7.89 1.82 -7.67
C LEU A 33 -8.79 0.78 -8.35
N CYS A 34 -8.75 -0.45 -7.85
CA CYS A 34 -9.55 -1.53 -8.40
C CYS A 34 -10.67 -1.92 -7.43
N GLY A 35 -10.37 -1.85 -6.14
CA GLY A 35 -11.35 -2.21 -5.14
C GLY A 35 -11.12 -3.58 -4.55
N ARG A 36 -9.86 -4.01 -4.52
CA ARG A 36 -9.50 -5.32 -3.99
C ARG A 36 -8.98 -5.20 -2.56
N GLN A 37 -9.27 -6.20 -1.74
CA GLN A 37 -8.83 -6.20 -0.35
C GLN A 37 -7.40 -6.72 -0.24
N VAL A 38 -6.51 -5.90 0.32
CA VAL A 38 -5.12 -6.28 0.50
C VAL A 38 -4.69 -6.15 1.96
N SER A 39 -4.10 -7.21 2.49
CA SER A 39 -3.63 -7.21 3.88
C SER A 39 -2.22 -6.65 3.98
N ARG A 40 -1.82 -6.30 5.20
CA ARG A 40 -0.48 -5.76 5.43
C ARG A 40 0.44 -6.82 6.02
N GLY A 41 0.09 -7.32 7.20
CA GLY A 41 0.90 -8.33 7.85
C GLY A 41 2.11 -7.75 8.54
N PRO A 42 2.85 -8.61 9.27
CA PRO A 42 4.05 -8.19 9.99
C PRO A 42 5.21 -7.83 9.06
N GLY A 43 5.63 -6.58 9.10
CA GLY A 43 6.72 -6.12 8.25
C GLY A 43 6.36 -4.89 7.46
N VAL A 44 5.08 -4.72 7.18
CA VAL A 44 4.61 -3.56 6.42
C VAL A 44 5.07 -2.26 7.06
N ASN A 45 5.37 -2.31 8.35
CA ASN A 45 5.82 -1.14 9.08
C ASN A 45 7.03 -0.51 8.40
N VAL A 46 8.00 -1.35 8.03
CA VAL A 46 9.21 -0.88 7.38
C VAL A 46 9.54 -1.72 6.15
N GLY A 47 9.40 -1.11 4.98
CA GLY A 47 9.68 -1.81 3.74
C GLY A 47 8.56 -1.67 2.72
N THR A 48 8.80 -2.17 1.51
CA THR A 48 7.80 -2.08 0.44
C THR A 48 6.40 -2.41 0.97
N THR A 49 5.60 -1.37 1.14
CA THR A 49 4.23 -1.53 1.64
C THR A 49 3.43 -2.47 0.74
N ALA A 50 2.85 -3.50 1.34
CA ALA A 50 2.06 -4.47 0.59
C ALA A 50 1.30 -3.80 -0.54
N LEU A 51 0.91 -2.54 -0.32
CA LEU A 51 0.17 -1.79 -1.33
C LEU A 51 0.99 -1.61 -2.60
N TRP A 52 2.23 -1.20 -2.45
CA TRP A 52 3.14 -1.00 -3.58
C TRP A 52 3.23 -2.27 -4.41
N LYS A 53 3.43 -3.40 -3.75
CA LYS A 53 3.55 -4.69 -4.43
C LYS A 53 2.33 -4.94 -5.31
N HIS A 54 1.17 -4.48 -4.86
CA HIS A 54 -0.07 -4.66 -5.61
C HIS A 54 -0.16 -3.65 -6.75
N LEU A 55 0.29 -2.43 -6.49
CA LEU A 55 0.26 -1.37 -7.50
C LEU A 55 1.15 -1.72 -8.69
N LYS A 56 2.39 -2.10 -8.40
CA LYS A 56 3.34 -2.45 -9.44
C LYS A 56 3.03 -3.83 -10.01
N SER A 57 2.13 -4.55 -9.35
CA SER A 57 1.74 -5.89 -9.78
C SER A 57 0.65 -5.82 -10.85
N MET A 58 -0.30 -4.91 -10.65
CA MET A 58 -1.40 -4.74 -11.59
C MET A 58 -1.48 -3.30 -12.09
N HIS A 59 -1.16 -2.37 -11.20
CA HIS A 59 -1.19 -0.95 -11.55
C HIS A 59 0.18 -0.46 -12.00
N ARG A 60 0.99 -1.39 -12.50
CA ARG A 60 2.33 -1.06 -12.96
C ARG A 60 2.31 0.13 -13.92
N GLU A 61 1.26 0.20 -14.73
CA GLU A 61 1.12 1.29 -15.70
C GLU A 61 0.73 2.59 -14.98
N GLU A 62 -0.22 2.50 -14.06
CA GLU A 62 -0.68 3.66 -13.32
C GLU A 62 0.50 4.38 -12.66
N LEU A 63 1.39 3.61 -12.04
CA LEU A 63 2.56 4.17 -11.37
C LEU A 63 3.50 4.83 -12.38
N GLU A 64 3.98 4.05 -13.33
CA GLU A 64 4.88 4.57 -14.36
C GLU A 64 4.37 5.90 -14.91
N LYS A 65 3.07 5.98 -15.15
CA LYS A 65 2.47 7.20 -15.67
C LYS A 65 2.56 8.34 -14.65
N SER A 66 2.18 8.05 -13.41
CA SER A 66 2.22 9.04 -12.34
C SER A 66 3.46 8.87 -11.49
N GLY A 67 4.59 9.37 -11.98
CA GLY A 67 5.84 9.26 -11.25
C GLY A 67 5.94 7.96 -10.46
N HIS A 68 6.01 8.08 -9.14
CA HIS A 68 6.11 6.92 -8.28
C HIS A 68 7.08 5.89 -8.86
N GLY A 69 8.19 6.37 -9.40
CA GLY A 69 9.18 5.48 -9.98
C GLY A 69 10.26 5.09 -8.99
N GLN A 70 10.29 3.81 -8.63
CA GLN A 70 11.28 3.31 -7.68
C GLN A 70 11.19 4.05 -6.35
N SER A 71 9.97 4.22 -5.86
CA SER A 71 9.75 4.91 -4.60
C SER A 71 9.90 3.97 -3.42
N GLY A 72 9.31 2.77 -3.55
CA GLY A 72 9.39 1.79 -2.49
C GLY A 72 10.80 1.26 -2.29
N PRO A 73 11.30 0.53 -3.30
CA PRO A 73 12.65 -0.05 -3.26
C PRO A 73 13.74 1.01 -3.34
N SER A 74 13.33 2.26 -3.57
CA SER A 74 14.28 3.36 -3.67
C SER A 74 15.41 3.03 -4.65
N SER A 75 15.04 2.40 -5.76
CA SER A 75 16.01 2.02 -6.77
C SER A 75 17.32 1.55 -6.13
N GLY A 76 17.19 0.72 -5.10
CA GLY A 76 18.36 0.21 -4.41
C GLY A 76 19.49 1.24 -4.35
ZN ZN B . -5.69 -2.44 -6.90
N GLY A 1 7.44 6.65 16.67
CA GLY A 1 8.59 6.50 17.55
C GLY A 1 9.89 6.40 16.79
N SER A 2 10.59 5.29 16.97
CA SER A 2 11.88 5.08 16.30
C SER A 2 11.69 4.30 15.00
N SER A 3 11.85 5.00 13.88
CA SER A 3 11.70 4.38 12.57
C SER A 3 12.39 5.21 11.49
N GLY A 4 12.74 4.56 10.38
CA GLY A 4 13.39 5.26 9.29
C GLY A 4 12.43 5.69 8.21
N SER A 5 12.81 6.72 7.45
CA SER A 5 11.97 7.23 6.38
C SER A 5 11.26 6.09 5.65
N SER A 6 9.99 6.29 5.34
CA SER A 6 9.20 5.28 4.65
C SER A 6 8.32 5.92 3.58
N GLY A 7 7.88 5.11 2.63
CA GLY A 7 7.03 5.61 1.56
C GLY A 7 5.58 5.25 1.75
N SER A 8 4.89 5.99 2.61
CA SER A 8 3.48 5.74 2.89
C SER A 8 2.59 6.49 1.91
N GLU A 9 2.98 6.49 0.64
CA GLU A 9 2.21 7.17 -0.40
C GLU A 9 1.24 6.21 -1.08
N ALA A 10 1.58 4.93 -1.07
CA ALA A 10 0.74 3.91 -1.68
C ALA A 10 -0.67 3.92 -1.08
N TRP A 11 -0.77 4.39 0.16
CA TRP A 11 -2.05 4.45 0.85
C TRP A 11 -3.09 5.20 0.01
N GLU A 12 -2.62 6.16 -0.78
CA GLU A 12 -3.50 6.96 -1.63
C GLU A 12 -4.29 6.05 -2.57
N TYR A 13 -3.82 4.82 -2.73
CA TYR A 13 -4.48 3.86 -3.61
C TYR A 13 -5.17 2.76 -2.81
N PHE A 14 -5.42 3.05 -1.52
CA PHE A 14 -6.07 2.09 -0.64
C PHE A 14 -6.83 2.80 0.46
N HIS A 15 -7.84 2.13 1.01
CA HIS A 15 -8.66 2.70 2.08
C HIS A 15 -9.04 1.63 3.10
N LEU A 16 -8.78 1.91 4.37
CA LEU A 16 -9.11 0.97 5.44
C LEU A 16 -10.62 0.82 5.60
N ALA A 17 -11.06 -0.41 5.83
CA ALA A 17 -12.48 -0.68 6.01
C ALA A 17 -12.88 -0.61 7.48
N PRO A 18 -14.14 -0.23 7.74
CA PRO A 18 -14.67 -0.13 9.10
C PRO A 18 -14.84 -1.49 9.77
N ALA A 19 -14.67 -1.52 11.09
CA ALA A 19 -14.80 -2.76 11.85
C ALA A 19 -16.01 -2.69 12.79
N ARG A 20 -17.15 -3.17 12.31
CA ARG A 20 -18.38 -3.17 13.12
C ARG A 20 -18.67 -4.56 13.65
N ALA A 21 -18.56 -5.56 12.79
CA ALA A 21 -18.81 -6.95 13.18
C ALA A 21 -17.72 -7.88 12.66
N GLY A 22 -16.59 -7.88 13.34
CA GLY A 22 -15.47 -8.73 12.93
C GLY A 22 -14.24 -8.52 13.78
N HIS A 23 -13.07 -8.65 13.17
CA HIS A 23 -11.81 -8.49 13.89
C HIS A 23 -11.47 -7.01 14.05
N HIS A 24 -10.39 -6.73 14.76
CA HIS A 24 -9.95 -5.35 14.99
C HIS A 24 -9.85 -4.59 13.67
N PRO A 25 -10.01 -3.26 13.75
CA PRO A 25 -9.95 -2.39 12.56
C PRO A 25 -8.54 -2.30 11.99
N ASN A 26 -8.42 -1.69 10.82
CA ASN A 26 -7.13 -1.53 10.16
C ASN A 26 -6.50 -2.90 9.87
N GLN A 27 -7.32 -3.87 9.49
CA GLN A 27 -6.84 -5.20 9.19
C GLN A 27 -6.53 -5.35 7.71
N TYR A 28 -7.50 -4.99 6.87
CA TYR A 28 -7.32 -5.08 5.42
C TYR A 28 -7.44 -3.70 4.77
N ALA A 29 -6.78 -3.54 3.63
CA ALA A 29 -6.81 -2.28 2.90
C ALA A 29 -7.57 -2.43 1.58
N THR A 30 -8.56 -1.56 1.38
CA THR A 30 -9.36 -1.59 0.15
C THR A 30 -8.78 -0.67 -0.91
N CYS A 31 -8.21 -1.26 -1.95
CA CYS A 31 -7.61 -0.50 -3.03
C CYS A 31 -8.61 0.50 -3.62
N ARG A 32 -8.15 1.73 -3.84
CA ARG A 32 -9.01 2.77 -4.39
C ARG A 32 -8.91 2.81 -5.92
N LEU A 33 -8.06 1.96 -6.47
CA LEU A 33 -7.86 1.90 -7.91
C LEU A 33 -8.80 0.87 -8.55
N CYS A 34 -8.81 -0.34 -8.00
CA CYS A 34 -9.67 -1.40 -8.50
C CYS A 34 -10.70 -1.81 -7.47
N GLY A 35 -10.28 -1.86 -6.20
CA GLY A 35 -11.18 -2.23 -5.13
C GLY A 35 -10.85 -3.60 -4.56
N ARG A 36 -9.59 -4.00 -4.67
CA ARG A 36 -9.16 -5.30 -4.17
C ARG A 36 -8.74 -5.20 -2.71
N GLN A 37 -9.09 -6.23 -1.93
CA GLN A 37 -8.74 -6.25 -0.51
C GLN A 37 -7.33 -6.76 -0.31
N VAL A 38 -6.44 -5.87 0.13
CA VAL A 38 -5.04 -6.22 0.37
C VAL A 38 -4.67 -5.99 1.83
N SER A 39 -4.41 -7.09 2.54
CA SER A 39 -4.04 -7.02 3.94
C SER A 39 -2.53 -6.98 4.11
N ARG A 40 -2.06 -6.20 5.08
CA ARG A 40 -0.63 -6.07 5.34
C ARG A 40 -0.12 -7.24 6.18
N GLY A 41 -0.89 -7.58 7.21
CA GLY A 41 -0.50 -8.69 8.08
C GLY A 41 0.74 -8.37 8.90
N PRO A 42 1.36 -9.41 9.46
CA PRO A 42 2.56 -9.26 10.28
C PRO A 42 3.78 -8.87 9.46
N GLY A 43 3.75 -9.19 8.18
CA GLY A 43 4.85 -8.86 7.29
C GLY A 43 4.71 -7.48 6.66
N VAL A 44 4.29 -6.52 7.47
CA VAL A 44 4.11 -5.15 6.99
C VAL A 44 5.39 -4.33 7.16
N ASN A 45 6.11 -4.60 8.25
CA ASN A 45 7.35 -3.89 8.54
C ASN A 45 8.11 -3.57 7.24
N VAL A 46 8.08 -4.51 6.30
CA VAL A 46 8.75 -4.31 5.02
C VAL A 46 8.55 -2.90 4.49
N GLY A 47 9.61 -2.10 4.51
CA GLY A 47 9.52 -0.74 4.02
C GLY A 47 8.61 -0.60 2.83
N THR A 48 8.63 -1.59 1.95
CA THR A 48 7.81 -1.58 0.75
C THR A 48 6.39 -2.04 1.06
N THR A 49 5.60 -1.14 1.66
CA THR A 49 4.22 -1.45 2.02
C THR A 49 3.58 -2.39 1.00
N ALA A 50 2.92 -3.42 1.50
CA ALA A 50 2.27 -4.40 0.63
C ALA A 50 1.39 -3.71 -0.41
N LEU A 51 1.08 -2.44 -0.17
CA LEU A 51 0.25 -1.67 -1.08
C LEU A 51 0.91 -1.53 -2.44
N TRP A 52 2.22 -1.23 -2.43
CA TRP A 52 2.97 -1.08 -3.67
C TRP A 52 2.97 -2.38 -4.47
N LYS A 53 3.46 -3.44 -3.85
CA LYS A 53 3.52 -4.75 -4.50
C LYS A 53 2.28 -4.99 -5.35
N HIS A 54 1.13 -4.55 -4.86
CA HIS A 54 -0.13 -4.71 -5.58
C HIS A 54 -0.25 -3.69 -6.70
N LEU A 55 0.18 -2.46 -6.42
CA LEU A 55 0.12 -1.38 -7.41
C LEU A 55 1.01 -1.69 -8.61
N LYS A 56 2.26 -2.06 -8.33
CA LYS A 56 3.22 -2.39 -9.38
C LYS A 56 2.92 -3.76 -9.98
N SER A 57 2.01 -4.49 -9.35
CA SER A 57 1.65 -5.83 -9.80
C SER A 57 0.56 -5.74 -10.88
N MET A 58 -0.41 -4.87 -10.66
CA MET A 58 -1.50 -4.70 -11.62
C MET A 58 -1.59 -3.25 -12.09
N HIS A 59 -1.23 -2.32 -11.20
CA HIS A 59 -1.27 -0.90 -11.52
C HIS A 59 0.12 -0.40 -11.93
N ARG A 60 0.93 -1.30 -12.48
CA ARG A 60 2.28 -0.94 -12.90
C ARG A 60 2.24 0.20 -13.91
N GLU A 61 1.21 0.21 -14.75
CA GLU A 61 1.06 1.24 -15.77
C GLU A 61 0.64 2.57 -15.15
N GLU A 62 -0.17 2.49 -14.09
CA GLU A 62 -0.63 3.68 -13.40
C GLU A 62 0.51 4.40 -12.70
N LEU A 63 1.35 3.63 -12.01
CA LEU A 63 2.49 4.18 -11.29
C LEU A 63 3.48 4.82 -12.25
N GLU A 64 3.96 4.04 -13.20
CA GLU A 64 4.93 4.53 -14.19
C GLU A 64 4.42 5.81 -14.84
N LYS A 65 3.15 5.81 -15.23
CA LYS A 65 2.54 6.98 -15.87
C LYS A 65 2.74 8.23 -15.02
N SER A 66 2.39 8.13 -13.73
CA SER A 66 2.53 9.26 -12.81
C SER A 66 4.00 9.52 -12.50
N GLY A 67 4.25 10.48 -11.62
CA GLY A 67 5.60 10.83 -11.25
C GLY A 67 6.15 9.92 -10.17
N HIS A 68 5.91 8.62 -10.31
CA HIS A 68 6.38 7.65 -9.32
C HIS A 68 7.61 6.89 -9.85
N GLY A 69 8.50 7.62 -10.51
CA GLY A 69 9.70 7.01 -11.05
C GLY A 69 10.68 6.58 -9.96
N GLN A 70 11.06 7.52 -9.10
CA GLN A 70 12.00 7.24 -8.02
C GLN A 70 11.70 5.88 -7.40
N SER A 71 10.42 5.59 -7.17
CA SER A 71 10.00 4.34 -6.58
C SER A 71 9.97 3.22 -7.62
N GLY A 72 10.53 2.07 -7.27
CA GLY A 72 10.56 0.94 -8.19
C GLY A 72 10.93 1.35 -9.60
N PRO A 73 12.15 1.87 -9.77
CA PRO A 73 12.64 2.31 -11.08
C PRO A 73 12.87 1.15 -12.04
N SER A 74 13.09 -0.03 -11.48
CA SER A 74 13.34 -1.23 -12.28
C SER A 74 12.46 -2.38 -11.82
N SER A 75 12.63 -2.78 -10.56
CA SER A 75 11.85 -3.88 -10.01
C SER A 75 10.42 -3.87 -10.53
N GLY A 76 9.91 -5.06 -10.86
CA GLY A 76 8.56 -5.15 -11.38
C GLY A 76 7.73 -6.21 -10.65
ZN ZN B . -5.89 -2.35 -7.01
N GLY A 1 9.01 11.52 15.58
CA GLY A 1 10.45 11.43 15.72
C GLY A 1 11.06 10.34 14.85
N SER A 2 10.91 9.10 15.27
CA SER A 2 11.45 7.96 14.53
C SER A 2 10.69 7.76 13.22
N SER A 3 11.40 7.93 12.11
CA SER A 3 10.79 7.78 10.79
C SER A 3 10.41 6.31 10.54
N GLY A 4 9.60 6.09 9.51
CA GLY A 4 9.18 4.74 9.19
C GLY A 4 8.18 4.72 8.05
N SER A 5 7.18 5.59 8.10
CA SER A 5 6.16 5.67 7.06
C SER A 5 6.43 6.81 6.10
N SER A 6 7.68 6.92 5.67
CA SER A 6 8.08 7.97 4.74
C SER A 6 7.52 7.71 3.35
N GLY A 7 7.16 6.46 3.09
CA GLY A 7 6.62 6.10 1.79
C GLY A 7 5.18 5.63 1.87
N SER A 8 4.36 6.38 2.62
CA SER A 8 2.96 6.04 2.77
C SER A 8 2.12 6.60 1.63
N GLU A 9 2.76 6.76 0.47
CA GLU A 9 2.07 7.30 -0.70
C GLU A 9 1.12 6.27 -1.30
N ALA A 10 1.56 5.02 -1.32
CA ALA A 10 0.75 3.93 -1.85
C ALA A 10 -0.64 3.92 -1.22
N TRP A 11 -0.71 4.33 0.04
CA TRP A 11 -1.98 4.36 0.77
C TRP A 11 -3.03 5.14 0.00
N GLU A 12 -2.58 6.13 -0.78
CA GLU A 12 -3.49 6.94 -1.57
C GLU A 12 -4.32 6.09 -2.51
N TYR A 13 -3.88 4.85 -2.74
CA TYR A 13 -4.59 3.93 -3.61
C TYR A 13 -5.27 2.84 -2.81
N PHE A 14 -5.45 3.08 -1.52
CA PHE A 14 -6.10 2.11 -0.64
C PHE A 14 -6.79 2.82 0.52
N HIS A 15 -7.86 2.19 1.02
CA HIS A 15 -8.62 2.77 2.14
C HIS A 15 -9.00 1.68 3.14
N LEU A 16 -8.66 1.91 4.40
CA LEU A 16 -8.97 0.95 5.46
C LEU A 16 -10.47 0.78 5.62
N ALA A 17 -10.90 -0.44 5.94
CA ALA A 17 -12.31 -0.74 6.11
C ALA A 17 -12.62 -1.02 7.58
N PRO A 18 -13.81 -0.59 8.02
CA PRO A 18 -14.26 -0.78 9.41
C PRO A 18 -14.56 -2.24 9.71
N ALA A 19 -14.51 -2.59 10.99
CA ALA A 19 -14.78 -3.96 11.42
C ALA A 19 -15.70 -3.98 12.64
N ARG A 20 -16.98 -4.25 12.39
CA ARG A 20 -17.98 -4.30 13.45
C ARG A 20 -17.85 -5.58 14.26
N ALA A 21 -17.75 -6.71 13.56
CA ALA A 21 -17.62 -8.01 14.20
C ALA A 21 -16.36 -8.72 13.75
N GLY A 22 -16.08 -9.88 14.35
CA GLY A 22 -14.90 -10.64 14.00
C GLY A 22 -13.63 -10.05 14.59
N HIS A 23 -12.60 -9.92 13.76
CA HIS A 23 -11.32 -9.36 14.20
C HIS A 23 -11.36 -7.84 14.18
N HIS A 24 -10.47 -7.22 14.94
CA HIS A 24 -10.40 -5.76 15.01
C HIS A 24 -10.16 -5.17 13.62
N PRO A 25 -10.55 -3.90 13.45
CA PRO A 25 -10.38 -3.18 12.19
C PRO A 25 -8.93 -2.88 11.86
N ASN A 26 -8.70 -2.18 10.76
CA ASN A 26 -7.34 -1.84 10.34
C ASN A 26 -6.53 -3.09 10.03
N GLN A 27 -7.16 -4.04 9.35
CA GLN A 27 -6.49 -5.29 8.99
C GLN A 27 -6.33 -5.41 7.48
N TYR A 28 -7.38 -5.05 6.75
CA TYR A 28 -7.36 -5.12 5.29
C TYR A 28 -7.51 -3.73 4.68
N ALA A 29 -6.88 -3.53 3.53
CA ALA A 29 -6.95 -2.26 2.84
C ALA A 29 -7.68 -2.38 1.50
N THR A 30 -8.65 -1.52 1.28
CA THR A 30 -9.44 -1.53 0.05
C THR A 30 -8.80 -0.65 -1.01
N CYS A 31 -8.31 -1.27 -2.09
CA CYS A 31 -7.68 -0.53 -3.17
C CYS A 31 -8.66 0.45 -3.82
N ARG A 32 -8.30 1.72 -3.82
CA ARG A 32 -9.14 2.76 -4.40
C ARG A 32 -8.99 2.80 -5.92
N LEU A 33 -8.07 1.99 -6.43
CA LEU A 33 -7.84 1.93 -7.87
C LEU A 33 -8.77 0.92 -8.54
N CYS A 34 -8.75 -0.32 -8.04
CA CYS A 34 -9.59 -1.37 -8.59
C CYS A 34 -10.75 -1.68 -7.64
N GLY A 35 -10.44 -1.75 -6.35
CA GLY A 35 -11.47 -2.04 -5.36
C GLY A 35 -11.33 -3.43 -4.75
N ARG A 36 -10.08 -3.89 -4.66
CA ARG A 36 -9.80 -5.20 -4.09
C ARG A 36 -9.24 -5.08 -2.68
N GLN A 37 -9.27 -6.17 -1.93
CA GLN A 37 -8.76 -6.18 -0.56
C GLN A 37 -7.29 -6.61 -0.53
N VAL A 38 -6.45 -5.80 0.09
CA VAL A 38 -5.02 -6.08 0.19
C VAL A 38 -4.51 -5.85 1.59
N SER A 39 -4.42 -6.91 2.38
CA SER A 39 -3.95 -6.81 3.75
C SER A 39 -2.46 -6.47 3.79
N ARG A 40 -1.99 -6.05 4.97
CA ARG A 40 -0.59 -5.68 5.13
C ARG A 40 0.21 -6.85 5.71
N GLY A 41 -0.28 -7.41 6.81
CA GLY A 41 0.41 -8.53 7.43
C GLY A 41 1.29 -8.10 8.59
N PRO A 42 1.81 -9.08 9.34
CA PRO A 42 2.68 -8.83 10.50
C PRO A 42 4.04 -8.28 10.08
N GLY A 43 4.22 -8.08 8.79
CA GLY A 43 5.48 -7.56 8.28
C GLY A 43 5.31 -6.65 7.09
N VAL A 44 4.90 -5.41 7.36
CA VAL A 44 4.69 -4.43 6.30
C VAL A 44 5.62 -3.23 6.46
N ASN A 45 6.86 -3.51 6.88
CA ASN A 45 7.84 -2.45 7.08
C ASN A 45 9.15 -2.80 6.37
N VAL A 46 9.03 -3.31 5.15
CA VAL A 46 10.21 -3.68 4.36
C VAL A 46 10.51 -2.63 3.30
N GLY A 47 10.36 -1.36 3.66
CA GLY A 47 10.62 -0.28 2.73
C GLY A 47 9.47 -0.07 1.76
N THR A 48 9.05 -1.15 1.11
CA THR A 48 7.95 -1.08 0.14
C THR A 48 6.65 -1.57 0.75
N THR A 49 5.76 -0.64 1.09
CA THR A 49 4.48 -0.98 1.68
C THR A 49 3.79 -2.10 0.90
N ALA A 50 3.41 -3.15 1.60
CA ALA A 50 2.74 -4.29 0.97
C ALA A 50 1.79 -3.82 -0.12
N LEU A 51 1.26 -2.60 0.03
CA LEU A 51 0.33 -2.05 -0.95
C LEU A 51 1.01 -1.88 -2.30
N TRP A 52 2.20 -1.28 -2.30
CA TRP A 52 2.95 -1.06 -3.54
C TRP A 52 2.96 -2.33 -4.39
N LYS A 53 3.39 -3.44 -3.79
CA LYS A 53 3.46 -4.71 -4.50
C LYS A 53 2.23 -4.90 -5.39
N HIS A 54 1.06 -4.57 -4.87
CA HIS A 54 -0.18 -4.69 -5.62
C HIS A 54 -0.23 -3.70 -6.76
N LEU A 55 0.12 -2.45 -6.47
CA LEU A 55 0.12 -1.39 -7.48
C LEU A 55 1.01 -1.77 -8.66
N LYS A 56 2.24 -2.19 -8.37
CA LYS A 56 3.18 -2.59 -9.40
C LYS A 56 2.83 -3.95 -9.97
N SER A 57 1.89 -4.63 -9.32
CA SER A 57 1.46 -5.95 -9.77
C SER A 57 0.42 -5.84 -10.88
N MET A 58 -0.50 -4.90 -10.73
CA MET A 58 -1.55 -4.68 -11.73
C MET A 58 -1.57 -3.23 -12.19
N HIS A 59 -1.27 -2.32 -11.27
CA HIS A 59 -1.26 -0.90 -11.58
C HIS A 59 0.14 -0.43 -11.98
N ARG A 60 0.96 -1.38 -12.41
CA ARG A 60 2.33 -1.08 -12.82
C ARG A 60 2.36 0.13 -13.75
N GLU A 61 1.40 0.18 -14.67
CA GLU A 61 1.31 1.28 -15.63
C GLU A 61 0.86 2.56 -14.94
N GLU A 62 -0.16 2.45 -14.10
CA GLU A 62 -0.68 3.61 -13.39
C GLU A 62 0.44 4.36 -12.67
N LEU A 63 1.29 3.62 -11.97
CA LEU A 63 2.40 4.22 -11.24
C LEU A 63 3.34 4.96 -12.18
N GLU A 64 3.97 4.21 -13.09
CA GLU A 64 4.90 4.80 -14.04
C GLU A 64 4.28 6.04 -14.70
N LYS A 65 3.11 5.87 -15.28
CA LYS A 65 2.42 6.98 -15.94
C LYS A 65 2.36 8.21 -15.03
N SER A 66 2.00 7.99 -13.76
CA SER A 66 1.91 9.07 -12.80
C SER A 66 3.27 9.71 -12.57
N GLY A 67 4.29 8.87 -12.37
CA GLY A 67 5.63 9.36 -12.14
C GLY A 67 6.14 9.01 -10.75
N HIS A 68 6.00 7.75 -10.37
CA HIS A 68 6.45 7.30 -9.06
C HIS A 68 7.65 6.37 -9.19
N GLY A 69 8.62 6.79 -10.01
CA GLY A 69 9.82 6.00 -10.21
C GLY A 69 10.66 5.89 -8.95
N GLN A 70 11.17 7.02 -8.47
CA GLN A 70 11.99 7.02 -7.27
C GLN A 70 11.13 6.98 -6.02
N SER A 71 10.16 6.08 -6.01
CA SER A 71 9.26 5.95 -4.87
C SER A 71 9.57 4.68 -4.08
N GLY A 72 9.87 3.60 -4.80
CA GLY A 72 10.19 2.34 -4.16
C GLY A 72 11.20 1.52 -4.93
N PRO A 73 12.48 1.64 -4.54
CA PRO A 73 13.57 0.91 -5.19
C PRO A 73 13.51 -0.59 -4.94
N SER A 74 14.51 -1.31 -5.44
CA SER A 74 14.57 -2.77 -5.26
C SER A 74 15.78 -3.17 -4.44
N SER A 75 15.83 -4.44 -4.05
CA SER A 75 16.95 -4.95 -3.25
C SER A 75 17.68 -6.05 -4.00
N GLY A 76 18.95 -6.27 -3.61
CA GLY A 76 19.75 -7.30 -4.26
C GLY A 76 18.92 -8.50 -4.65
ZN ZN B . -5.79 -2.43 -7.06
N GLY A 1 13.56 5.88 12.39
CA GLY A 1 13.82 6.22 11.00
C GLY A 1 13.59 7.70 10.72
N SER A 2 14.55 8.53 11.15
CA SER A 2 14.44 9.97 10.95
C SER A 2 13.10 10.50 11.43
N SER A 3 12.67 10.01 12.60
CA SER A 3 11.40 10.43 13.17
C SER A 3 10.34 10.60 12.08
N GLY A 4 10.33 9.67 11.13
CA GLY A 4 9.36 9.74 10.05
C GLY A 4 9.46 8.55 9.12
N SER A 5 8.31 8.09 8.63
CA SER A 5 8.28 6.95 7.72
C SER A 5 7.92 7.38 6.31
N SER A 6 8.56 6.76 5.32
CA SER A 6 8.32 7.09 3.93
C SER A 6 7.63 5.93 3.21
N GLY A 7 7.37 6.12 1.91
CA GLY A 7 6.71 5.08 1.14
C GLY A 7 5.29 4.83 1.58
N SER A 8 4.62 5.89 2.04
CA SER A 8 3.24 5.79 2.49
C SER A 8 2.27 6.30 1.43
N GLU A 9 2.82 6.93 0.39
CA GLU A 9 2.00 7.46 -0.68
C GLU A 9 1.09 6.38 -1.27
N ALA A 10 1.52 5.13 -1.17
CA ALA A 10 0.74 4.02 -1.68
C ALA A 10 -0.65 3.98 -1.05
N TRP A 11 -0.74 4.40 0.21
CA TRP A 11 -2.01 4.42 0.92
C TRP A 11 -3.07 5.16 0.12
N GLU A 12 -2.64 6.14 -0.66
CA GLU A 12 -3.55 6.94 -1.47
C GLU A 12 -4.37 6.04 -2.40
N TYR A 13 -3.85 4.85 -2.66
CA TYR A 13 -4.52 3.90 -3.55
C TYR A 13 -5.18 2.78 -2.73
N PHE A 14 -5.39 3.03 -1.44
CA PHE A 14 -6.01 2.06 -0.56
C PHE A 14 -6.70 2.74 0.61
N HIS A 15 -7.74 2.11 1.13
CA HIS A 15 -8.49 2.65 2.27
C HIS A 15 -8.90 1.55 3.22
N LEU A 16 -8.56 1.71 4.50
CA LEU A 16 -8.90 0.73 5.52
C LEU A 16 -10.39 0.75 5.82
N ALA A 17 -10.95 -0.42 6.10
CA ALA A 17 -12.36 -0.53 6.42
C ALA A 17 -12.60 -0.53 7.92
N PRO A 18 -13.71 0.11 8.35
CA PRO A 18 -14.06 0.22 9.76
C PRO A 18 -14.49 -1.13 10.35
N ALA A 19 -14.29 -1.28 11.65
CA ALA A 19 -14.66 -2.52 12.34
C ALA A 19 -15.57 -2.25 13.53
N ARG A 20 -16.80 -2.73 13.46
CA ARG A 20 -17.76 -2.53 14.53
C ARG A 20 -17.98 -3.82 15.32
N ALA A 21 -17.36 -3.92 16.49
CA ALA A 21 -17.49 -5.09 17.33
C ALA A 21 -16.96 -6.33 16.62
N GLY A 22 -15.82 -6.18 15.94
CA GLY A 22 -15.23 -7.31 15.23
C GLY A 22 -13.86 -7.67 15.76
N HIS A 23 -12.82 -7.19 15.08
CA HIS A 23 -11.45 -7.47 15.49
C HIS A 23 -10.63 -6.19 15.55
N HIS A 24 -10.53 -5.50 14.42
CA HIS A 24 -9.77 -4.24 14.36
C HIS A 24 -9.93 -3.59 13.00
N PRO A 25 -10.05 -2.25 12.99
CA PRO A 25 -10.21 -1.47 11.76
C PRO A 25 -8.94 -1.47 10.90
N ASN A 26 -7.93 -2.20 11.36
CA ASN A 26 -6.67 -2.28 10.64
C ASN A 26 -6.31 -3.73 10.33
N GLN A 27 -7.05 -4.33 9.41
CA GLN A 27 -6.81 -5.72 9.03
C GLN A 27 -6.60 -5.83 7.52
N TYR A 28 -7.55 -5.30 6.75
CA TYR A 28 -7.46 -5.35 5.29
C TYR A 28 -7.57 -3.95 4.70
N ALA A 29 -6.92 -3.75 3.55
CA ALA A 29 -6.93 -2.46 2.88
C ALA A 29 -7.71 -2.54 1.56
N THR A 30 -8.62 -1.59 1.36
CA THR A 30 -9.42 -1.55 0.14
C THR A 30 -8.78 -0.67 -0.92
N CYS A 31 -8.33 -1.29 -2.01
CA CYS A 31 -7.69 -0.56 -3.10
C CYS A 31 -8.64 0.47 -3.69
N ARG A 32 -8.18 1.72 -3.78
CA ARG A 32 -8.99 2.79 -4.33
C ARG A 32 -8.84 2.87 -5.84
N LEU A 33 -7.99 2.01 -6.39
CA LEU A 33 -7.74 1.99 -7.83
C LEU A 33 -8.71 1.03 -8.52
N CYS A 34 -8.80 -0.19 -8.01
CA CYS A 34 -9.70 -1.19 -8.59
C CYS A 34 -10.82 -1.53 -7.62
N GLY A 35 -10.48 -1.65 -6.35
CA GLY A 35 -11.48 -1.96 -5.33
C GLY A 35 -11.33 -3.36 -4.78
N ARG A 36 -10.09 -3.84 -4.74
CA ARG A 36 -9.81 -5.19 -4.23
C ARG A 36 -9.21 -5.12 -2.84
N GLN A 37 -9.54 -6.10 -2.00
CA GLN A 37 -9.03 -6.16 -0.64
C GLN A 37 -7.62 -6.72 -0.61
N VAL A 38 -6.69 -5.97 -0.01
CA VAL A 38 -5.31 -6.40 0.09
C VAL A 38 -4.80 -6.31 1.52
N SER A 39 -4.38 -7.43 2.08
CA SER A 39 -3.87 -7.47 3.45
C SER A 39 -2.37 -7.26 3.47
N ARG A 40 -1.87 -6.59 4.51
CA ARG A 40 -0.45 -6.33 4.65
C ARG A 40 0.28 -7.56 5.16
N GLY A 41 0.06 -7.89 6.44
CA GLY A 41 0.71 -9.05 7.03
C GLY A 41 1.56 -8.69 8.23
N PRO A 42 2.31 -9.68 8.74
CA PRO A 42 3.19 -9.48 9.90
C PRO A 42 4.39 -8.59 9.58
N GLY A 43 5.07 -8.14 10.63
CA GLY A 43 6.24 -7.29 10.44
C GLY A 43 6.08 -6.34 9.27
N VAL A 44 5.30 -5.28 9.47
CA VAL A 44 5.06 -4.30 8.41
C VAL A 44 5.89 -3.03 8.65
N ASN A 45 5.80 -2.10 7.71
CA ASN A 45 6.54 -0.85 7.81
C ASN A 45 8.04 -1.09 7.72
N VAL A 46 8.44 -1.94 6.78
CA VAL A 46 9.85 -2.27 6.58
C VAL A 46 10.31 -1.89 5.18
N GLY A 47 9.67 -0.87 4.60
CA GLY A 47 10.03 -0.43 3.27
C GLY A 47 8.88 -0.54 2.29
N THR A 48 9.03 -1.37 1.27
CA THR A 48 8.00 -1.57 0.27
C THR A 48 6.68 -1.97 0.91
N THR A 49 5.79 -1.00 1.09
CA THR A 49 4.49 -1.25 1.69
C THR A 49 3.69 -2.25 0.87
N ALA A 50 3.21 -3.30 1.53
CA ALA A 50 2.42 -4.34 0.86
C ALA A 50 1.55 -3.73 -0.23
N LEU A 51 1.09 -2.50 -0.01
CA LEU A 51 0.24 -1.82 -0.98
C LEU A 51 0.97 -1.64 -2.31
N TRP A 52 2.15 -1.05 -2.27
CA TRP A 52 2.94 -0.83 -3.47
C TRP A 52 3.00 -2.09 -4.32
N LYS A 53 3.43 -3.19 -3.71
CA LYS A 53 3.53 -4.46 -4.42
C LYS A 53 2.33 -4.68 -5.34
N HIS A 54 1.14 -4.38 -4.82
CA HIS A 54 -0.08 -4.54 -5.60
C HIS A 54 -0.15 -3.51 -6.73
N LEU A 55 0.17 -2.27 -6.41
CA LEU A 55 0.16 -1.19 -7.39
C LEU A 55 1.08 -1.50 -8.56
N LYS A 56 2.25 -2.05 -8.25
CA LYS A 56 3.22 -2.41 -9.28
C LYS A 56 2.93 -3.79 -9.86
N SER A 57 1.97 -4.49 -9.24
CA SER A 57 1.59 -5.83 -9.70
C SER A 57 0.60 -5.75 -10.85
N MET A 58 -0.40 -4.87 -10.70
CA MET A 58 -1.42 -4.69 -11.73
C MET A 58 -1.47 -3.25 -12.19
N HIS A 59 -1.32 -2.32 -11.25
CA HIS A 59 -1.36 -0.90 -11.56
C HIS A 59 0.02 -0.39 -11.97
N ARG A 60 0.88 -1.32 -12.42
CA ARG A 60 2.23 -0.97 -12.83
C ARG A 60 2.20 0.12 -13.91
N GLU A 61 1.15 0.12 -14.72
CA GLU A 61 1.00 1.11 -15.78
C GLU A 61 0.65 2.47 -15.21
N GLU A 62 -0.25 2.48 -14.23
CA GLU A 62 -0.69 3.72 -13.61
C GLU A 62 0.48 4.40 -12.88
N LEU A 63 1.33 3.58 -12.26
CA LEU A 63 2.48 4.09 -11.52
C LEU A 63 3.50 4.71 -12.46
N GLU A 64 3.97 3.92 -13.42
CA GLU A 64 4.95 4.38 -14.40
C GLU A 64 4.52 5.72 -14.99
N LYS A 65 3.29 5.77 -15.49
CA LYS A 65 2.76 6.99 -16.10
C LYS A 65 3.01 8.19 -15.19
N SER A 66 2.76 8.01 -13.90
CA SER A 66 2.95 9.09 -12.93
C SER A 66 4.33 8.99 -12.28
N GLY A 67 4.67 10.00 -11.49
CA GLY A 67 5.96 10.01 -10.81
C GLY A 67 5.99 9.10 -9.61
N HIS A 68 5.56 7.85 -9.79
CA HIS A 68 5.53 6.88 -8.71
C HIS A 68 6.29 5.61 -9.10
N GLY A 69 6.05 5.14 -10.32
CA GLY A 69 6.71 3.94 -10.80
C GLY A 69 8.18 3.91 -10.44
N GLN A 70 8.85 5.05 -10.61
CA GLN A 70 10.28 5.13 -10.31
C GLN A 70 10.49 5.51 -8.83
N SER A 71 9.72 4.88 -7.95
CA SER A 71 9.83 5.14 -6.52
C SER A 71 10.54 4.00 -5.81
N GLY A 72 11.87 4.07 -5.77
CA GLY A 72 12.64 3.02 -5.11
C GLY A 72 14.12 3.15 -5.40
N PRO A 73 14.94 3.14 -4.34
CA PRO A 73 16.40 3.26 -4.46
C PRO A 73 17.02 1.99 -5.06
N SER A 74 16.39 0.85 -4.82
CA SER A 74 16.88 -0.41 -5.34
C SER A 74 15.79 -1.17 -6.08
N SER A 75 16.09 -1.62 -7.29
CA SER A 75 15.13 -2.35 -8.10
C SER A 75 15.84 -3.30 -9.07
N GLY A 76 15.79 -4.59 -8.76
CA GLY A 76 16.44 -5.58 -9.61
C GLY A 76 15.59 -6.82 -9.80
ZN ZN B . -5.97 -2.48 -7.02
#